data_6PJR
# 
_entry.id   6PJR 
# 
_audit_conform.dict_name       mmcif_pdbx.dic 
_audit_conform.dict_version    5.380 
_audit_conform.dict_location   http://mmcif.pdb.org/dictionaries/ascii/mmcif_pdbx.dic 
# 
loop_
_database_2.database_id 
_database_2.database_code 
_database_2.pdbx_database_accession 
_database_2.pdbx_DOI 
PDB   6PJR         pdb_00006pjr 10.2210/pdb6pjr/pdb 
WWPDB D_1000242658 ?            ?                   
# 
_pdbx_database_status.status_code                     REL 
_pdbx_database_status.status_code_sf                  REL 
_pdbx_database_status.status_code_mr                  ? 
_pdbx_database_status.entry_id                        6PJR 
_pdbx_database_status.recvd_initial_deposition_date   2019-06-28 
_pdbx_database_status.SG_entry                        N 
_pdbx_database_status.deposit_site                    RCSB 
_pdbx_database_status.process_site                    RCSB 
_pdbx_database_status.status_code_cs                  ? 
_pdbx_database_status.methods_development_category    ? 
_pdbx_database_status.pdb_format_compatible           Y 
_pdbx_database_status.status_code_nmr_data            ? 
# 
loop_
_audit_author.name 
_audit_author.pdbx_ordinal 
_audit_author.identifier_ORCID 
'Urban, S.' 1 0000-0002-1118-1973 
'Cho, S.'   2 0000-0002-4875-2565 
# 
_citation.abstract                  ? 
_citation.abstract_id_CAS           ? 
_citation.book_id_ISBN              ? 
_citation.book_publisher            ? 
_citation.book_publisher_city       ? 
_citation.book_title                ? 
_citation.coordinate_linkage        ? 
_citation.country                   US 
_citation.database_id_Medline       ? 
_citation.details                   ? 
_citation.id                        primary 
_citation.journal_abbrev            Nat.Struct.Mol.Biol. 
_citation.journal_id_ASTM           ? 
_citation.journal_id_CSD            ? 
_citation.journal_id_ISSN           1545-9985 
_citation.journal_full              ? 
_citation.journal_issue             ? 
_citation.journal_volume            26 
_citation.language                  ? 
_citation.page_first                910 
_citation.page_last                 918 
_citation.title                     
'Ten catalytic snapshots of rhomboid intramembrane proteolysis from gate opening to peptide release.' 
_citation.year                      2019 
_citation.database_id_CSD           ? 
_citation.pdbx_database_id_DOI      10.1038/s41594-019-0296-9 
_citation.pdbx_database_id_PubMed   31570873 
_citation.unpublished_flag          ? 
# 
loop_
_citation_author.citation_id 
_citation_author.name 
_citation_author.ordinal 
_citation_author.identifier_ORCID 
primary 'Cho, S.'     1 ? 
primary 'Baker, R.P.' 2 ? 
primary 'Ji, M.'      3 ? 
primary 'Urban, S.'   4 ? 
# 
_cell.angle_alpha                  90.00 
_cell.angle_alpha_esd              ? 
_cell.angle_beta                   90.00 
_cell.angle_beta_esd               ? 
_cell.angle_gamma                  90.00 
_cell.angle_gamma_esd              ? 
_cell.entry_id                     6PJR 
_cell.details                      ? 
_cell.formula_units_Z              ? 
_cell.length_a                     71.280 
_cell.length_a_esd                 ? 
_cell.length_b                     99.880 
_cell.length_b_esd                 ? 
_cell.length_c                     63.180 
_cell.length_c_esd                 ? 
_cell.volume                       ? 
_cell.volume_esd                   ? 
_cell.Z_PDB                        8 
_cell.reciprocal_angle_alpha       ? 
_cell.reciprocal_angle_beta        ? 
_cell.reciprocal_angle_gamma       ? 
_cell.reciprocal_angle_alpha_esd   ? 
_cell.reciprocal_angle_beta_esd    ? 
_cell.reciprocal_angle_gamma_esd   ? 
_cell.reciprocal_length_a          ? 
_cell.reciprocal_length_b          ? 
_cell.reciprocal_length_c          ? 
_cell.reciprocal_length_a_esd      ? 
_cell.reciprocal_length_b_esd      ? 
_cell.reciprocal_length_c_esd      ? 
_cell.pdbx_unique_axis             ? 
# 
_symmetry.entry_id                         6PJR 
_symmetry.cell_setting                     ? 
_symmetry.Int_Tables_number                20 
_symmetry.space_group_name_Hall            ? 
_symmetry.space_group_name_H-M             'C 2 2 21' 
_symmetry.pdbx_full_space_group_name_H-M   ? 
# 
loop_
_entity.id 
_entity.type 
_entity.src_method 
_entity.pdbx_description 
_entity.formula_weight 
_entity.pdbx_number_of_molecules 
_entity.pdbx_ec 
_entity.pdbx_mutation 
_entity.pdbx_fragment 
_entity.details 
1 polymer     man 'Rhomboid protease GlpG'     23800.133 1  3.4.21.105 ? ? ? 
2 polymer     syn 'Peptide aldehyde inhibitor' 1524.894  1  ?          ? ? ? 
3 non-polymer syn 'CHLORIDE ION'               35.453    1  ?          ? ? ? 
4 water       nat water                        18.015    23 ?          ? ? ? 
# 
_entity_name_com.entity_id   1 
_entity_name_com.name        'Intramembrane serine protease' 
# 
loop_
_entity_poly.entity_id 
_entity_poly.type 
_entity_poly.nstd_linkage 
_entity_poly.nstd_monomer 
_entity_poly.pdbx_seq_one_letter_code 
_entity_poly.pdbx_seq_one_letter_code_can 
_entity_poly.pdbx_strand_id 
_entity_poly.pdbx_target_identifier 
1 'polypeptide(L)' no no 
;MGSSHHHHHHSSGLVPRGSHMAALRERAGPVTWVMMIACVVVFIAMQILGDQEVMLWLAWPFDPTLKFEFWRYFTHALMH
FSLMHILFNLLWWWYLGGAVEKRLGSGKLIVITLISALLSGYVQQKFSGPWFGGLSGVVFALMGYVWLRGERDPQSGIYL
QRGLIIFALIWIVAGWFDLFGMSMANGAHIAGLAVGLAMAFVDSLNARKRK
;
;MGSSHHHHHHSSGLVPRGSHMAALRERAGPVTWVMMIACVVVFIAMQILGDQEVMLWLAWPFDPTLKFEFWRYFTHALMH
FSLMHILFNLLWWWYLGGAVEKRLGSGKLIVITLISALLSGYVQQKFSGPWFGGLSGVVFALMGYVWLRGERDPQSGIYL
QRGLIIFALIWIVAGWFDLFGMSMANGAHIAGLAVGLAMAFVDSLNARKRK
;
A ? 
2 'polypeptide(L)' no no RKVRMAAIVFSFP RKVRMAAIVFSFP B ? 
# 
loop_
_entity_poly_seq.entity_id 
_entity_poly_seq.num 
_entity_poly_seq.mon_id 
_entity_poly_seq.hetero 
1 1   MET n 
1 2   GLY n 
1 3   SER n 
1 4   SER n 
1 5   HIS n 
1 6   HIS n 
1 7   HIS n 
1 8   HIS n 
1 9   HIS n 
1 10  HIS n 
1 11  SER n 
1 12  SER n 
1 13  GLY n 
1 14  LEU n 
1 15  VAL n 
1 16  PRO n 
1 17  ARG n 
1 18  GLY n 
1 19  SER n 
1 20  HIS n 
1 21  MET n 
1 22  ALA n 
1 23  ALA n 
1 24  LEU n 
1 25  ARG n 
1 26  GLU n 
1 27  ARG n 
1 28  ALA n 
1 29  GLY n 
1 30  PRO n 
1 31  VAL n 
1 32  THR n 
1 33  TRP n 
1 34  VAL n 
1 35  MET n 
1 36  MET n 
1 37  ILE n 
1 38  ALA n 
1 39  CYS n 
1 40  VAL n 
1 41  VAL n 
1 42  VAL n 
1 43  PHE n 
1 44  ILE n 
1 45  ALA n 
1 46  MET n 
1 47  GLN n 
1 48  ILE n 
1 49  LEU n 
1 50  GLY n 
1 51  ASP n 
1 52  GLN n 
1 53  GLU n 
1 54  VAL n 
1 55  MET n 
1 56  LEU n 
1 57  TRP n 
1 58  LEU n 
1 59  ALA n 
1 60  TRP n 
1 61  PRO n 
1 62  PHE n 
1 63  ASP n 
1 64  PRO n 
1 65  THR n 
1 66  LEU n 
1 67  LYS n 
1 68  PHE n 
1 69  GLU n 
1 70  PHE n 
1 71  TRP n 
1 72  ARG n 
1 73  TYR n 
1 74  PHE n 
1 75  THR n 
1 76  HIS n 
1 77  ALA n 
1 78  LEU n 
1 79  MET n 
1 80  HIS n 
1 81  PHE n 
1 82  SER n 
1 83  LEU n 
1 84  MET n 
1 85  HIS n 
1 86  ILE n 
1 87  LEU n 
1 88  PHE n 
1 89  ASN n 
1 90  LEU n 
1 91  LEU n 
1 92  TRP n 
1 93  TRP n 
1 94  TRP n 
1 95  TYR n 
1 96  LEU n 
1 97  GLY n 
1 98  GLY n 
1 99  ALA n 
1 100 VAL n 
1 101 GLU n 
1 102 LYS n 
1 103 ARG n 
1 104 LEU n 
1 105 GLY n 
1 106 SER n 
1 107 GLY n 
1 108 LYS n 
1 109 LEU n 
1 110 ILE n 
1 111 VAL n 
1 112 ILE n 
1 113 THR n 
1 114 LEU n 
1 115 ILE n 
1 116 SER n 
1 117 ALA n 
1 118 LEU n 
1 119 LEU n 
1 120 SER n 
1 121 GLY n 
1 122 TYR n 
1 123 VAL n 
1 124 GLN n 
1 125 GLN n 
1 126 LYS n 
1 127 PHE n 
1 128 SER n 
1 129 GLY n 
1 130 PRO n 
1 131 TRP n 
1 132 PHE n 
1 133 GLY n 
1 134 GLY n 
1 135 LEU n 
1 136 SER n 
1 137 GLY n 
1 138 VAL n 
1 139 VAL n 
1 140 PHE n 
1 141 ALA n 
1 142 LEU n 
1 143 MET n 
1 144 GLY n 
1 145 TYR n 
1 146 VAL n 
1 147 TRP n 
1 148 LEU n 
1 149 ARG n 
1 150 GLY n 
1 151 GLU n 
1 152 ARG n 
1 153 ASP n 
1 154 PRO n 
1 155 GLN n 
1 156 SER n 
1 157 GLY n 
1 158 ILE n 
1 159 TYR n 
1 160 LEU n 
1 161 GLN n 
1 162 ARG n 
1 163 GLY n 
1 164 LEU n 
1 165 ILE n 
1 166 ILE n 
1 167 PHE n 
1 168 ALA n 
1 169 LEU n 
1 170 ILE n 
1 171 TRP n 
1 172 ILE n 
1 173 VAL n 
1 174 ALA n 
1 175 GLY n 
1 176 TRP n 
1 177 PHE n 
1 178 ASP n 
1 179 LEU n 
1 180 PHE n 
1 181 GLY n 
1 182 MET n 
1 183 SER n 
1 184 MET n 
1 185 ALA n 
1 186 ASN n 
1 187 GLY n 
1 188 ALA n 
1 189 HIS n 
1 190 ILE n 
1 191 ALA n 
1 192 GLY n 
1 193 LEU n 
1 194 ALA n 
1 195 VAL n 
1 196 GLY n 
1 197 LEU n 
1 198 ALA n 
1 199 MET n 
1 200 ALA n 
1 201 PHE n 
1 202 VAL n 
1 203 ASP n 
1 204 SER n 
1 205 LEU n 
1 206 ASN n 
1 207 ALA n 
1 208 ARG n 
1 209 LYS n 
1 210 ARG n 
1 211 LYS n 
2 1   ARG n 
2 2   LYS n 
2 3   VAL n 
2 4   ARG n 
2 5   MET n 
2 6   ALA n 
2 7   ALA n 
2 8   ILE n 
2 9   VAL n 
2 10  PHE n 
2 11  SER n 
2 12  PHE n 
2 13  PRO n 
# 
_entity_src_gen.entity_id                          1 
_entity_src_gen.pdbx_src_id                        1 
_entity_src_gen.pdbx_alt_source_flag               sample 
_entity_src_gen.pdbx_seq_type                      'Biological sequence' 
_entity_src_gen.pdbx_beg_seq_num                   1 
_entity_src_gen.pdbx_end_seq_num                   211 
_entity_src_gen.gene_src_common_name               ? 
_entity_src_gen.gene_src_genus                     ? 
_entity_src_gen.pdbx_gene_src_gene                 'glpG, APT88_21985, SK83_00858' 
_entity_src_gen.gene_src_species                   ? 
_entity_src_gen.gene_src_strain                    ? 
_entity_src_gen.gene_src_tissue                    ? 
_entity_src_gen.gene_src_tissue_fraction           ? 
_entity_src_gen.gene_src_details                   ? 
_entity_src_gen.pdbx_gene_src_fragment             ? 
_entity_src_gen.pdbx_gene_src_scientific_name      'Escherichia coli' 
_entity_src_gen.pdbx_gene_src_ncbi_taxonomy_id     562 
_entity_src_gen.pdbx_gene_src_variant              ? 
_entity_src_gen.pdbx_gene_src_cell_line            ? 
_entity_src_gen.pdbx_gene_src_atcc                 ? 
_entity_src_gen.pdbx_gene_src_organ                ? 
_entity_src_gen.pdbx_gene_src_organelle            ? 
_entity_src_gen.pdbx_gene_src_cell                 ? 
_entity_src_gen.pdbx_gene_src_cellular_location    ? 
_entity_src_gen.host_org_common_name               ? 
_entity_src_gen.pdbx_host_org_scientific_name      'Escherichia coli BL21(DE3)' 
_entity_src_gen.pdbx_host_org_ncbi_taxonomy_id     469008 
_entity_src_gen.host_org_genus                     ? 
_entity_src_gen.pdbx_host_org_gene                 ? 
_entity_src_gen.pdbx_host_org_organ                ? 
_entity_src_gen.host_org_species                   ? 
_entity_src_gen.pdbx_host_org_tissue               ? 
_entity_src_gen.pdbx_host_org_tissue_fraction      ? 
_entity_src_gen.pdbx_host_org_strain               'BL21(DE3)' 
_entity_src_gen.pdbx_host_org_variant              ? 
_entity_src_gen.pdbx_host_org_cell_line            ? 
_entity_src_gen.pdbx_host_org_atcc                 ? 
_entity_src_gen.pdbx_host_org_culture_collection   ? 
_entity_src_gen.pdbx_host_org_cell                 ? 
_entity_src_gen.pdbx_host_org_organelle            ? 
_entity_src_gen.pdbx_host_org_cellular_location    ? 
_entity_src_gen.pdbx_host_org_vector_type          ? 
_entity_src_gen.pdbx_host_org_vector               ? 
_entity_src_gen.host_org_details                   ? 
_entity_src_gen.expression_system_id               ? 
_entity_src_gen.plasmid_name                       ? 
_entity_src_gen.plasmid_details                    ? 
_entity_src_gen.pdbx_description                   ? 
# 
_pdbx_entity_src_syn.entity_id              2 
_pdbx_entity_src_syn.pdbx_src_id            1 
_pdbx_entity_src_syn.pdbx_alt_source_flag   sample 
_pdbx_entity_src_syn.pdbx_beg_seq_num       1 
_pdbx_entity_src_syn.pdbx_end_seq_num       13 
_pdbx_entity_src_syn.organism_scientific    'Drosophila melanogaster' 
_pdbx_entity_src_syn.organism_common_name   'Fruit fly' 
_pdbx_entity_src_syn.ncbi_taxonomy_id       7227 
_pdbx_entity_src_syn.details                ? 
# 
loop_
_struct_ref.id 
_struct_ref.db_name 
_struct_ref.db_code 
_struct_ref.pdbx_db_accession 
_struct_ref.pdbx_db_isoform 
_struct_ref.entity_id 
_struct_ref.pdbx_seq_one_letter_code 
_struct_ref.pdbx_align_begin 
1 UNP A0A0J2E248_ECOLX A0A0J2E248 ? 1 
;AALRERAGPVTWVMMIACVVVFIAMQILGDQEVMLWLAWPFDPTLKFEFWRYFTHALMHFSLMHILFNLLWWWYLGGAVE
KRLGSGKLIVITLISALLSGYVQQKFSGPWFGGLSGVVYALMGYVWLRGERDPQSGIYLQRGLIIFALIWIVAGWFDLFG
MSMANGAHIAGLAVGLAMAFVDSLNARKRK
;
87 
2 PDB 6PJR             6PJR       ? 2 ? 1  
# 
loop_
_struct_ref_seq.align_id 
_struct_ref_seq.ref_id 
_struct_ref_seq.pdbx_PDB_id_code 
_struct_ref_seq.pdbx_strand_id 
_struct_ref_seq.seq_align_beg 
_struct_ref_seq.pdbx_seq_align_beg_ins_code 
_struct_ref_seq.seq_align_end 
_struct_ref_seq.pdbx_seq_align_end_ins_code 
_struct_ref_seq.pdbx_db_accession 
_struct_ref_seq.db_align_beg 
_struct_ref_seq.pdbx_db_align_beg_ins_code 
_struct_ref_seq.db_align_end 
_struct_ref_seq.pdbx_db_align_end_ins_code 
_struct_ref_seq.pdbx_auth_seq_align_beg 
_struct_ref_seq.pdbx_auth_seq_align_end 
1 1 6PJR A 22 ? 211 ? A0A0J2E248 87  ? 276 ? 87  276 
2 2 6PJR B 1  ? 13  ? 6PJR       495 ? 507 ? 495 507 
# 
loop_
_struct_ref_seq_dif.align_id 
_struct_ref_seq_dif.pdbx_pdb_id_code 
_struct_ref_seq_dif.mon_id 
_struct_ref_seq_dif.pdbx_pdb_strand_id 
_struct_ref_seq_dif.seq_num 
_struct_ref_seq_dif.pdbx_pdb_ins_code 
_struct_ref_seq_dif.pdbx_seq_db_name 
_struct_ref_seq_dif.pdbx_seq_db_accession_code 
_struct_ref_seq_dif.db_mon_id 
_struct_ref_seq_dif.pdbx_seq_db_seq_num 
_struct_ref_seq_dif.details 
_struct_ref_seq_dif.pdbx_auth_seq_num 
_struct_ref_seq_dif.pdbx_ordinal 
1 6PJR MET A 1   ? UNP A0A0J2E248 ?   ?   'initiating methionine' 66  1  
1 6PJR GLY A 2   ? UNP A0A0J2E248 ?   ?   'expression tag'        67  2  
1 6PJR SER A 3   ? UNP A0A0J2E248 ?   ?   'expression tag'        68  3  
1 6PJR SER A 4   ? UNP A0A0J2E248 ?   ?   'expression tag'        69  4  
1 6PJR HIS A 5   ? UNP A0A0J2E248 ?   ?   'expression tag'        70  5  
1 6PJR HIS A 6   ? UNP A0A0J2E248 ?   ?   'expression tag'        71  6  
1 6PJR HIS A 7   ? UNP A0A0J2E248 ?   ?   'expression tag'        72  7  
1 6PJR HIS A 8   ? UNP A0A0J2E248 ?   ?   'expression tag'        73  8  
1 6PJR HIS A 9   ? UNP A0A0J2E248 ?   ?   'expression tag'        74  9  
1 6PJR HIS A 10  ? UNP A0A0J2E248 ?   ?   'expression tag'        75  10 
1 6PJR SER A 11  ? UNP A0A0J2E248 ?   ?   'expression tag'        76  11 
1 6PJR SER A 12  ? UNP A0A0J2E248 ?   ?   'expression tag'        77  12 
1 6PJR GLY A 13  ? UNP A0A0J2E248 ?   ?   'expression tag'        78  13 
1 6PJR LEU A 14  ? UNP A0A0J2E248 ?   ?   'expression tag'        79  14 
1 6PJR VAL A 15  ? UNP A0A0J2E248 ?   ?   'expression tag'        80  15 
1 6PJR PRO A 16  ? UNP A0A0J2E248 ?   ?   'expression tag'        81  16 
1 6PJR ARG A 17  ? UNP A0A0J2E248 ?   ?   'expression tag'        82  17 
1 6PJR GLY A 18  ? UNP A0A0J2E248 ?   ?   'expression tag'        83  18 
1 6PJR SER A 19  ? UNP A0A0J2E248 ?   ?   'expression tag'        84  19 
1 6PJR HIS A 20  ? UNP A0A0J2E248 ?   ?   'expression tag'        85  20 
1 6PJR MET A 21  ? UNP A0A0J2E248 ?   ?   'expression tag'        86  21 
1 6PJR PHE A 140 ? UNP A0A0J2E248 TYR 205 'engineered mutation'   205 22 
# 
loop_
_chem_comp.id 
_chem_comp.type 
_chem_comp.mon_nstd_flag 
_chem_comp.name 
_chem_comp.pdbx_synonyms 
_chem_comp.formula 
_chem_comp.formula_weight 
ALA 'L-peptide linking' y ALANINE         ? 'C3 H7 N O2'     89.093  
ARG 'L-peptide linking' y ARGININE        ? 'C6 H15 N4 O2 1' 175.209 
ASN 'L-peptide linking' y ASPARAGINE      ? 'C4 H8 N2 O3'    132.118 
ASP 'L-peptide linking' y 'ASPARTIC ACID' ? 'C4 H7 N O4'     133.103 
CL  non-polymer         . 'CHLORIDE ION'  ? 'Cl -1'          35.453  
CYS 'L-peptide linking' y CYSTEINE        ? 'C3 H7 N O2 S'   121.158 
GLN 'L-peptide linking' y GLUTAMINE       ? 'C5 H10 N2 O3'   146.144 
GLU 'L-peptide linking' y 'GLUTAMIC ACID' ? 'C5 H9 N O4'     147.129 
GLY 'peptide linking'   y GLYCINE         ? 'C2 H5 N O2'     75.067  
HIS 'L-peptide linking' y HISTIDINE       ? 'C6 H10 N3 O2 1' 156.162 
HOH non-polymer         . WATER           ? 'H2 O'           18.015  
ILE 'L-peptide linking' y ISOLEUCINE      ? 'C6 H13 N O2'    131.173 
LEU 'L-peptide linking' y LEUCINE         ? 'C6 H13 N O2'    131.173 
LYS 'L-peptide linking' y LYSINE          ? 'C6 H15 N2 O2 1' 147.195 
MET 'L-peptide linking' y METHIONINE      ? 'C5 H11 N O2 S'  149.211 
PHE 'L-peptide linking' y PHENYLALANINE   ? 'C9 H11 N O2'    165.189 
PRO 'L-peptide linking' y PROLINE         ? 'C5 H9 N O2'     115.130 
SER 'L-peptide linking' y SERINE          ? 'C3 H7 N O3'     105.093 
THR 'L-peptide linking' y THREONINE       ? 'C4 H9 N O3'     119.119 
TRP 'L-peptide linking' y TRYPTOPHAN      ? 'C11 H12 N2 O2'  204.225 
TYR 'L-peptide linking' y TYROSINE        ? 'C9 H11 N O3'    181.189 
VAL 'L-peptide linking' y VALINE          ? 'C5 H11 N O2'    117.146 
# 
_exptl.absorpt_coefficient_mu     ? 
_exptl.absorpt_correction_T_max   ? 
_exptl.absorpt_correction_T_min   ? 
_exptl.absorpt_correction_type    ? 
_exptl.absorpt_process_details    ? 
_exptl.entry_id                   6PJR 
_exptl.crystals_number            1 
_exptl.details                    ? 
_exptl.method                     'X-RAY DIFFRACTION' 
_exptl.method_details             ? 
# 
_exptl_crystal.colour                      ? 
_exptl_crystal.density_diffrn              ? 
_exptl_crystal.density_Matthews            2.22 
_exptl_crystal.density_method              ? 
_exptl_crystal.density_percent_sol         44.60 
_exptl_crystal.description                 ? 
_exptl_crystal.F_000                       ? 
_exptl_crystal.id                          1 
_exptl_crystal.preparation                 ? 
_exptl_crystal.size_max                    ? 
_exptl_crystal.size_mid                    ? 
_exptl_crystal.size_min                    ? 
_exptl_crystal.size_rad                    ? 
_exptl_crystal.colour_lustre               ? 
_exptl_crystal.colour_modifier             ? 
_exptl_crystal.colour_primary              ? 
_exptl_crystal.density_meas                ? 
_exptl_crystal.density_meas_esd            ? 
_exptl_crystal.density_meas_gt             ? 
_exptl_crystal.density_meas_lt             ? 
_exptl_crystal.density_meas_temp           ? 
_exptl_crystal.density_meas_temp_esd       ? 
_exptl_crystal.density_meas_temp_gt        ? 
_exptl_crystal.density_meas_temp_lt        ? 
_exptl_crystal.pdbx_crystal_image_url      ? 
_exptl_crystal.pdbx_crystal_image_format   ? 
_exptl_crystal.pdbx_mosaicity              ? 
_exptl_crystal.pdbx_mosaicity_esd          ? 
# 
_exptl_crystal_grow.apparatus       ? 
_exptl_crystal_grow.atmosphere      ? 
_exptl_crystal_grow.crystal_id      1 
_exptl_crystal_grow.details         ? 
_exptl_crystal_grow.method          'VAPOR DIFFUSION, HANGING DROP' 
_exptl_crystal_grow.method_ref      ? 
_exptl_crystal_grow.pH              ? 
_exptl_crystal_grow.pressure        ? 
_exptl_crystal_grow.pressure_esd    ? 
_exptl_crystal_grow.seeding         ? 
_exptl_crystal_grow.seeding_ref     ? 
_exptl_crystal_grow.temp            298 
_exptl_crystal_grow.temp_details    ? 
_exptl_crystal_grow.temp_esd        ? 
_exptl_crystal_grow.time            ? 
_exptl_crystal_grow.pdbx_details    '0.1 M Na-acetate pH 5.5, 3 M NaCl, and 5 % ethylene glycol' 
_exptl_crystal_grow.pdbx_pH_range   ? 
# 
_diffrn.ambient_environment              ? 
_diffrn.ambient_temp                     100 
_diffrn.ambient_temp_details             ? 
_diffrn.ambient_temp_esd                 ? 
_diffrn.crystal_id                       1 
_diffrn.crystal_support                  ? 
_diffrn.crystal_treatment                ? 
_diffrn.details                          ? 
_diffrn.id                               1 
_diffrn.ambient_pressure                 ? 
_diffrn.ambient_pressure_esd             ? 
_diffrn.ambient_pressure_gt              ? 
_diffrn.ambient_pressure_lt              ? 
_diffrn.ambient_temp_gt                  ? 
_diffrn.ambient_temp_lt                  ? 
_diffrn.pdbx_serial_crystal_experiment   N 
# 
_diffrn_detector.details                      ? 
_diffrn_detector.detector                     PIXEL 
_diffrn_detector.diffrn_id                    1 
_diffrn_detector.type                         'DECTRIS PILATUS 6M' 
_diffrn_detector.area_resol_mean              ? 
_diffrn_detector.dtime                        ? 
_diffrn_detector.pdbx_frames_total            ? 
_diffrn_detector.pdbx_collection_time_total   ? 
_diffrn_detector.pdbx_collection_date         2017-06-23 
_diffrn_detector.pdbx_frequency               ? 
# 
_diffrn_radiation.collimation                      ? 
_diffrn_radiation.diffrn_id                        1 
_diffrn_radiation.filter_edge                      ? 
_diffrn_radiation.inhomogeneity                    ? 
_diffrn_radiation.monochromator                    ? 
_diffrn_radiation.polarisn_norm                    ? 
_diffrn_radiation.polarisn_ratio                   ? 
_diffrn_radiation.probe                            ? 
_diffrn_radiation.type                             ? 
_diffrn_radiation.xray_symbol                      ? 
_diffrn_radiation.wavelength_id                    1 
_diffrn_radiation.pdbx_monochromatic_or_laue_m_l   M 
_diffrn_radiation.pdbx_wavelength_list             ? 
_diffrn_radiation.pdbx_wavelength                  ? 
_diffrn_radiation.pdbx_diffrn_protocol             'SINGLE WAVELENGTH' 
_diffrn_radiation.pdbx_analyzer                    ? 
_diffrn_radiation.pdbx_scattering_type             x-ray 
# 
_diffrn_radiation_wavelength.id           1 
_diffrn_radiation_wavelength.wavelength   0.977 
_diffrn_radiation_wavelength.wt           1.0 
# 
_diffrn_source.current                     ? 
_diffrn_source.details                     ? 
_diffrn_source.diffrn_id                   1 
_diffrn_source.power                       ? 
_diffrn_source.size                        ? 
_diffrn_source.source                      SYNCHROTRON 
_diffrn_source.target                      ? 
_diffrn_source.type                        'CHESS BEAMLINE F1' 
_diffrn_source.voltage                     ? 
_diffrn_source.take-off_angle              ? 
_diffrn_source.pdbx_wavelength_list        0.977 
_diffrn_source.pdbx_wavelength             ? 
_diffrn_source.pdbx_synchrotron_beamline   F1 
_diffrn_source.pdbx_synchrotron_site       CHESS 
# 
_reflns.B_iso_Wilson_estimate            ? 
_reflns.entry_id                         6PJR 
_reflns.data_reduction_details           ? 
_reflns.data_reduction_method            ? 
_reflns.d_resolution_high                2.30 
_reflns.d_resolution_low                 58.02 
_reflns.details                          ? 
_reflns.limit_h_max                      ? 
_reflns.limit_h_min                      ? 
_reflns.limit_k_max                      ? 
_reflns.limit_k_min                      ? 
_reflns.limit_l_max                      ? 
_reflns.limit_l_min                      ? 
_reflns.number_all                       ? 
_reflns.number_obs                       10314 
_reflns.observed_criterion               ? 
_reflns.observed_criterion_F_max         ? 
_reflns.observed_criterion_F_min         ? 
_reflns.observed_criterion_I_max         ? 
_reflns.observed_criterion_I_min         ? 
_reflns.observed_criterion_sigma_F       ? 
_reflns.observed_criterion_sigma_I       ? 
_reflns.percent_possible_obs             99.7 
_reflns.R_free_details                   ? 
_reflns.Rmerge_F_all                     ? 
_reflns.Rmerge_F_obs                     ? 
_reflns.Friedel_coverage                 ? 
_reflns.number_gt                        ? 
_reflns.threshold_expression             ? 
_reflns.pdbx_redundancy                  4.1 
_reflns.pdbx_Rmerge_I_obs                ? 
_reflns.pdbx_Rmerge_I_all                ? 
_reflns.pdbx_Rsym_value                  ? 
_reflns.pdbx_netI_over_av_sigmaI         ? 
_reflns.pdbx_netI_over_sigmaI            5.2 
_reflns.pdbx_res_netI_over_av_sigmaI_2   ? 
_reflns.pdbx_res_netI_over_sigmaI_2      ? 
_reflns.pdbx_chi_squared                 ? 
_reflns.pdbx_scaling_rejects             ? 
_reflns.pdbx_d_res_high_opt              ? 
_reflns.pdbx_d_res_low_opt               ? 
_reflns.pdbx_d_res_opt_method            ? 
_reflns.phase_calculation_details        ? 
_reflns.pdbx_Rrim_I_all                  ? 
_reflns.pdbx_Rpim_I_all                  ? 
_reflns.pdbx_d_opt                       ? 
_reflns.pdbx_number_measured_all         ? 
_reflns.pdbx_diffrn_id                   1 
_reflns.pdbx_ordinal                     1 
_reflns.pdbx_CC_half                     ? 
_reflns.pdbx_R_split                     ? 
# 
_reflns_shell.d_res_high                  2.30 
_reflns_shell.d_res_low                   2.38 
_reflns_shell.meanI_over_sigI_all         ? 
_reflns_shell.meanI_over_sigI_obs         ? 
_reflns_shell.number_measured_all         ? 
_reflns_shell.number_measured_obs         ? 
_reflns_shell.number_possible             ? 
_reflns_shell.number_unique_all           ? 
_reflns_shell.number_unique_obs           999 
_reflns_shell.percent_possible_all        ? 
_reflns_shell.percent_possible_obs        ? 
_reflns_shell.Rmerge_F_all                ? 
_reflns_shell.Rmerge_F_obs                ? 
_reflns_shell.Rmerge_I_all                ? 
_reflns_shell.Rmerge_I_obs                ? 
_reflns_shell.meanI_over_sigI_gt          ? 
_reflns_shell.meanI_over_uI_all           ? 
_reflns_shell.meanI_over_uI_gt            ? 
_reflns_shell.number_measured_gt          ? 
_reflns_shell.number_unique_gt            ? 
_reflns_shell.percent_possible_gt         ? 
_reflns_shell.Rmerge_F_gt                 ? 
_reflns_shell.Rmerge_I_gt                 ? 
_reflns_shell.pdbx_redundancy             ? 
_reflns_shell.pdbx_Rsym_value             ? 
_reflns_shell.pdbx_chi_squared            ? 
_reflns_shell.pdbx_netI_over_sigmaI_all   ? 
_reflns_shell.pdbx_netI_over_sigmaI_obs   ? 
_reflns_shell.pdbx_Rrim_I_all             ? 
_reflns_shell.pdbx_Rpim_I_all             ? 
_reflns_shell.pdbx_rejects                ? 
_reflns_shell.pdbx_ordinal                1 
_reflns_shell.pdbx_diffrn_id              1 
_reflns_shell.pdbx_CC_half                ? 
_reflns_shell.pdbx_R_split                ? 
# 
_refine.aniso_B[1][1]                            9.62 
_refine.aniso_B[1][2]                            0.00 
_refine.aniso_B[1][3]                            -0.00 
_refine.aniso_B[2][2]                            -6.67 
_refine.aniso_B[2][3]                            0.00 
_refine.aniso_B[3][3]                            -2.95 
_refine.B_iso_max                                ? 
_refine.B_iso_mean                               49.135 
_refine.B_iso_min                                ? 
_refine.correlation_coeff_Fo_to_Fc               0.915 
_refine.correlation_coeff_Fo_to_Fc_free          0.915 
_refine.details                                  ? 
_refine.diff_density_max                         ? 
_refine.diff_density_max_esd                     ? 
_refine.diff_density_min                         ? 
_refine.diff_density_min_esd                     ? 
_refine.diff_density_rms                         ? 
_refine.diff_density_rms_esd                     ? 
_refine.entry_id                                 6PJR 
_refine.pdbx_refine_id                           'X-RAY DIFFRACTION' 
_refine.ls_abs_structure_details                 ? 
_refine.ls_abs_structure_Flack                   ? 
_refine.ls_abs_structure_Flack_esd               ? 
_refine.ls_abs_structure_Rogers                  ? 
_refine.ls_abs_structure_Rogers_esd              ? 
_refine.ls_d_res_high                            2.40 
_refine.ls_d_res_low                             58.02 
_refine.ls_extinction_coef                       ? 
_refine.ls_extinction_coef_esd                   ? 
_refine.ls_extinction_expression                 ? 
_refine.ls_extinction_method                     ? 
_refine.ls_goodness_of_fit_all                   ? 
_refine.ls_goodness_of_fit_all_esd               ? 
_refine.ls_goodness_of_fit_obs                   ? 
_refine.ls_goodness_of_fit_obs_esd               ? 
_refine.ls_hydrogen_treatment                    ? 
_refine.ls_matrix_type                           ? 
_refine.ls_number_constraints                    ? 
_refine.ls_number_parameters                     ? 
_refine.ls_number_reflns_all                     ? 
_refine.ls_number_reflns_obs                     8659 
_refine.ls_number_reflns_R_free                  460 
_refine.ls_number_reflns_R_work                  ? 
_refine.ls_number_restraints                     ? 
_refine.ls_percent_reflns_obs                    99.67 
_refine.ls_percent_reflns_R_free                 5.0 
_refine.ls_R_factor_all                          ? 
_refine.ls_R_factor_obs                          0.23682 
_refine.ls_R_factor_R_free                       0.24758 
_refine.ls_R_factor_R_free_error                 ? 
_refine.ls_R_factor_R_free_error_details         ? 
_refine.ls_R_factor_R_work                       0.23624 
_refine.ls_R_Fsqd_factor_obs                     ? 
_refine.ls_R_I_factor_obs                        ? 
_refine.ls_redundancy_reflns_all                 ? 
_refine.ls_redundancy_reflns_obs                 ? 
_refine.ls_restrained_S_all                      ? 
_refine.ls_restrained_S_obs                      ? 
_refine.ls_shift_over_esd_max                    ? 
_refine.ls_shift_over_esd_mean                   ? 
_refine.ls_structure_factor_coef                 ? 
_refine.ls_weighting_details                     ? 
_refine.ls_weighting_scheme                      ? 
_refine.ls_wR_factor_all                         ? 
_refine.ls_wR_factor_obs                         ? 
_refine.ls_wR_factor_R_free                      ? 
_refine.ls_wR_factor_R_work                      ? 
_refine.occupancy_max                            ? 
_refine.occupancy_min                            ? 
_refine.solvent_model_details                    ? 
_refine.solvent_model_param_bsol                 ? 
_refine.solvent_model_param_ksol                 ? 
_refine.ls_R_factor_gt                           ? 
_refine.ls_goodness_of_fit_gt                    ? 
_refine.ls_goodness_of_fit_ref                   ? 
_refine.ls_shift_over_su_max                     ? 
_refine.ls_shift_over_su_max_lt                  ? 
_refine.ls_shift_over_su_mean                    ? 
_refine.ls_shift_over_su_mean_lt                 ? 
_refine.pdbx_ls_sigma_I                          ? 
_refine.pdbx_ls_sigma_F                          ? 
_refine.pdbx_ls_sigma_Fsqd                       ? 
_refine.pdbx_data_cutoff_high_absF               ? 
_refine.pdbx_data_cutoff_high_rms_absF           ? 
_refine.pdbx_data_cutoff_low_absF                ? 
_refine.pdbx_isotropic_thermal_model             ? 
_refine.pdbx_ls_cross_valid_method               THROUGHOUT 
_refine.pdbx_method_to_determine_struct          'MOLECULAR REPLACEMENT' 
_refine.pdbx_starting_model                      5F5D 
_refine.pdbx_stereochemistry_target_values       ? 
_refine.pdbx_R_Free_selection_details            RANDOM 
_refine.pdbx_stereochem_target_val_spec_case     ? 
_refine.pdbx_overall_ESU_R                       0.414 
_refine.pdbx_overall_ESU_R_Free                  0.248 
_refine.pdbx_solvent_vdw_probe_radii             1.20 
_refine.pdbx_solvent_ion_probe_radii             0.80 
_refine.pdbx_solvent_shrinkage_radii             0.80 
_refine.pdbx_real_space_R                        ? 
_refine.pdbx_density_correlation                 ? 
_refine.pdbx_pd_number_of_powder_patterns        ? 
_refine.pdbx_pd_number_of_points                 ? 
_refine.pdbx_pd_meas_number_of_points            ? 
_refine.pdbx_pd_proc_ls_prof_R_factor            ? 
_refine.pdbx_pd_proc_ls_prof_wR_factor           ? 
_refine.pdbx_pd_Marquardt_correlation_coeff      ? 
_refine.pdbx_pd_Fsqrd_R_factor                   ? 
_refine.pdbx_pd_ls_matrix_band_width             ? 
_refine.pdbx_overall_phase_error                 ? 
_refine.pdbx_overall_SU_R_free_Cruickshank_DPI   ? 
_refine.pdbx_overall_SU_R_free_Blow_DPI          ? 
_refine.pdbx_overall_SU_R_Blow_DPI               ? 
_refine.pdbx_TLS_residual_ADP_flag               ? 
_refine.pdbx_diffrn_id                           1 
_refine.overall_SU_B                             10.323 
_refine.overall_SU_ML                            0.229 
_refine.overall_SU_R_Cruickshank_DPI             ? 
_refine.overall_SU_R_free                        ? 
_refine.overall_FOM_free_R_set                   ? 
_refine.overall_FOM_work_R_set                   ? 
_refine.pdbx_average_fsc_overall                 ? 
_refine.pdbx_average_fsc_work                    ? 
_refine.pdbx_average_fsc_free                    ? 
# 
_refine_hist.pdbx_refine_id                   'X-RAY DIFFRACTION' 
_refine_hist.cycle_id                         1 
_refine_hist.details                          ? 
_refine_hist.d_res_high                       2.40 
_refine_hist.d_res_low                        58.02 
_refine_hist.number_atoms_solvent             23 
_refine_hist.number_atoms_total               1457 
_refine_hist.number_reflns_all                ? 
_refine_hist.number_reflns_obs                ? 
_refine_hist.number_reflns_R_free             ? 
_refine_hist.number_reflns_R_work             ? 
_refine_hist.R_factor_all                     ? 
_refine_hist.R_factor_obs                     ? 
_refine_hist.R_factor_R_free                  ? 
_refine_hist.R_factor_R_work                  ? 
_refine_hist.pdbx_number_residues_total       ? 
_refine_hist.pdbx_B_iso_mean_ligand           ? 
_refine_hist.pdbx_B_iso_mean_solvent          ? 
_refine_hist.pdbx_number_atoms_protein        1433 
_refine_hist.pdbx_number_atoms_nucleic_acid   0 
_refine_hist.pdbx_number_atoms_ligand         1 
_refine_hist.pdbx_number_atoms_lipid          ? 
_refine_hist.pdbx_number_atoms_carb           ? 
_refine_hist.pdbx_pseudo_atom_details         ? 
# 
loop_
_refine_ls_restr.pdbx_refine_id 
_refine_ls_restr.criterion 
_refine_ls_restr.dev_ideal 
_refine_ls_restr.dev_ideal_target 
_refine_ls_restr.number 
_refine_ls_restr.rejects 
_refine_ls_restr.type 
_refine_ls_restr.weight 
_refine_ls_restr.pdbx_restraint_function 
'X-RAY DIFFRACTION' ? 0.006  0.012  1479 ? r_bond_refined_d             ? ? 
'X-RAY DIFFRACTION' ? ?      ?      ?    ? r_bond_other_d               ? ? 
'X-RAY DIFFRACTION' ? 1.455  1.591  2009 ? r_angle_refined_deg          ? ? 
'X-RAY DIFFRACTION' ? ?      ?      ?    ? r_angle_other_deg            ? ? 
'X-RAY DIFFRACTION' ? 6.119  5.000  178  ? r_dihedral_angle_1_deg       ? ? 
'X-RAY DIFFRACTION' ? 32.411 20.806 62   ? r_dihedral_angle_2_deg       ? ? 
'X-RAY DIFFRACTION' ? 17.248 15.000 231  ? r_dihedral_angle_3_deg       ? ? 
'X-RAY DIFFRACTION' ? 12.808 15.000 6    ? r_dihedral_angle_4_deg       ? ? 
'X-RAY DIFFRACTION' ? 0.130  0.200  178  ? r_chiral_restr               ? ? 
'X-RAY DIFFRACTION' ? 0.008  0.020  1089 ? r_gen_planes_refined         ? ? 
'X-RAY DIFFRACTION' ? ?      ?      ?    ? r_gen_planes_other           ? ? 
'X-RAY DIFFRACTION' ? ?      ?      ?    ? r_nbd_refined                ? ? 
'X-RAY DIFFRACTION' ? ?      ?      ?    ? r_nbd_other                  ? ? 
'X-RAY DIFFRACTION' ? ?      ?      ?    ? r_nbtor_refined              ? ? 
'X-RAY DIFFRACTION' ? ?      ?      ?    ? r_nbtor_other                ? ? 
'X-RAY DIFFRACTION' ? ?      ?      ?    ? r_xyhbond_nbd_refined        ? ? 
'X-RAY DIFFRACTION' ? ?      ?      ?    ? r_xyhbond_nbd_other          ? ? 
'X-RAY DIFFRACTION' ? ?      ?      ?    ? r_metal_ion_refined          ? ? 
'X-RAY DIFFRACTION' ? ?      ?      ?    ? r_metal_ion_other            ? ? 
'X-RAY DIFFRACTION' ? ?      ?      ?    ? r_symmetry_vdw_refined       ? ? 
'X-RAY DIFFRACTION' ? ?      ?      ?    ? r_symmetry_vdw_other         ? ? 
'X-RAY DIFFRACTION' ? ?      ?      ?    ? r_symmetry_hbond_refined     ? ? 
'X-RAY DIFFRACTION' ? ?      ?      ?    ? r_symmetry_hbond_other       ? ? 
'X-RAY DIFFRACTION' ? ?      ?      ?    ? r_symmetry_metal_ion_refined ? ? 
'X-RAY DIFFRACTION' ? ?      ?      ?    ? r_symmetry_metal_ion_other   ? ? 
'X-RAY DIFFRACTION' ? 3.772  4.747  720  ? r_mcbond_it                  ? ? 
'X-RAY DIFFRACTION' ? ?      ?      ?    ? r_mcbond_other               ? ? 
'X-RAY DIFFRACTION' ? 5.671  7.083  895  ? r_mcangle_it                 ? ? 
'X-RAY DIFFRACTION' ? ?      ?      ?    ? r_mcangle_other              ? ? 
'X-RAY DIFFRACTION' ? 4.584  5.034  758  ? r_scbond_it                  ? ? 
'X-RAY DIFFRACTION' ? ?      ?      ?    ? r_scbond_other               ? ? 
'X-RAY DIFFRACTION' ? ?      ?      ?    ? r_scangle_it                 ? ? 
'X-RAY DIFFRACTION' ? ?      ?      ?    ? r_scangle_other              ? ? 
'X-RAY DIFFRACTION' ? 9.387  88.131 6126 ? r_long_range_B_refined       ? ? 
'X-RAY DIFFRACTION' ? ?      ?      ?    ? r_long_range_B_other         ? ? 
'X-RAY DIFFRACTION' ? ?      ?      ?    ? r_rigid_bond_restr           ? ? 
'X-RAY DIFFRACTION' ? ?      ?      ?    ? r_sphericity_free            ? ? 
'X-RAY DIFFRACTION' ? ?      ?      ?    ? r_sphericity_bonded          ? ? 
# 
_refine_ls_shell.pdbx_refine_id                   'X-RAY DIFFRACTION' 
_refine_ls_shell.d_res_high                       2.400 
_refine_ls_shell.d_res_low                        2.462 
_refine_ls_shell.number_reflns_all                ? 
_refine_ls_shell.number_reflns_obs                ? 
_refine_ls_shell.number_reflns_R_free             32 
_refine_ls_shell.number_reflns_R_work             645 
_refine_ls_shell.percent_reflns_obs               99.56 
_refine_ls_shell.percent_reflns_R_free            ? 
_refine_ls_shell.R_factor_all                     ? 
_refine_ls_shell.R_factor_obs                     ? 
_refine_ls_shell.R_factor_R_free                  0.329 
_refine_ls_shell.R_factor_R_free_error            ? 
_refine_ls_shell.R_factor_R_work                  0.315 
_refine_ls_shell.redundancy_reflns_all            ? 
_refine_ls_shell.redundancy_reflns_obs            ? 
_refine_ls_shell.wR_factor_all                    ? 
_refine_ls_shell.wR_factor_obs                    ? 
_refine_ls_shell.wR_factor_R_free                 ? 
_refine_ls_shell.wR_factor_R_work                 ? 
_refine_ls_shell.pdbx_total_number_of_bins_used   20 
_refine_ls_shell.pdbx_phase_error                 ? 
_refine_ls_shell.pdbx_fsc_work                    ? 
_refine_ls_shell.pdbx_fsc_free                    ? 
# 
_struct.entry_id                     6PJR 
_struct.title                        'Time-resolved structural snapshot of proteolysis by GlpG inside the membrane' 
_struct.pdbx_model_details           ? 
_struct.pdbx_formula_weight          ? 
_struct.pdbx_formula_weight_method   ? 
_struct.pdbx_model_type_details      ? 
_struct.pdbx_CASP_flag               N 
# 
_struct_keywords.entry_id        6PJR 
_struct_keywords.text            'substrate complex, MEMBRANE PROTEIN, MEMBRANE PROTEIN-INHIBITOR complex' 
_struct_keywords.pdbx_keywords   'MEMBRANE PROTEIN/INHIBITOR' 
# 
loop_
_struct_asym.id 
_struct_asym.pdbx_blank_PDB_chainid_flag 
_struct_asym.pdbx_modified 
_struct_asym.entity_id 
_struct_asym.details 
A N N 1 ? 
B N N 2 ? 
C N N 3 ? 
D N N 4 ? 
E N N 4 ? 
# 
loop_
_struct_conf.conf_type_id 
_struct_conf.id 
_struct_conf.pdbx_PDB_helix_id 
_struct_conf.beg_label_comp_id 
_struct_conf.beg_label_asym_id 
_struct_conf.beg_label_seq_id 
_struct_conf.pdbx_beg_PDB_ins_code 
_struct_conf.end_label_comp_id 
_struct_conf.end_label_asym_id 
_struct_conf.end_label_seq_id 
_struct_conf.pdbx_end_PDB_ins_code 
_struct_conf.beg_auth_comp_id 
_struct_conf.beg_auth_asym_id 
_struct_conf.beg_auth_seq_id 
_struct_conf.end_auth_comp_id 
_struct_conf.end_auth_asym_id 
_struct_conf.end_auth_seq_id 
_struct_conf.pdbx_PDB_helix_class 
_struct_conf.details 
_struct_conf.pdbx_PDB_helix_length 
HELX_P HELX_P1  AA1 GLY A 29  ? GLY A 50  ? GLY A 94  GLY A 115 1 ? 22 
HELX_P HELX_P2  AA2 GLY A 50  ? ALA A 59  ? GLY A 115 ALA A 124 1 ? 10 
HELX_P HELX_P3  AA3 ASP A 63  ? LYS A 67  ? ASP A 128 LYS A 132 5 ? 5  
HELX_P HELX_P4  AA4 TRP A 71  ? HIS A 76  ? TRP A 136 HIS A 141 1 ? 6  
HELX_P HELX_P5  AA5 ALA A 77  ? MET A 79  ? ALA A 142 MET A 144 5 ? 3  
HELX_P HELX_P6  AA6 SER A 82  ? GLY A 105 ? SER A 147 GLY A 170 1 ? 24 
HELX_P HELX_P7  AA7 GLY A 105 ? GLY A 129 ? GLY A 170 GLY A 194 1 ? 25 
HELX_P HELX_P8  AA8 LEU A 135 ? ASP A 153 ? LEU A 200 ASP A 218 1 ? 19 
HELX_P HELX_P9  AA9 PRO A 154 ? GLY A 157 ? PRO A 219 GLY A 222 5 ? 4  
HELX_P HELX_P10 AB1 GLY A 163 ? PHE A 177 ? GLY A 228 PHE A 242 1 ? 15 
HELX_P HELX_P11 AB2 ALA A 185 ? ALA A 207 ? ALA A 250 ALA A 272 1 ? 23 
# 
_struct_conf_type.id          HELX_P 
_struct_conf_type.criteria    ? 
_struct_conf_type.reference   ? 
# 
_struct_sheet.id               AA1 
_struct_sheet.type             ? 
_struct_sheet.number_strands   2 
_struct_sheet.details          ? 
# 
_struct_sheet_order.sheet_id     AA1 
_struct_sheet_order.range_id_1   1 
_struct_sheet_order.range_id_2   2 
_struct_sheet_order.offset       ? 
_struct_sheet_order.sense        parallel 
# 
loop_
_struct_sheet_range.sheet_id 
_struct_sheet_range.id 
_struct_sheet_range.beg_label_comp_id 
_struct_sheet_range.beg_label_asym_id 
_struct_sheet_range.beg_label_seq_id 
_struct_sheet_range.pdbx_beg_PDB_ins_code 
_struct_sheet_range.end_label_comp_id 
_struct_sheet_range.end_label_asym_id 
_struct_sheet_range.end_label_seq_id 
_struct_sheet_range.pdbx_end_PDB_ins_code 
_struct_sheet_range.beg_auth_comp_id 
_struct_sheet_range.beg_auth_asym_id 
_struct_sheet_range.beg_auth_seq_id 
_struct_sheet_range.end_auth_comp_id 
_struct_sheet_range.end_auth_asym_id 
_struct_sheet_range.end_auth_seq_id 
AA1 1 PHE A 132 ? GLY A 133 ? PHE A 197 GLY A 198 
AA1 2 ARG B 4   ? MET B 5   ? ARG B 498 MET B 499 
# 
_pdbx_struct_sheet_hbond.sheet_id                AA1 
_pdbx_struct_sheet_hbond.range_id_1              1 
_pdbx_struct_sheet_hbond.range_id_2              2 
_pdbx_struct_sheet_hbond.range_1_label_atom_id   N 
_pdbx_struct_sheet_hbond.range_1_label_comp_id   GLY 
_pdbx_struct_sheet_hbond.range_1_label_asym_id   A 
_pdbx_struct_sheet_hbond.range_1_label_seq_id    133 
_pdbx_struct_sheet_hbond.range_1_PDB_ins_code    ? 
_pdbx_struct_sheet_hbond.range_1_auth_atom_id    N 
_pdbx_struct_sheet_hbond.range_1_auth_comp_id    GLY 
_pdbx_struct_sheet_hbond.range_1_auth_asym_id    A 
_pdbx_struct_sheet_hbond.range_1_auth_seq_id     198 
_pdbx_struct_sheet_hbond.range_2_label_atom_id   O 
_pdbx_struct_sheet_hbond.range_2_label_comp_id   ARG 
_pdbx_struct_sheet_hbond.range_2_label_asym_id   B 
_pdbx_struct_sheet_hbond.range_2_label_seq_id    4 
_pdbx_struct_sheet_hbond.range_2_PDB_ins_code    ? 
_pdbx_struct_sheet_hbond.range_2_auth_atom_id    O 
_pdbx_struct_sheet_hbond.range_2_auth_comp_id    ARG 
_pdbx_struct_sheet_hbond.range_2_auth_asym_id    B 
_pdbx_struct_sheet_hbond.range_2_auth_seq_id     498 
# 
_struct_site.id                   AC1 
_struct_site.pdbx_evidence_code   Software 
_struct_site.pdbx_auth_asym_id    A 
_struct_site.pdbx_auth_comp_id    CL 
_struct_site.pdbx_auth_seq_id     301 
_struct_site.pdbx_auth_ins_code   ? 
_struct_site.pdbx_num_residues    5 
_struct_site.details              'binding site for residue CL A 301' 
# 
loop_
_struct_site_gen.id 
_struct_site_gen.site_id 
_struct_site_gen.pdbx_num_res 
_struct_site_gen.label_comp_id 
_struct_site_gen.label_asym_id 
_struct_site_gen.label_seq_id 
_struct_site_gen.pdbx_auth_ins_code 
_struct_site_gen.auth_comp_id 
_struct_site_gen.auth_asym_id 
_struct_site_gen.auth_seq_id 
_struct_site_gen.label_atom_id 
_struct_site_gen.label_alt_id 
_struct_site_gen.symmetry 
_struct_site_gen.details 
1 AC1 5 GLN A 124 ? GLN A 189 . ? 1_555 ? 
2 AC1 5 SER A 128 ? SER A 193 . ? 1_555 ? 
3 AC1 5 MET A 184 ? MET A 249 . ? 1_555 ? 
4 AC1 5 ASN A 186 ? ASN A 251 . ? 1_555 ? 
5 AC1 5 ARG B 4   ? ARG B 498 . ? 1_555 ? 
# 
_atom_sites.entry_id                    6PJR 
_atom_sites.Cartn_transf_matrix[1][1]   ? 
_atom_sites.Cartn_transf_matrix[1][2]   ? 
_atom_sites.Cartn_transf_matrix[1][3]   ? 
_atom_sites.Cartn_transf_matrix[2][1]   ? 
_atom_sites.Cartn_transf_matrix[2][2]   ? 
_atom_sites.Cartn_transf_matrix[2][3]   ? 
_atom_sites.Cartn_transf_matrix[3][1]   ? 
_atom_sites.Cartn_transf_matrix[3][2]   ? 
_atom_sites.Cartn_transf_matrix[3][3]   ? 
_atom_sites.Cartn_transf_vector[1]      ? 
_atom_sites.Cartn_transf_vector[2]      ? 
_atom_sites.Cartn_transf_vector[3]      ? 
_atom_sites.fract_transf_matrix[1][1]   -0.00431691 
_atom_sites.fract_transf_matrix[1][2]   -0.00717903 
_atom_sites.fract_transf_matrix[1][3]   0.01125338 
_atom_sites.fract_transf_matrix[2][1]   0.00797656 
_atom_sites.fract_transf_matrix[2][2]   0.00322713 
_atom_sites.fract_transf_matrix[2][3]   0.00511862 
_atom_sites.fract_transf_matrix[3][1]   -0.00823333 
_atom_sites.fract_transf_matrix[3][2]   0.01260529 
_atom_sites.fract_transf_matrix[3][3]   0.00488309 
_atom_sites.fract_transf_vector[1]      0.052857 
_atom_sites.fract_transf_vector[2]      0.268493 
_atom_sites.fract_transf_vector[3]      0.017825 
_atom_sites.solution_primary            ? 
_atom_sites.solution_secondary          ? 
_atom_sites.solution_hydrogens          ? 
_atom_sites.special_details             ? 
# 
loop_
_atom_type.symbol 
C  
CL 
N  
O  
S  
# 
loop_
_atom_site.group_PDB 
_atom_site.id 
_atom_site.type_symbol 
_atom_site.label_atom_id 
_atom_site.label_alt_id 
_atom_site.label_comp_id 
_atom_site.label_asym_id 
_atom_site.label_entity_id 
_atom_site.label_seq_id 
_atom_site.pdbx_PDB_ins_code 
_atom_site.Cartn_x 
_atom_site.Cartn_y 
_atom_site.Cartn_z 
_atom_site.occupancy 
_atom_site.B_iso_or_equiv 
_atom_site.pdbx_formal_charge 
_atom_site.auth_seq_id 
_atom_site.auth_comp_id 
_atom_site.auth_asym_id 
_atom_site.auth_atom_id 
_atom_site.pdbx_PDB_model_num 
ATOM   1    N  N   . ALA A 1 28  ? -2.995  -16.166 -10.068 1.00 59.15  ? 93  ALA A N   1 
ATOM   2    C  CA  . ALA A 1 28  ? -2.300  -14.913 -9.640  1.00 61.80  ? 93  ALA A CA  1 
ATOM   3    C  C   . ALA A 1 28  ? -1.152  -14.577 -10.601 1.00 57.60  ? 93  ALA A C   1 
ATOM   4    O  O   . ALA A 1 28  ? -0.523  -15.448 -11.197 1.00 57.63  ? 93  ALA A O   1 
ATOM   5    C  CB  . ALA A 1 28  ? -1.886  -15.006 -8.190  1.00 60.20  ? 93  ALA A CB  1 
ATOM   6    N  N   . GLY A 1 29  ? -0.937  -13.280 -10.823 1.00 50.67  ? 94  GLY A N   1 
ATOM   7    C  CA  . GLY A 1 29  ? -0.081  -12.881 -11.919 1.00 47.15  ? 94  GLY A CA  1 
ATOM   8    C  C   . GLY A 1 29  ? 1.352   -12.649 -11.460 1.00 48.35  ? 94  GLY A C   1 
ATOM   9    O  O   . GLY A 1 29  ? 1.681   -12.815 -10.280 1.00 45.55  ? 94  GLY A O   1 
ATOM   10   N  N   . PRO A 1 30  ? 2.222   -12.228 -12.402 1.00 45.84  ? 95  PRO A N   1 
ATOM   11   C  CA  . PRO A 1 30  ? 3.605   -11.872 -12.079 1.00 46.18  ? 95  PRO A CA  1 
ATOM   12   C  C   . PRO A 1 30  ? 3.760   -10.694 -11.100 1.00 47.94  ? 95  PRO A C   1 
ATOM   13   O  O   . PRO A 1 30  ? 4.591   -10.736 -10.191 1.00 41.02  ? 95  PRO A O   1 
ATOM   14   C  CB  . PRO A 1 30  ? 4.268   -11.601 -13.448 1.00 47.10  ? 95  PRO A CB  1 
ATOM   15   C  CG  . PRO A 1 30  ? 3.152   -11.573 -14.488 1.00 45.28  ? 95  PRO A CG  1 
ATOM   16   C  CD  . PRO A 1 30  ? 1.892   -12.085 -13.829 1.00 42.34  ? 95  PRO A CD  1 
ATOM   17   N  N   . VAL A 1 31  ? 2.963   -9.629  -11.265 1.00 44.30  ? 96  VAL A N   1 
ATOM   18   C  CA  . VAL A 1 31  ? 3.147   -8.480  -10.385 1.00 44.91  ? 96  VAL A CA  1 
ATOM   19   C  C   . VAL A 1 31  ? 2.692   -8.829  -8.962  1.00 44.57  ? 96  VAL A C   1 
ATOM   20   O  O   . VAL A 1 31  ? 3.375   -8.477  -8.001  1.00 41.73  ? 96  VAL A O   1 
ATOM   21   C  CB  . VAL A 1 31  ? 2.513   -7.174  -10.916 1.00 44.85  ? 96  VAL A CB  1 
ATOM   22   C  CG1 . VAL A 1 31  ? 2.598   -6.034  -9.910  1.00 40.75  ? 96  VAL A CG1 1 
ATOM   23   C  CG2 . VAL A 1 31  ? 3.096   -6.748  -12.261 1.00 41.84  ? 96  VAL A CG2 1 
ATOM   24   N  N   . THR A 1 32  ? 1.571   -9.552  -8.822  1.00 39.60  ? 97  THR A N   1 
ATOM   25   C  CA  . THR A 1 32  ? 1.149   -10.018 -7.506  1.00 40.04  ? 97  THR A CA  1 
ATOM   26   C  C   . THR A 1 32  ? 2.251   -10.798 -6.784  1.00 41.78  ? 97  THR A C   1 
ATOM   27   O  O   . THR A 1 32  ? 2.567   -10.473 -5.638  1.00 40.02  ? 97  THR A O   1 
ATOM   28   C  CB  . THR A 1 32  ? -0.141  -10.839 -7.562  1.00 38.94  ? 97  THR A CB  1 
ATOM   29   O  OG1 . THR A 1 32  ? -1.096  -10.066 -8.292  1.00 41.82  ? 97  THR A OG1 1 
ATOM   30   C  CG2 . THR A 1 32  ? -0.657  -11.134 -6.174  1.00 36.93  ? 97  THR A CG2 1 
ATOM   31   N  N   . TRP A 1 33  ? 2.822   -11.824 -7.447  1.00 44.64  ? 98  TRP A N   1 
ATOM   32   C  CA  . TRP A 1 33  ? 3.847   -12.682 -6.853  1.00 42.80  ? 98  TRP A CA  1 
ATOM   33   C  C   . TRP A 1 33  ? 5.186   -11.967 -6.598  1.00 43.92  ? 98  TRP A C   1 
ATOM   34   O  O   . TRP A 1 33  ? 5.756   -12.132 -5.514  1.00 46.42  ? 98  TRP A O   1 
ATOM   35   C  CB  . TRP A 1 33  ? 3.950   -14.080 -7.513  1.00 43.05  ? 98  TRP A CB  1 
ATOM   36   C  CG  . TRP A 1 33  ? 2.821   -14.949 -7.029  1.00 44.71  ? 98  TRP A CG  1 
ATOM   37   C  CD1 . TRP A 1 33  ? 1.596   -15.087 -7.620  1.00 42.78  ? 98  TRP A CD1 1 
ATOM   38   C  CD2 . TRP A 1 33  ? 2.741   -15.666 -5.773  1.00 41.13  ? 98  TRP A CD2 1 
ATOM   39   N  NE1 . TRP A 1 33  ? 0.785   -15.867 -6.840  1.00 42.46  ? 98  TRP A NE1 1 
ATOM   40   C  CE2 . TRP A 1 33  ? 1.450   -16.237 -5.703  1.00 40.89  ? 98  TRP A CE2 1 
ATOM   41   C  CE3 . TRP A 1 33  ? 3.626   -15.898 -4.707  1.00 42.19  ? 98  TRP A CE3 1 
ATOM   42   C  CZ2 . TRP A 1 33  ? 1.022   -17.015 -4.619  1.00 42.16  ? 98  TRP A CZ2 1 
ATOM   43   C  CZ3 . TRP A 1 33  ? 3.210   -16.676 -3.639  1.00 42.49  ? 98  TRP A CZ3 1 
ATOM   44   C  CH2 . TRP A 1 33  ? 1.926   -17.229 -3.599  1.00 40.25  ? 98  TRP A CH2 1 
ATOM   45   N  N   . VAL A 1 34  ? 5.649   -11.137 -7.552  1.00 41.08  ? 99  VAL A N   1 
ATOM   46   C  CA  . VAL A 1 34  ? 6.910   -10.403 -7.466  1.00 40.97  ? 99  VAL A CA  1 
ATOM   47   C  C   . VAL A 1 34  ? 6.916   -9.512  -6.218  1.00 44.33  ? 99  VAL A C   1 
ATOM   48   O  O   . VAL A 1 34  ? 7.903   -9.439  -5.479  1.00 45.92  ? 99  VAL A O   1 
ATOM   49   C  CB  . VAL A 1 34  ? 7.224   -9.621  -8.768  1.00 39.60  ? 99  VAL A CB  1 
ATOM   50   C  CG1 . VAL A 1 34  ? 8.264   -8.531  -8.580  1.00 38.10  ? 99  VAL A CG1 1 
ATOM   51   C  CG2 . VAL A 1 34  ? 7.658   -10.530 -9.913  1.00 41.19  ? 99  VAL A CG2 1 
ATOM   52   N  N   . MET A 1 35  ? 5.796   -8.838  -5.970  1.00 45.60  ? 100 MET A N   1 
ATOM   53   C  CA  . MET A 1 35  ? 5.690   -7.932  -4.837  1.00 46.97  ? 100 MET A CA  1 
ATOM   54   C  C   . MET A 1 35  ? 5.684   -8.731  -3.534  1.00 44.68  ? 100 MET A C   1 
ATOM   55   O  O   . MET A 1 35  ? 6.284   -8.308  -2.554  1.00 47.81  ? 100 MET A O   1 
ATOM   56   C  CB  . MET A 1 35  ? 4.428   -7.069  -4.951  1.00 48.18  ? 100 MET A CB  1 
ATOM   57   C  CG  . MET A 1 35  ? 4.162   -6.176  -3.750  1.00 58.86  ? 100 MET A CG  1 
ATOM   58   S  SD  . MET A 1 35  ? 5.156   -4.644  -3.672  1.00 61.42  ? 100 MET A SD  1 
ATOM   59   C  CE  . MET A 1 35  ? 5.374   -4.267  -5.414  1.00 54.83  ? 100 MET A CE  1 
ATOM   60   N  N   . MET A 1 36  ? 5.033   -9.897  -3.526  1.00 44.69  ? 101 MET A N   1 
ATOM   61   C  CA  . MET A 1 36  ? 4.964   -10.690 -2.306  1.00 46.45  ? 101 MET A CA  1 
ATOM   62   C  C   . MET A 1 36  ? 6.340   -11.260 -1.965  1.00 51.61  ? 101 MET A C   1 
ATOM   63   O  O   . MET A 1 36  ? 6.654   -11.414 -0.784  1.00 52.98  ? 101 MET A O   1 
ATOM   64   C  CB  . MET A 1 36  ? 3.955   -11.834 -2.412  1.00 41.47  ? 101 MET A CB  1 
ATOM   65   C  CG  . MET A 1 36  ? 2.541   -11.339 -2.509  1.00 43.49  ? 101 MET A CG  1 
ATOM   66   S  SD  . MET A 1 36  ? 1.430   -12.631 -3.109  1.00 53.17  ? 101 MET A SD  1 
ATOM   67   C  CE  . MET A 1 36  ? 1.287   -13.596 -1.604  1.00 39.33  ? 101 MET A CE  1 
ATOM   68   N  N   . ILE A 1 37  ? 7.145   -11.563 -2.994  1.00 50.03  ? 102 ILE A N   1 
ATOM   69   C  CA  . ILE A 1 37  ? 8.469   -12.130 -2.789  1.00 51.50  ? 102 ILE A CA  1 
ATOM   70   C  C   . ILE A 1 37  ? 9.361   -11.024 -2.232  1.00 55.04  ? 102 ILE A C   1 
ATOM   71   O  O   . ILE A 1 37  ? 10.116  -11.247 -1.284  1.00 55.36  ? 102 ILE A O   1 
ATOM   72   C  CB  . ILE A 1 37  ? 9.059   -12.739 -4.087  1.00 51.16  ? 102 ILE A CB  1 
ATOM   73   C  CG1 . ILE A 1 37  ? 8.244   -13.908 -4.659  1.00 50.01  ? 102 ILE A CG1 1 
ATOM   74   C  CG2 . ILE A 1 37  ? 10.520  -13.115 -3.889  1.00 46.58  ? 102 ILE A CG2 1 
ATOM   75   C  CD1 . ILE A 1 37  ? 8.000   -15.056 -3.700  1.00 48.14  ? 102 ILE A CD1 1 
ATOM   76   N  N   . ALA A 1 38  ? 9.240   -9.826  -2.822  1.00 51.94  ? 103 ALA A N   1 
ATOM   77   C  CA  . ALA A 1 38  ? 10.053  -8.687  -2.428  1.00 45.85  ? 103 ALA A CA  1 
ATOM   78   C  C   . ALA A 1 38  ? 9.847   -8.402  -0.949  1.00 43.46  ? 103 ALA A C   1 
ATOM   79   O  O   . ALA A 1 38  ? 10.820  -8.206  -0.228  1.00 47.14  ? 103 ALA A O   1 
ATOM   80   C  CB  . ALA A 1 38  ? 9.733   -7.465  -3.262  1.00 45.54  ? 103 ALA A CB  1 
ATOM   81   N  N   . CYS A 1 39  ? 8.583   -8.372  -0.516  1.00 42.93  ? 104 CYS A N   1 
ATOM   82   C  CA  . CYS A 1 39  ? 8.251   -7.944  0.838   1.00 49.58  ? 104 CYS A CA  1 
ATOM   83   C  C   . CYS A 1 39  ? 8.785   -8.949  1.846   1.00 52.78  ? 104 CYS A C   1 
ATOM   84   O  O   . CYS A 1 39  ? 8.976   -8.605  3.014   1.00 54.38  ? 104 CYS A O   1 
ATOM   85   C  CB  . CYS A 1 39  ? 6.746   -7.883  1.057   1.00 46.51  ? 104 CYS A CB  1 
ATOM   86   S  SG  . CYS A 1 39  ? 6.010   -6.370  0.400   1.00 47.10  ? 104 CYS A SG  1 
ATOM   87   N  N   . VAL A 1 40  ? 8.929   -10.197 1.376   1.00 51.81  ? 105 VAL A N   1 
ATOM   88   C  CA  . VAL A 1 40  ? 9.348   -11.298 2.217   1.00 51.05  ? 105 VAL A CA  1 
ATOM   89   C  C   . VAL A 1 40  ? 10.874  -11.295 2.321   1.00 47.50  ? 105 VAL A C   1 
ATOM   90   O  O   . VAL A 1 40  ? 11.402  -11.456 3.413   1.00 47.93  ? 105 VAL A O   1 
ATOM   91   C  CB  . VAL A 1 40  ? 8.766   -12.644 1.748   1.00 54.41  ? 105 VAL A CB  1 
ATOM   92   C  CG1 . VAL A 1 40  ? 9.710   -13.799 2.057   1.00 59.37  ? 105 VAL A CG1 1 
ATOM   93   C  CG2 . VAL A 1 40  ? 7.398   -12.896 2.382   1.00 46.78  ? 105 VAL A CG2 1 
ATOM   94   N  N   . VAL A 1 41  ? 11.559  -11.079 1.192   1.00 48.10  ? 106 VAL A N   1 
ATOM   95   C  CA  . VAL A 1 41  ? 13.008  -10.948 1.125   1.00 47.62  ? 106 VAL A CA  1 
ATOM   96   C  C   . VAL A 1 41  ? 13.446  -9.791  2.023   1.00 51.07  ? 106 VAL A C   1 
ATOM   97   O  O   . VAL A 1 41  ? 14.345  -9.956  2.845   1.00 60.31  ? 106 VAL A O   1 
ATOM   98   C  CB  . VAL A 1 41  ? 13.512  -10.803 -0.328  1.00 48.94  ? 106 VAL A CB  1 
ATOM   99   C  CG1 . VAL A 1 41  ? 14.910  -10.202 -0.420  1.00 45.89  ? 106 VAL A CG1 1 
ATOM   100  C  CG2 . VAL A 1 41  ? 13.452  -12.132 -1.076  1.00 47.84  ? 106 VAL A CG2 1 
ATOM   101  N  N   . VAL A 1 42  ? 12.789  -8.634  1.894   1.00 50.38  ? 107 VAL A N   1 
ATOM   102  C  CA  . VAL A 1 42  ? 13.148  -7.460  2.686   1.00 48.02  ? 107 VAL A CA  1 
ATOM   103  C  C   . VAL A 1 42  ? 12.906  -7.729  4.178   1.00 47.08  ? 107 VAL A C   1 
ATOM   104  O  O   . VAL A 1 42  ? 13.689  -7.321  5.030   1.00 44.72  ? 107 VAL A O   1 
ATOM   105  C  CB  . VAL A 1 42  ? 12.442  -6.185  2.174   1.00 43.29  ? 107 VAL A CB  1 
ATOM   106  C  CG1 . VAL A 1 42  ? 12.395  -5.073  3.207   1.00 42.08  ? 107 VAL A CG1 1 
ATOM   107  C  CG2 . VAL A 1 42  ? 13.063  -5.690  0.878   1.00 41.22  ? 107 VAL A CG2 1 
ATOM   108  N  N   . PHE A 1 43  ? 11.827  -8.444  4.499   1.00 48.96  ? 108 PHE A N   1 
ATOM   109  C  CA  . PHE A 1 43  ? 11.526  -8.771  5.882   1.00 50.48  ? 108 PHE A CA  1 
ATOM   110  C  C   . PHE A 1 43  ? 12.550  -9.765  6.439   1.00 53.20  ? 108 PHE A C   1 
ATOM   111  O  O   . PHE A 1 43  ? 12.834  -9.743  7.629   1.00 53.21  ? 108 PHE A O   1 
ATOM   112  C  CB  . PHE A 1 43  ? 10.105  -9.311  5.980   1.00 44.94  ? 108 PHE A CB  1 
ATOM   113  C  CG  . PHE A 1 43  ? 9.645   -9.661  7.370   1.00 47.16  ? 108 PHE A CG  1 
ATOM   114  C  CD1 . PHE A 1 43  ? 9.641   -10.983 7.797   1.00 50.33  ? 108 PHE A CD1 1 
ATOM   115  C  CD2 . PHE A 1 43  ? 9.180   -8.676  8.229   1.00 44.29  ? 108 PHE A CD2 1 
ATOM   116  C  CE1 . PHE A 1 43  ? 9.193   -11.320 9.066   1.00 46.07  ? 108 PHE A CE1 1 
ATOM   117  C  CE2 . PHE A 1 43  ? 8.734   -9.013  9.496   1.00 47.28  ? 108 PHE A CE2 1 
ATOM   118  C  CZ  . PHE A 1 43  ? 8.747   -10.328 9.912   1.00 48.91  ? 108 PHE A CZ  1 
ATOM   119  N  N   . ILE A 1 44  ? 13.117  -10.626 5.584   1.00 55.54  ? 109 ILE A N   1 
ATOM   120  C  CA  . ILE A 1 44  ? 14.134  -11.563 6.043   1.00 59.34  ? 109 ILE A CA  1 
ATOM   121  C  C   . ILE A 1 44  ? 15.412  -10.788 6.391   1.00 59.36  ? 109 ILE A C   1 
ATOM   122  O  O   . ILE A 1 44  ? 16.054  -11.059 7.408   1.00 58.32  ? 109 ILE A O   1 
ATOM   123  C  CB  . ILE A 1 44  ? 14.358  -12.744 5.062   1.00 57.14  ? 109 ILE A CB  1 
ATOM   124  C  CG1 . ILE A 1 44  ? 13.175  -13.721 5.057   1.00 54.28  ? 109 ILE A CG1 1 
ATOM   125  C  CG2 . ILE A 1 44  ? 15.667  -13.474 5.360   1.00 57.49  ? 109 ILE A CG2 1 
ATOM   126  C  CD1 . ILE A 1 44  ? 13.449  -15.050 4.339   1.00 47.74  ? 109 ILE A CD1 1 
ATOM   127  N  N   . ALA A 1 45  ? 15.752  -9.793  5.562   1.00 56.40  ? 110 ALA A N   1 
ATOM   128  C  CA  . ALA A 1 45  ? 16.890  -8.928  5.837   1.00 53.27  ? 110 ALA A CA  1 
ATOM   129  C  C   . ALA A 1 45  ? 16.700  -8.162  7.150   1.00 55.23  ? 110 ALA A C   1 
ATOM   130  O  O   . ALA A 1 45  ? 17.668  -7.942  7.875   1.00 62.07  ? 110 ALA A O   1 
ATOM   131  C  CB  . ALA A 1 45  ? 17.138  -7.996  4.680   1.00 44.26  ? 110 ALA A CB  1 
ATOM   132  N  N   . MET A 1 46  ? 15.459  -7.775  7.468   1.00 50.41  ? 111 MET A N   1 
ATOM   133  C  CA  . MET A 1 46  ? 15.194  -6.987  8.661   1.00 56.24  ? 111 MET A CA  1 
ATOM   134  C  C   . MET A 1 46  ? 15.385  -7.838  9.921   1.00 63.91  ? 111 MET A C   1 
ATOM   135  O  O   . MET A 1 46  ? 15.584  -7.302  11.016  1.00 64.47  ? 111 MET A O   1 
ATOM   136  C  CB  . MET A 1 46  ? 13.783  -6.383  8.641   1.00 53.87  ? 111 MET A CB  1 
ATOM   137  C  CG  . MET A 1 46  ? 13.636  -5.156  7.739   1.00 51.07  ? 111 MET A CG  1 
ATOM   138  S  SD  . MET A 1 46  ? 11.920  -4.533  7.583   1.00 51.26  ? 111 MET A SD  1 
ATOM   139  C  CE  . MET A 1 46  ? 11.895  -3.348  8.926   1.00 45.09  ? 111 MET A CE  1 
ATOM   140  N  N   . GLN A 1 47  ? 15.310  -9.166  9.761   1.00 67.03  ? 112 GLN A N   1 
ATOM   141  C  CA  . GLN A 1 47  ? 15.468  -10.094 10.871  1.00 69.72  ? 112 GLN A CA  1 
ATOM   142  C  C   . GLN A 1 47  ? 16.958  -10.360 11.096  1.00 74.76  ? 112 GLN A C   1 
ATOM   143  O  O   . GLN A 1 47  ? 17.400  -10.450 12.241  1.00 81.29  ? 112 GLN A O   1 
ATOM   144  C  CB  . GLN A 1 47  ? 14.722  -11.410 10.620  1.00 72.19  ? 112 GLN A CB  1 
ATOM   145  C  CG  . GLN A 1 47  ? 13.236  -11.271 10.302  1.00 67.75  ? 112 GLN A CG  1 
ATOM   146  C  CD  . GLN A 1 47  ? 12.526  -10.213 11.112  1.00 70.94  ? 112 GLN A CD  1 
ATOM   147  O  OE1 . GLN A 1 47  ? 12.320  -10.351 12.315  1.00 73.86  ? 112 GLN A OE1 1 
ATOM   148  N  NE2 . GLN A 1 47  ? 12.133  -9.139  10.447  1.00 68.93  ? 112 GLN A NE2 1 
ATOM   149  N  N   . ILE A 1 48  ? 17.719  -10.469 9.998   1.00 69.75  ? 113 ILE A N   1 
ATOM   150  C  CA  . ILE A 1 48  ? 19.155  -10.709 10.063  1.00 68.92  ? 113 ILE A CA  1 
ATOM   151  C  C   . ILE A 1 48  ? 19.858  -9.439  10.554  1.00 67.91  ? 113 ILE A C   1 
ATOM   152  O  O   . ILE A 1 48  ? 20.687  -9.506  11.458  1.00 69.64  ? 113 ILE A O   1 
ATOM   153  C  CB  . ILE A 1 48  ? 19.735  -11.225 8.719   1.00 70.25  ? 113 ILE A CB  1 
ATOM   154  C  CG1 . ILE A 1 48  ? 18.911  -12.353 8.076   1.00 79.65  ? 113 ILE A CG1 1 
ATOM   155  C  CG2 . ILE A 1 48  ? 21.209  -11.598 8.828   1.00 63.63  ? 113 ILE A CG2 1 
ATOM   156  C  CD1 . ILE A 1 48  ? 18.562  -13.516 8.990   1.00 81.84  ? 113 ILE A CD1 1 
ATOM   157  N  N   . LEU A 1 49  ? 19.512  -8.283  9.974   1.00 59.81  ? 114 LEU A N   1 
ATOM   158  C  CA  . LEU A 1 49  ? 20.289  -7.066  10.181  1.00 52.15  ? 114 LEU A CA  1 
ATOM   159  C  C   . LEU A 1 49  ? 19.675  -6.175  11.257  1.00 45.52  ? 114 LEU A C   1 
ATOM   160  O  O   . LEU A 1 49  ? 20.276  -5.194  11.648  1.00 42.99  ? 114 LEU A O   1 
ATOM   161  C  CB  . LEU A 1 49  ? 20.377  -6.267  8.877   1.00 50.46  ? 114 LEU A CB  1 
ATOM   162  C  CG  . LEU A 1 49  ? 21.078  -6.934  7.699   1.00 55.53  ? 114 LEU A CG  1 
ATOM   163  C  CD1 . LEU A 1 49  ? 21.269  -5.919  6.578   1.00 52.48  ? 114 LEU A CD1 1 
ATOM   164  C  CD2 . LEU A 1 49  ? 22.422  -7.517  8.124   1.00 52.91  ? 114 LEU A CD2 1 
ATOM   165  N  N   . GLY A 1 50  ? 18.459  -6.472  11.707  1.00 50.69  ? 115 GLY A N   1 
ATOM   166  C  CA  . GLY A 1 50  ? 17.751  -5.498  12.522  1.00 49.66  ? 115 GLY A CA  1 
ATOM   167  C  C   . GLY A 1 50  ? 17.003  -4.450  11.690  1.00 48.76  ? 115 GLY A C   1 
ATOM   168  O  O   . GLY A 1 50  ? 17.472  -4.002  10.636  1.00 42.91  ? 115 GLY A O   1 
ATOM   169  N  N   . ASP A 1 51  ? 15.862  -4.031  12.250  1.00 45.20  ? 116 ASP A N   1 
ATOM   170  C  CA  . ASP A 1 51  ? 14.956  -3.031  11.712  1.00 49.67  ? 116 ASP A CA  1 
ATOM   171  C  C   . ASP A 1 51  ? 15.689  -1.753  11.299  1.00 50.74  ? 116 ASP A C   1 
ATOM   172  O  O   . ASP A 1 51  ? 15.586  -1.327  10.148  1.00 52.44  ? 116 ASP A O   1 
ATOM   173  C  CB  . ASP A 1 51  ? 13.768  -2.800  12.655  1.00 51.04  ? 116 ASP A CB  1 
ATOM   174  C  CG  . ASP A 1 51  ? 12.771  -3.952  12.648  1.00 55.76  ? 116 ASP A CG  1 
ATOM   175  O  OD1 . ASP A 1 51  ? 12.826  -4.784  11.701  1.00 59.84  ? 116 ASP A OD1 1 
ATOM   176  O  OD2 . ASP A 1 51  ? 11.947  -4.020  13.579  1.00 54.24  ? 116 ASP A OD2 1 
ATOM   177  N  N   . GLN A 1 52  ? 16.438  -1.156  12.231  1.00 45.47  ? 117 GLN A N   1 
ATOM   178  C  CA  . GLN A 1 52  ? 16.988  0.178   12.036  1.00 46.34  ? 117 GLN A CA  1 
ATOM   179  C  C   . GLN A 1 52  ? 17.959  0.199   10.859  1.00 47.57  ? 117 GLN A C   1 
ATOM   180  O  O   . GLN A 1 52  ? 18.001  1.188   10.119  1.00 45.33  ? 117 GLN A O   1 
ATOM   181  C  CB  . GLN A 1 52  ? 17.595  0.711   13.335  1.00 50.95  ? 117 GLN A CB  1 
ATOM   182  C  CG  . GLN A 1 52  ? 16.814  0.240   14.558  1.00 60.51  ? 117 GLN A CG  1 
ATOM   183  C  CD  . GLN A 1 52  ? 17.002  1.096   15.783  1.00 66.68  ? 117 GLN A CD  1 
ATOM   184  O  OE1 . GLN A 1 52  ? 18.056  1.094   16.423  1.00 66.91  ? 117 GLN A OE1 1 
ATOM   185  N  NE2 . GLN A 1 52  ? 15.953  1.824   16.132  1.00 74.29  ? 117 GLN A NE2 1 
ATOM   186  N  N   . GLU A 1 53  ? 18.724  -0.890  10.677  1.00 45.60  ? 118 GLU A N   1 
ATOM   187  C  CA  . GLU A 1 53  ? 19.755  -0.902  9.645   1.00 45.87  ? 118 GLU A CA  1 
ATOM   188  C  C   . GLU A 1 53  ? 19.092  -0.844  8.267   1.00 46.00  ? 118 GLU A C   1 
ATOM   189  O  O   . GLU A 1 53  ? 19.607  -0.217  7.333   1.00 44.27  ? 118 GLU A O   1 
ATOM   190  C  CB  . GLU A 1 53  ? 20.676  -2.125  9.765   1.00 44.05  ? 118 GLU A CB  1 
ATOM   191  C  CG  . GLU A 1 53  ? 22.050  -1.915  9.150   1.00 54.00  ? 118 GLU A CG  1 
ATOM   192  C  CD  . GLU A 1 53  ? 22.564  -0.484  9.286   1.00 68.39  ? 118 GLU A CD  1 
ATOM   193  O  OE1 . GLU A 1 53  ? 22.173  0.341   8.451   1.00 75.26  ? 118 GLU A OE1 1 
ATOM   194  O  OE2 . GLU A 1 53  ? 23.307  -0.167  10.257  1.00 70.61  ? 118 GLU A OE2 1 
ATOM   195  N  N   . VAL A 1 54  ? 17.945  -1.529  8.146   1.00 46.76  ? 119 VAL A N   1 
ATOM   196  C  CA  . VAL A 1 54  ? 17.246  -1.577  6.870   1.00 47.47  ? 119 VAL A CA  1 
ATOM   197  C  C   . VAL A 1 54  ? 16.558  -0.234  6.683   1.00 41.53  ? 119 VAL A C   1 
ATOM   198  O  O   . VAL A 1 54  ? 16.678  0.378   5.627   1.00 45.45  ? 119 VAL A O   1 
ATOM   199  C  CB  . VAL A 1 54  ? 16.295  -2.791  6.727   1.00 49.18  ? 119 VAL A CB  1 
ATOM   200  C  CG1 . VAL A 1 54  ? 15.455  -2.715  5.456   1.00 39.55  ? 119 VAL A CG1 1 
ATOM   201  C  CG2 . VAL A 1 54  ? 17.069  -4.117  6.764   1.00 45.32  ? 119 VAL A CG2 1 
ATOM   202  N  N   . MET A 1 55  ? 15.954  0.267   7.760   1.00 43.31  ? 120 MET A N   1 
ATOM   203  C  CA  . MET A 1 55  ? 15.281  1.561   7.737   1.00 45.53  ? 120 MET A CA  1 
ATOM   204  C  C   . MET A 1 55  ? 16.179  2.685   7.229   1.00 41.31  ? 120 MET A C   1 
ATOM   205  O  O   . MET A 1 55  ? 15.714  3.532   6.476   1.00 43.56  ? 120 MET A O   1 
ATOM   206  C  CB  . MET A 1 55  ? 14.742  1.939   9.111   1.00 47.80  ? 120 MET A CB  1 
ATOM   207  C  CG  . MET A 1 55  ? 13.384  1.390   9.348   1.00 51.44  ? 120 MET A CG  1 
ATOM   208  S  SD  . MET A 1 55  ? 12.801  2.173   10.852  1.00 66.35  ? 120 MET A SD  1 
ATOM   209  C  CE  . MET A 1 55  ? 13.190  0.864   12.013  1.00 64.63  ? 120 MET A CE  1 
ATOM   210  N  N   . LEU A 1 56  ? 17.460  2.683   7.611   1.00 39.62  ? 121 LEU A N   1 
ATOM   211  C  CA  . LEU A 1 56  ? 18.348  3.768   7.220   1.00 40.00  ? 121 LEU A CA  1 
ATOM   212  C  C   . LEU A 1 56  ? 18.539  3.833   5.713   1.00 39.76  ? 121 LEU A C   1 
ATOM   213  O  O   . LEU A 1 56  ? 18.854  4.906   5.199   1.00 41.19  ? 121 LEU A O   1 
ATOM   214  C  CB  . LEU A 1 56  ? 19.713  3.591   7.882   1.00 44.70  ? 121 LEU A CB  1 
ATOM   215  C  CG  . LEU A 1 56  ? 19.769  3.917   9.369   1.00 44.86  ? 121 LEU A CG  1 
ATOM   216  C  CD1 . LEU A 1 56  ? 21.053  3.339   9.948   1.00 44.11  ? 121 LEU A CD1 1 
ATOM   217  C  CD2 . LEU A 1 56  ? 19.646  5.425   9.604   1.00 37.15  ? 121 LEU A CD2 1 
ATOM   218  N  N   . TRP A 1 57  ? 18.380  2.686   5.031   1.00 42.18  ? 122 TRP A N   1 
ATOM   219  C  CA  . TRP A 1 57  ? 18.630  2.605   3.598   1.00 42.58  ? 122 TRP A CA  1 
ATOM   220  C  C   . TRP A 1 57  ? 17.337  2.630   2.775   1.00 44.01  ? 122 TRP A C   1 
ATOM   221  O  O   . TRP A 1 57  ? 17.375  3.085   1.623   1.00 44.82  ? 122 TRP A O   1 
ATOM   222  C  CB  . TRP A 1 57  ? 19.581  1.440   3.245   1.00 40.35  ? 122 TRP A CB  1 
ATOM   223  C  CG  . TRP A 1 57  ? 21.004  1.734   3.626   1.00 39.62  ? 122 TRP A CG  1 
ATOM   224  C  CD1 . TRP A 1 57  ? 21.670  1.242   4.713   1.00 40.99  ? 122 TRP A CD1 1 
ATOM   225  C  CD2 . TRP A 1 57  ? 21.925  2.634   2.969   1.00 35.45  ? 122 TRP A CD2 1 
ATOM   226  N  NE1 . TRP A 1 57  ? 22.939  1.757   4.761   1.00 41.24  ? 122 TRP A NE1 1 
ATOM   227  C  CE2 . TRP A 1 57  ? 23.128  2.608   3.706   1.00 35.95  ? 122 TRP A CE2 1 
ATOM   228  C  CE3 . TRP A 1 57  ? 21.859  3.459   1.835   1.00 39.37  ? 122 TRP A CE3 1 
ATOM   229  C  CZ2 . TRP A 1 57  ? 24.242  3.373   3.355   1.00 37.32  ? 122 TRP A CZ2 1 
ATOM   230  C  CZ3 . TRP A 1 57  ? 22.959  4.212   1.474   1.00 38.46  ? 122 TRP A CZ3 1 
ATOM   231  C  CH2 . TRP A 1 57  ? 24.137  4.168   2.228   1.00 38.79  ? 122 TRP A CH2 1 
ATOM   232  N  N   . LEU A 1 58  ? 16.204  2.212   3.383   1.00 39.94  ? 123 LEU A N   1 
ATOM   233  C  CA  . LEU A 1 58  ? 14.940  2.063   2.657   1.00 41.97  ? 123 LEU A CA  1 
ATOM   234  C  C   . LEU A 1 58  ? 13.863  3.108   3.014   1.00 40.70  ? 123 LEU A C   1 
ATOM   235  O  O   . LEU A 1 58  ? 12.915  3.295   2.248   1.00 37.71  ? 123 LEU A O   1 
ATOM   236  C  CB  . LEU A 1 58  ? 14.389  0.641   2.827   1.00 43.80  ? 123 LEU A CB  1 
ATOM   237  C  CG  . LEU A 1 58  ? 15.233  -0.516  2.285   1.00 47.96  ? 123 LEU A CG  1 
ATOM   238  C  CD1 . LEU A 1 58  ? 14.370  -1.761  2.158   1.00 47.72  ? 123 LEU A CD1 1 
ATOM   239  C  CD2 . LEU A 1 58  ? 15.883  -0.175  0.945   1.00 45.31  ? 123 LEU A CD2 1 
ATOM   240  N  N   . ALA A 1 59  ? 13.982  3.797   4.158   1.00 37.40  ? 124 ALA A N   1 
ATOM   241  C  CA  . ALA A 1 59  ? 12.937  4.728   4.571   1.00 35.58  ? 124 ALA A CA  1 
ATOM   242  C  C   . ALA A 1 59  ? 12.933  5.962   3.667   1.00 34.81  ? 124 ALA A C   1 
ATOM   243  O  O   . ALA A 1 59  ? 13.933  6.261   3.016   1.00 31.16  ? 124 ALA A O   1 
ATOM   244  C  CB  . ALA A 1 59  ? 13.050  5.074   6.042   1.00 28.36  ? 124 ALA A CB  1 
ATOM   245  N  N   . TRP A 1 60  ? 11.765  6.613   3.585   1.00 34.84  ? 125 TRP A N   1 
ATOM   246  C  CA  . TRP A 1 60  ? 11.594  7.946   3.023   1.00 37.85  ? 125 TRP A CA  1 
ATOM   247  C  C   . TRP A 1 60  ? 12.745  8.865   3.470   1.00 39.21  ? 125 TRP A C   1 
ATOM   248  O  O   . TRP A 1 60  ? 13.177  8.825   4.624   1.00 35.43  ? 125 TRP A O   1 
ATOM   249  C  CB  . TRP A 1 60  ? 10.228  8.467   3.497   1.00 41.33  ? 125 TRP A CB  1 
ATOM   250  C  CG  . TRP A 1 60  ? 9.770   9.664   2.728   1.00 42.49  ? 125 TRP A CG  1 
ATOM   251  C  CD1 . TRP A 1 60  ? 10.136  10.953  2.954   1.00 40.51  ? 125 TRP A CD1 1 
ATOM   252  C  CD2 . TRP A 1 60  ? 8.909   9.682   1.573   1.00 43.76  ? 125 TRP A CD2 1 
ATOM   253  N  NE1 . TRP A 1 60  ? 9.559   11.774  2.028   1.00 43.83  ? 125 TRP A NE1 1 
ATOM   254  C  CE2 . TRP A 1 60  ? 8.795   11.032  1.167   1.00 45.18  ? 125 TRP A CE2 1 
ATOM   255  C  CE3 . TRP A 1 60  ? 8.226   8.698   0.841   1.00 44.60  ? 125 TRP A CE3 1 
ATOM   256  C  CZ2 . TRP A 1 60  ? 8.027   11.430  0.068   1.00 45.42  ? 125 TRP A CZ2 1 
ATOM   257  C  CZ3 . TRP A 1 60  ? 7.487   9.079   -0.262  1.00 44.59  ? 125 TRP A CZ3 1 
ATOM   258  C  CH2 . TRP A 1 60  ? 7.393   10.427  -0.641  1.00 50.52  ? 125 TRP A CH2 1 
ATOM   259  N  N   . PRO A 1 61  ? 13.332  9.704   2.586   1.00 40.72  ? 126 PRO A N   1 
ATOM   260  C  CA  . PRO A 1 61  ? 14.485  10.527  2.969   1.00 41.47  ? 126 PRO A CA  1 
ATOM   261  C  C   . PRO A 1 61  ? 14.194  11.446  4.157   1.00 45.55  ? 126 PRO A C   1 
ATOM   262  O  O   . PRO A 1 61  ? 13.267  12.255  4.087   1.00 45.65  ? 126 PRO A O   1 
ATOM   263  C  CB  . PRO A 1 61  ? 14.801  11.410  1.748   1.00 39.97  ? 126 PRO A CB  1 
ATOM   264  C  CG  . PRO A 1 61  ? 13.791  11.037  0.680   1.00 43.65  ? 126 PRO A CG  1 
ATOM   265  C  CD  . PRO A 1 61  ? 12.963  9.864   1.174   1.00 44.63  ? 126 PRO A CD  1 
ATOM   266  N  N   . PHE A 1 62  ? 14.997  11.325  5.231   1.00 41.24  ? 127 PHE A N   1 
ATOM   267  C  CA  . PHE A 1 62  ? 14.784  12.086  6.456   1.00 41.43  ? 127 PHE A CA  1 
ATOM   268  C  C   . PHE A 1 62  ? 15.542  13.414  6.393   1.00 43.46  ? 127 PHE A C   1 
ATOM   269  O  O   . PHE A 1 62  ? 15.405  14.266  7.270   1.00 46.01  ? 127 PHE A O   1 
ATOM   270  C  CB  . PHE A 1 62  ? 15.239  11.277  7.674   1.00 44.45  ? 127 PHE A CB  1 
ATOM   271  C  CG  . PHE A 1 62  ? 16.719  11.365  7.931   1.00 47.22  ? 127 PHE A CG  1 
ATOM   272  C  CD1 . PHE A 1 62  ? 17.592  10.452  7.355   1.00 46.53  ? 127 PHE A CD1 1 
ATOM   273  C  CD2 . PHE A 1 62  ? 17.246  12.400  8.701   1.00 47.55  ? 127 PHE A CD2 1 
ATOM   274  C  CE1 . PHE A 1 62  ? 18.962  10.570  7.555   1.00 52.20  ? 127 PHE A CE1 1 
ATOM   275  C  CE2 . PHE A 1 62  ? 18.615  12.511  8.907   1.00 49.60  ? 127 PHE A CE2 1 
ATOM   276  C  CZ  . PHE A 1 62  ? 19.471  11.596  8.331   1.00 54.11  ? 127 PHE A CZ  1 
ATOM   277  N  N   . ASP A 1 63  ? 16.362  13.570  5.351   1.00 44.22  ? 128 ASP A N   1 
ATOM   278  C  CA  . ASP A 1 63  ? 17.296  14.672  5.219   1.00 42.15  ? 128 ASP A CA  1 
ATOM   279  C  C   . ASP A 1 63  ? 17.280  15.100  3.756   1.00 40.23  ? 128 ASP A C   1 
ATOM   280  O  O   . ASP A 1 63  ? 17.479  14.260  2.874   1.00 38.42  ? 128 ASP A O   1 
ATOM   281  C  CB  . ASP A 1 63  ? 18.694  14.216  5.659   1.00 48.08  ? 128 ASP A CB  1 
ATOM   282  C  CG  . ASP A 1 63  ? 19.803  15.265  5.573   1.00 52.94  ? 128 ASP A CG  1 
ATOM   283  O  OD1 . ASP A 1 63  ? 19.673  16.225  4.782   1.00 53.42  ? 128 ASP A OD1 1 
ATOM   284  O  OD2 . ASP A 1 63  ? 20.799  15.117  6.311   1.00 55.62  ? 128 ASP A OD2 1 
ATOM   285  N  N   . PRO A 1 64  ? 17.017  16.393  3.447   1.00 41.04  ? 129 PRO A N   1 
ATOM   286  C  CA  . PRO A 1 64  ? 16.996  16.854  2.050   1.00 40.87  ? 129 PRO A CA  1 
ATOM   287  C  C   . PRO A 1 64  ? 18.189  16.411  1.199   1.00 41.81  ? 129 PRO A C   1 
ATOM   288  O  O   . PRO A 1 64  ? 18.037  16.182  0.008   1.00 44.05  ? 129 PRO A O   1 
ATOM   289  C  CB  . PRO A 1 64  ? 16.903  18.381  2.190   1.00 37.06  ? 129 PRO A CB  1 
ATOM   290  C  CG  . PRO A 1 64  ? 16.121  18.549  3.485   1.00 36.75  ? 129 PRO A CG  1 
ATOM   291  C  CD  . PRO A 1 64  ? 16.661  17.466  4.400   1.00 36.21  ? 129 PRO A CD  1 
ATOM   292  N  N   . THR A 1 65  ? 19.368  16.252  1.807   1.00 40.31  ? 130 THR A N   1 
ATOM   293  C  CA  . THR A 1 65  ? 20.548  15.853  1.056   1.00 42.48  ? 130 THR A CA  1 
ATOM   294  C  C   . THR A 1 65  ? 20.345  14.496  0.379   1.00 46.87  ? 130 THR A C   1 
ATOM   295  O  O   . THR A 1 65  ? 20.935  14.240  -0.675  1.00 43.03  ? 130 THR A O   1 
ATOM   296  C  CB  . THR A 1 65  ? 21.790  15.790  1.952   1.00 44.14  ? 130 THR A CB  1 
ATOM   297  O  OG1 . THR A 1 65  ? 21.829  16.925  2.822   1.00 45.39  ? 130 THR A OG1 1 
ATOM   298  C  CG2 . THR A 1 65  ? 23.067  15.694  1.146   1.00 44.04  ? 130 THR A CG2 1 
ATOM   299  N  N   . LEU A 1 66  ? 19.523  13.633  1.001   1.00 48.46  ? 131 LEU A N   1 
ATOM   300  C  CA  . LEU A 1 66  ? 19.274  12.282  0.517   1.00 52.47  ? 131 LEU A CA  1 
ATOM   301  C  C   . LEU A 1 66  ? 18.218  12.254  -0.593  1.00 55.15  ? 131 LEU A C   1 
ATOM   302  O  O   . LEU A 1 66  ? 17.848  11.178  -1.061  1.00 57.74  ? 131 LEU A O   1 
ATOM   303  C  CB  . LEU A 1 66  ? 18.840  11.396  1.692   1.00 50.17  ? 131 LEU A CB  1 
ATOM   304  C  CG  . LEU A 1 66  ? 19.858  11.246  2.821   1.00 56.12  ? 131 LEU A CG  1 
ATOM   305  C  CD1 . LEU A 1 66  ? 19.317  10.347  3.916   1.00 50.26  ? 131 LEU A CD1 1 
ATOM   306  C  CD2 . LEU A 1 66  ? 21.206  10.743  2.309   1.00 49.00  ? 131 LEU A CD2 1 
ATOM   307  N  N   . LYS A 1 67  ? 17.750  13.421  -1.051  1.00 54.99  ? 132 LYS A N   1 
ATOM   308  C  CA  . LYS A 1 67  ? 16.518  13.456  -1.831  1.00 55.93  ? 132 LYS A CA  1 
ATOM   309  C  C   . LYS A 1 67  ? 16.656  12.795  -3.206  1.00 50.70  ? 132 LYS A C   1 
ATOM   310  O  O   . LYS A 1 67  ? 15.639  12.567  -3.856  1.00 47.50  ? 132 LYS A O   1 
ATOM   311  C  CB  . LYS A 1 67  ? 15.898  14.858  -1.893  1.00 51.56  ? 132 LYS A CB  1 
ATOM   312  C  CG  . LYS A 1 67  ? 16.603  15.897  -2.757  1.00 55.55  ? 132 LYS A CG  1 
ATOM   313  C  CD  . LYS A 1 67  ? 16.019  17.286  -2.530  1.00 63.45  ? 132 LYS A CD  1 
ATOM   314  C  CE  . LYS A 1 67  ? 16.606  18.379  -3.397  1.00 73.90  ? 132 LYS A CE  1 
ATOM   315  N  NZ  . LYS A 1 67  ? 17.792  18.994  -2.759  1.00 84.00  ? 132 LYS A NZ  1 
ATOM   316  N  N   . PHE A 1 68  ? 17.884  12.505  -3.662  1.00 49.08  ? 133 PHE A N   1 
ATOM   317  C  CA  . PHE A 1 68  ? 18.035  11.940  -4.998  1.00 48.21  ? 133 PHE A CA  1 
ATOM   318  C  C   . PHE A 1 68  ? 18.275  10.441  -4.911  1.00 48.24  ? 133 PHE A C   1 
ATOM   319  O  O   . PHE A 1 68  ? 18.598  9.809   -5.912  1.00 48.08  ? 133 PHE A O   1 
ATOM   320  C  CB  . PHE A 1 68  ? 19.058  12.682  -5.860  1.00 48.50  ? 133 PHE A CB  1 
ATOM   321  C  CG  . PHE A 1 68  ? 18.741  14.137  -6.103  1.00 46.59  ? 133 PHE A CG  1 
ATOM   322  C  CD1 . PHE A 1 68  ? 19.510  15.137  -5.528  1.00 47.67  ? 133 PHE A CD1 1 
ATOM   323  C  CD2 . PHE A 1 68  ? 17.658  14.510  -6.884  1.00 46.64  ? 133 PHE A CD2 1 
ATOM   324  C  CE1 . PHE A 1 68  ? 19.217  16.477  -5.741  1.00 51.39  ? 133 PHE A CE1 1 
ATOM   325  C  CE2 . PHE A 1 68  ? 17.374  15.851  -7.107  1.00 51.51  ? 133 PHE A CE2 1 
ATOM   326  C  CZ  . PHE A 1 68  ? 18.153  16.834  -6.537  1.00 50.98  ? 133 PHE A CZ  1 
ATOM   327  N  N   . GLU A 1 69  ? 18.036  9.887   -3.717  1.00 51.33  ? 134 GLU A N   1 
ATOM   328  C  CA  . GLU A 1 69  ? 17.991  8.445   -3.528  1.00 51.58  ? 134 GLU A CA  1 
ATOM   329  C  C   . GLU A 1 69  ? 16.575  7.948   -3.828  1.00 50.62  ? 134 GLU A C   1 
ATOM   330  O  O   . GLU A 1 69  ? 15.849  7.544   -2.920  1.00 42.80  ? 134 GLU A O   1 
ATOM   331  C  CB  . GLU A 1 69  ? 18.502  8.054   -2.140  1.00 48.54  ? 134 GLU A CB  1 
ATOM   332  C  CG  . GLU A 1 69  ? 19.988  8.324   -1.965  1.00 45.62  ? 134 GLU A CG  1 
ATOM   333  C  CD  . GLU A 1 69  ? 20.581  7.963   -0.610  1.00 48.76  ? 134 GLU A CD  1 
ATOM   334  O  OE1 . GLU A 1 69  ? 19.814  7.489   0.281   1.00 43.11  ? 134 GLU A OE1 1 
ATOM   335  O  OE2 . GLU A 1 69  ? 21.816  8.166   -0.435  1.00 46.53  ? 134 GLU A OE2 1 
ATOM   336  N  N   . PHE A 1 70  ? 16.252  7.911   -5.133  1.00 53.37  ? 135 PHE A N   1 
ATOM   337  C  CA  . PHE A 1 70  ? 14.911  7.741   -5.676  1.00 52.88  ? 135 PHE A CA  1 
ATOM   338  C  C   . PHE A 1 70  ? 14.250  6.464   -5.165  1.00 47.78  ? 135 PHE A C   1 
ATOM   339  O  O   . PHE A 1 70  ? 13.027  6.438   -5.042  1.00 45.40  ? 135 PHE A O   1 
ATOM   340  C  CB  . PHE A 1 70  ? 14.918  7.772   -7.212  1.00 58.30  ? 135 PHE A CB  1 
ATOM   341  C  CG  . PHE A 1 70  ? 15.430  9.057   -7.821  1.00 67.93  ? 135 PHE A CG  1 
ATOM   342  C  CD1 . PHE A 1 70  ? 14.781  10.270  -7.586  1.00 67.08  ? 135 PHE A CD1 1 
ATOM   343  C  CD2 . PHE A 1 70  ? 16.554  9.056   -8.645  1.00 63.77  ? 135 PHE A CD2 1 
ATOM   344  C  CE1 . PHE A 1 70  ? 15.254  11.453  -8.144  1.00 65.61  ? 135 PHE A CE1 1 
ATOM   345  C  CE2 . PHE A 1 70  ? 17.027  10.237  -9.204  1.00 62.16  ? 135 PHE A CE2 1 
ATOM   346  C  CZ  . PHE A 1 70  ? 16.378  11.431  -8.951  1.00 68.05  ? 135 PHE A CZ  1 
ATOM   347  N  N   . TRP A 1 71  ? 15.032  5.419   -4.862  1.00 38.03  ? 136 TRP A N   1 
ATOM   348  C  CA  . TRP A 1 71  ? 14.376  4.194   -4.415  1.00 38.96  ? 136 TRP A CA  1 
ATOM   349  C  C   . TRP A 1 71  ? 13.519  4.446   -3.169  1.00 34.14  ? 136 TRP A C   1 
ATOM   350  O  O   . TRP A 1 71  ? 12.487  3.811   -2.992  1.00 34.33  ? 136 TRP A O   1 
ATOM   351  C  CB  . TRP A 1 71  ? 15.353  3.020   -4.236  1.00 38.43  ? 136 TRP A CB  1 
ATOM   352  C  CG  . TRP A 1 71  ? 16.414  3.258   -3.198  1.00 39.90  ? 136 TRP A CG  1 
ATOM   353  C  CD1 . TRP A 1 71  ? 16.359  2.936   -1.870  1.00 39.83  ? 136 TRP A CD1 1 
ATOM   354  C  CD2 . TRP A 1 71  ? 17.708  3.860   -3.405  1.00 40.25  ? 136 TRP A CD2 1 
ATOM   355  N  NE1 . TRP A 1 71  ? 17.521  3.309   -1.237  1.00 38.66  ? 136 TRP A NE1 1 
ATOM   356  C  CE2 . TRP A 1 71  ? 18.366  3.870   -2.157  1.00 39.18  ? 136 TRP A CE2 1 
ATOM   357  C  CE3 . TRP A 1 71  ? 18.378  4.387   -4.521  1.00 42.14  ? 136 TRP A CE3 1 
ATOM   358  C  CZ2 . TRP A 1 71  ? 19.648  4.395   -2.006  1.00 42.37  ? 136 TRP A CZ2 1 
ATOM   359  C  CZ3 . TRP A 1 71  ? 19.643  4.911   -4.377  1.00 36.47  ? 136 TRP A CZ3 1 
ATOM   360  C  CH2 . TRP A 1 71  ? 20.264  4.911   -3.130  1.00 41.96  ? 136 TRP A CH2 1 
ATOM   361  N  N   . ARG A 1 72  ? 13.935  5.400   -2.333  1.00 34.57  ? 137 ARG A N   1 
ATOM   362  C  CA  . ARG A 1 72  ? 13.347  5.642   -1.026  1.00 34.81  ? 137 ARG A CA  1 
ATOM   363  C  C   . ARG A 1 72  ? 11.865  6.040   -1.107  1.00 39.16  ? 137 ARG A C   1 
ATOM   364  O  O   . ARG A 1 72  ? 11.117  5.800   -0.150  1.00 40.73  ? 137 ARG A O   1 
ATOM   365  C  CB  . ARG A 1 72  ? 14.154  6.726   -0.315  1.00 35.04  ? 137 ARG A CB  1 
ATOM   366  C  CG  . ARG A 1 72  ? 15.553  6.299   0.106   1.00 37.18  ? 137 ARG A CG  1 
ATOM   367  C  CD  . ARG A 1 72  ? 16.157  7.400   0.962   1.00 35.57  ? 137 ARG A CD  1 
ATOM   368  N  NE  . ARG A 1 72  ? 17.524  7.123   1.379   1.00 34.06  ? 137 ARG A NE  1 
ATOM   369  C  CZ  . ARG A 1 72  ? 17.838  6.484   2.499   1.00 38.40  ? 137 ARG A CZ  1 
ATOM   370  N  NH1 . ARG A 1 72  ? 16.868  6.065   3.300   1.00 35.33  ? 137 ARG A NH1 1 
ATOM   371  N  NH2 . ARG A 1 72  ? 19.111  6.259   2.808   1.00 34.16  ? 137 ARG A NH2 1 
ATOM   372  N  N   . TYR A 1 73  ? 11.423  6.642   -2.227  1.00 34.06  ? 138 TYR A N   1 
ATOM   373  C  CA  . TYR A 1 73  ? 10.024  7.045   -2.339  1.00 37.89  ? 138 TYR A CA  1 
ATOM   374  C  C   . TYR A 1 73  ? 9.088   5.833   -2.490  1.00 40.37  ? 138 TYR A C   1 
ATOM   375  O  O   . TYR A 1 73  ? 7.878   5.952   -2.285  1.00 36.85  ? 138 TYR A O   1 
ATOM   376  C  CB  . TYR A 1 73  ? 9.837   8.081   -3.452  1.00 35.74  ? 138 TYR A CB  1 
ATOM   377  C  CG  . TYR A 1 73  ? 10.702  9.294   -3.257  1.00 34.43  ? 138 TYR A CG  1 
ATOM   378  C  CD1 . TYR A 1 73  ? 11.768  9.541   -4.099  1.00 34.34  ? 138 TYR A CD1 1 
ATOM   379  C  CD2 . TYR A 1 73  ? 10.512  10.133  -2.168  1.00 36.55  ? 138 TYR A CD2 1 
ATOM   380  C  CE1 . TYR A 1 73  ? 12.608  10.616  -3.881  1.00 37.50  ? 138 TYR A CE1 1 
ATOM   381  C  CE2 . TYR A 1 73  ? 11.339  11.221  -1.933  1.00 36.81  ? 138 TYR A CE2 1 
ATOM   382  C  CZ  . TYR A 1 73  ? 12.385  11.468  -2.809  1.00 39.94  ? 138 TYR A CZ  1 
ATOM   383  O  OH  . TYR A 1 73  ? 13.209  12.541  -2.622  1.00 39.58  ? 138 TYR A OH  1 
ATOM   384  N  N   . PHE A 1 74  ? 9.651   4.667   -2.831  1.00 34.53  ? 139 PHE A N   1 
ATOM   385  C  CA  . PHE A 1 74  ? 8.841   3.476   -3.030  1.00 39.89  ? 139 PHE A CA  1 
ATOM   386  C  C   . PHE A 1 74  ? 9.209   2.385   -2.020  1.00 42.97  ? 139 PHE A C   1 
ATOM   387  O  O   . PHE A 1 74  ? 8.329   1.620   -1.600  1.00 38.63  ? 139 PHE A O   1 
ATOM   388  C  CB  . PHE A 1 74  ? 8.958   3.008   -4.482  1.00 40.91  ? 139 PHE A CB  1 
ATOM   389  C  CG  . PHE A 1 74  ? 8.723   4.103   -5.494  1.00 43.49  ? 139 PHE A CG  1 
ATOM   390  C  CD1 . PHE A 1 74  ? 9.772   4.892   -5.957  1.00 40.75  ? 139 PHE A CD1 1 
ATOM   391  C  CD2 . PHE A 1 74  ? 7.439   4.370   -5.962  1.00 42.98  ? 139 PHE A CD2 1 
ATOM   392  C  CE1 . PHE A 1 74  ? 9.545   5.912   -6.877  1.00 40.72  ? 139 PHE A CE1 1 
ATOM   393  C  CE2 . PHE A 1 74  ? 7.214   5.380   -6.896  1.00 42.03  ? 139 PHE A CE2 1 
ATOM   394  C  CZ  . PHE A 1 74  ? 8.267   6.144   -7.358  1.00 39.63  ? 139 PHE A CZ  1 
ATOM   395  N  N   . THR A 1 75  ? 10.499  2.337   -1.624  1.00 40.08  ? 140 THR A N   1 
ATOM   396  C  CA  . THR A 1 75  ? 11.031  1.239   -0.820  1.00 41.72  ? 140 THR A CA  1 
ATOM   397  C  C   . THR A 1 75  ? 10.373  1.129   0.561   1.00 39.85  ? 140 THR A C   1 
ATOM   398  O  O   . THR A 1 75  ? 10.344  0.032   1.108   1.00 39.43  ? 140 THR A O   1 
ATOM   399  C  CB  . THR A 1 75  ? 12.567  1.118   -0.816  1.00 42.52  ? 140 THR A CB  1 
ATOM   400  O  OG1 . THR A 1 75  ? 13.196  2.329   -0.396  1.00 48.27  ? 140 THR A OG1 1 
ATOM   401  C  CG2 . THR A 1 75  ? 13.178  0.638   -2.118  1.00 39.17  ? 140 THR A CG2 1 
ATOM   402  N  N   . HIS A 1 76  ? 9.826   2.228   1.112   1.00 38.84  ? 141 HIS A N   1 
ATOM   403  C  CA  . HIS A 1 76  ? 9.188   2.205   2.427   1.00 35.45  ? 141 HIS A CA  1 
ATOM   404  C  C   . HIS A 1 76  ? 8.036   1.194   2.456   1.00 38.16  ? 141 HIS A C   1 
ATOM   405  O  O   . HIS A 1 76  ? 7.708   0.635   3.509   1.00 35.12  ? 141 HIS A O   1 
ATOM   406  C  CB  . HIS A 1 76  ? 8.711   3.615   2.806   1.00 32.02  ? 141 HIS A CB  1 
ATOM   407  C  CG  . HIS A 1 76  ? 7.720   4.152   1.817   1.00 33.70  ? 141 HIS A CG  1 
ATOM   408  N  ND1 . HIS A 1 76  ? 6.348   3.933   1.945   1.00 29.15  ? 141 HIS A ND1 1 
ATOM   409  C  CD2 . HIS A 1 76  ? 7.895   4.840   0.658   1.00 30.66  ? 141 HIS A CD2 1 
ATOM   410  C  CE1 . HIS A 1 76  ? 5.726   4.494   0.926   1.00 28.53  ? 141 HIS A CE1 1 
ATOM   411  N  NE2 . HIS A 1 76  ? 6.650   5.043   0.112   1.00 27.29  ? 141 HIS A NE2 1 
ATOM   412  N  N   . ALA A 1 77  ? 7.400   0.978   1.294   1.00 38.13  ? 142 ALA A N   1 
ATOM   413  C  CA  . ALA A 1 77  ? 6.270   0.058   1.191   1.00 41.34  ? 142 ALA A CA  1 
ATOM   414  C  C   . ALA A 1 77  ? 6.656   -1.393  1.492   1.00 40.60  ? 142 ALA A C   1 
ATOM   415  O  O   . ALA A 1 77  ? 5.796   -2.200  1.829   1.00 49.83  ? 142 ALA A O   1 
ATOM   416  C  CB  . ALA A 1 77  ? 5.603   0.158   -0.169  1.00 38.84  ? 142 ALA A CB  1 
ATOM   417  N  N   . LEU A 1 78  ? 7.939   -1.728  1.365   1.00 44.11  ? 143 LEU A N   1 
ATOM   418  C  CA  . LEU A 1 78  ? 8.412   -3.100  1.468   1.00 45.22  ? 143 LEU A CA  1 
ATOM   419  C  C   . LEU A 1 78  ? 8.734   -3.503  2.910   1.00 44.91  ? 143 LEU A C   1 
ATOM   420  O  O   . LEU A 1 78  ? 8.931   -4.676  3.188   1.00 50.58  ? 143 LEU A O   1 
ATOM   421  C  CB  . LEU A 1 78  ? 9.638   -3.238  0.556   1.00 44.69  ? 143 LEU A CB  1 
ATOM   422  C  CG  . LEU A 1 78  ? 9.327   -3.045  -0.925  1.00 44.83  ? 143 LEU A CG  1 
ATOM   423  C  CD1 . LEU A 1 78  ? 10.581  -3.138  -1.763  1.00 45.01  ? 143 LEU A CD1 1 
ATOM   424  C  CD2 . LEU A 1 78  ? 8.284   -4.056  -1.383  1.00 44.94  ? 143 LEU A CD2 1 
ATOM   425  N  N   . MET A 1 79  ? 8.796   -2.549  3.835   1.00 44.74  ? 144 MET A N   1 
ATOM   426  C  CA  . MET A 1 79  ? 9.255   -2.856  5.183   1.00 47.01  ? 144 MET A CA  1 
ATOM   427  C  C   . MET A 1 79  ? 8.076   -3.164  6.096   1.00 47.02  ? 144 MET A C   1 
ATOM   428  O  O   . MET A 1 79  ? 7.108   -2.411  6.082   1.00 50.79  ? 144 MET A O   1 
ATOM   429  C  CB  . MET A 1 79  ? 10.003  -1.662  5.786   1.00 47.11  ? 144 MET A CB  1 
ATOM   430  C  CG  . MET A 1 79  ? 11.299  -1.341  5.088   1.00 47.52  ? 144 MET A CG  1 
ATOM   431  S  SD  . MET A 1 79  ? 12.232  -0.116  6.023   1.00 50.71  ? 144 MET A SD  1 
ATOM   432  C  CE  . MET A 1 79  ? 11.392  1.389   5.528   1.00 45.04  ? 144 MET A CE  1 
ATOM   433  N  N   . HIS A 1 80  ? 8.197   -4.230  6.912   1.00 46.91  ? 145 HIS A N   1 
ATOM   434  C  CA  . HIS A 1 80  ? 7.213   -4.580  7.936   1.00 50.03  ? 145 HIS A CA  1 
ATOM   435  C  C   . HIS A 1 80  ? 7.893   -4.879  9.281   1.00 50.03  ? 145 HIS A C   1 
ATOM   436  O  O   . HIS A 1 80  ? 9.039   -5.329  9.330   1.00 50.41  ? 145 HIS A O   1 
ATOM   437  C  CB  . HIS A 1 80  ? 6.308   -5.730  7.447   1.00 44.70  ? 145 HIS A CB  1 
ATOM   438  C  CG  . HIS A 1 80  ? 5.513   -5.406  6.223   1.00 44.18  ? 145 HIS A CG  1 
ATOM   439  N  ND1 . HIS A 1 80  ? 6.026   -5.581  4.931   1.00 43.44  ? 145 HIS A ND1 1 
ATOM   440  C  CD2 . HIS A 1 80  ? 4.255   -4.923  6.078   1.00 38.48  ? 145 HIS A CD2 1 
ATOM   441  C  CE1 . HIS A 1 80  ? 5.113   -5.207  4.048   1.00 43.80  ? 145 HIS A CE1 1 
ATOM   442  N  NE2 . HIS A 1 80  ? 4.008   -4.798  4.735   1.00 40.86  ? 145 HIS A NE2 1 
ATOM   443  N  N   . PHE A 1 81  ? 7.144   -4.678  10.369  1.00 51.92  ? 146 PHE A N   1 
ATOM   444  C  CA  . PHE A 1 81  ? 7.694   -4.623  11.719  1.00 58.97  ? 146 PHE A CA  1 
ATOM   445  C  C   . PHE A 1 81  ? 7.125   -5.747  12.581  1.00 64.10  ? 146 PHE A C   1 
ATOM   446  O  O   . PHE A 1 81  ? 7.410   -5.827  13.772  1.00 69.56  ? 146 PHE A O   1 
ATOM   447  C  CB  . PHE A 1 81  ? 7.449   -3.239  12.344  1.00 52.85  ? 146 PHE A CB  1 
ATOM   448  C  CG  . PHE A 1 81  ? 7.996   -2.114  11.502  1.00 53.89  ? 146 PHE A CG  1 
ATOM   449  C  CD1 . PHE A 1 81  ? 7.168   -1.389  10.659  1.00 52.32  ? 146 PHE A CD1 1 
ATOM   450  C  CD2 . PHE A 1 81  ? 9.356   -1.836  11.487  1.00 56.85  ? 146 PHE A CD2 1 
ATOM   451  C  CE1 . PHE A 1 81  ? 7.684   -0.391  9.845   1.00 51.69  ? 146 PHE A CE1 1 
ATOM   452  C  CE2 . PHE A 1 81  ? 9.872   -0.831  10.679  1.00 56.36  ? 146 PHE A CE2 1 
ATOM   453  C  CZ  . PHE A 1 81  ? 9.032   -0.115  9.855   1.00 52.62  ? 146 PHE A CZ  1 
ATOM   454  N  N   . SER A 1 82  ? 6.285   -6.588  11.974  1.00 66.47  ? 147 SER A N   1 
ATOM   455  C  CA  . SER A 1 82  ? 5.733   -7.764  12.624  1.00 61.43  ? 147 SER A CA  1 
ATOM   456  C  C   . SER A 1 82  ? 5.572   -8.838  11.558  1.00 66.48  ? 147 SER A C   1 
ATOM   457  O  O   . SER A 1 82  ? 5.445   -8.519  10.379  1.00 70.97  ? 147 SER A O   1 
ATOM   458  C  CB  . SER A 1 82  ? 4.408   -7.478  13.268  1.00 56.22  ? 147 SER A CB  1 
ATOM   459  O  OG  . SER A 1 82  ? 4.294   -6.111  13.609  1.00 70.07  ? 147 SER A OG  1 
ATOM   460  N  N   . LEU A 1 83  ? 5.581   -10.105 11.976  1.00 65.20  ? 148 LEU A N   1 
ATOM   461  C  CA  . LEU A 1 83  ? 5.234   -11.159 11.046  1.00 61.51  ? 148 LEU A CA  1 
ATOM   462  C  C   . LEU A 1 83  ? 3.739   -11.041 10.782  1.00 60.85  ? 148 LEU A C   1 
ATOM   463  O  O   . LEU A 1 83  ? 3.239   -11.393 9.724   1.00 59.81  ? 148 LEU A O   1 
ATOM   464  C  CB  . LEU A 1 83  ? 5.578   -12.527 11.643  1.00 62.66  ? 148 LEU A CB  1 
ATOM   465  C  CG  . LEU A 1 83  ? 4.912   -13.701 10.925  1.00 67.01  ? 148 LEU A CG  1 
ATOM   466  C  CD1 . LEU A 1 83  ? 5.612   -14.006 9.605   1.00 66.45  ? 148 LEU A CD1 1 
ATOM   467  C  CD2 . LEU A 1 83  ? 4.839   -14.929 11.809  1.00 61.18  ? 148 LEU A CD2 1 
ATOM   468  N  N   . MET A 1 84  ? 3.021   -10.515 11.761  1.00 59.04  ? 149 MET A N   1 
ATOM   469  C  CA  . MET A 1 84  ? 1.588   -10.580 11.621  1.00 66.42  ? 149 MET A CA  1 
ATOM   470  C  C   . MET A 1 84  ? 1.092   -9.375  10.816  1.00 70.52  ? 149 MET A C   1 
ATOM   471  O  O   . MET A 1 84  ? 0.077   -9.468  10.119  1.00 74.88  ? 149 MET A O   1 
ATOM   472  C  CB  . MET A 1 84  ? 0.963   -10.762 13.008  1.00 71.42  ? 149 MET A CB  1 
ATOM   473  C  CG  . MET A 1 84  ? -0.517  -10.503 13.106  1.00 75.27  ? 149 MET A CG  1 
ATOM   474  S  SD  . MET A 1 84  ? -0.710  -8.767  13.523  1.00 93.13  ? 149 MET A SD  1 
ATOM   475  C  CE  . MET A 1 84  ? -2.180  -8.824  14.548  1.00 91.92  ? 149 MET A CE  1 
ATOM   476  N  N   . HIS A 1 85  ? 1.903   -8.309  10.793  1.00 75.16  ? 150 HIS A N   1 
ATOM   477  C  CA  . HIS A 1 85  ? 1.590   -7.157  9.972   1.00 71.06  ? 150 HIS A CA  1 
ATOM   478  C  C   . HIS A 1 85  ? 1.897   -7.456  8.514   1.00 62.28  ? 150 HIS A C   1 
ATOM   479  O  O   . HIS A 1 85  ? 1.212   -6.962  7.631   1.00 59.31  ? 150 HIS A O   1 
ATOM   480  C  CB  . HIS A 1 85  ? 2.169   -5.856  10.539  1.00 83.01  ? 150 HIS A CB  1 
ATOM   481  C  CG  . HIS A 1 85  ? 1.238   -5.229  11.523  1.00 88.96  ? 150 HIS A CG  1 
ATOM   482  N  ND1 . HIS A 1 85  ? 1.583   -4.134  12.292  1.00 91.39  ? 150 HIS A ND1 1 
ATOM   483  C  CD2 . HIS A 1 85  ? -0.023  -5.562  11.881  1.00 97.70  ? 150 HIS A CD2 1 
ATOM   484  C  CE1 . HIS A 1 85  ? 0.564   -3.804  13.068  1.00 97.47  ? 150 HIS A CE1 1 
ATOM   485  N  NE2 . HIS A 1 85  ? -0.434  -4.669  12.838  1.00 97.11  ? 150 HIS A NE2 1 
ATOM   486  N  N   . ILE A 1 86  ? 2.857   -8.347  8.288   1.00 55.24  ? 151 ILE A N   1 
ATOM   487  C  CA  . ILE A 1 86  ? 3.116   -8.807  6.939   1.00 57.42  ? 151 ILE A CA  1 
ATOM   488  C  C   . ILE A 1 86  ? 2.240   -10.008 6.598   1.00 59.81  ? 151 ILE A C   1 
ATOM   489  O  O   . ILE A 1 86  ? 2.211   -10.456 5.475   1.00 68.60  ? 151 ILE A O   1 
ATOM   490  C  CB  . ILE A 1 86  ? 4.596   -9.167  6.734   1.00 53.38  ? 151 ILE A CB  1 
ATOM   491  C  CG1 . ILE A 1 86  ? 4.917   -9.298  5.243   1.00 45.19  ? 151 ILE A CG1 1 
ATOM   492  C  CG2 . ILE A 1 86  ? 4.972   -10.433 7.491   1.00 49.32  ? 151 ILE A CG2 1 
ATOM   493  C  CD1 . ILE A 1 86  ? 6.320   -9.741  4.972   1.00 42.77  ? 151 ILE A CD1 1 
ATOM   494  N  N   . LEU A 1 87  ? 1.622   -10.741 7.426   1.00 62.71  ? 152 LEU A N   1 
ATOM   495  C  CA  . LEU A 1 87  ? 0.809   -11.701 6.940   1.00 58.69  ? 152 LEU A CA  1 
ATOM   496  C  C   . LEU A 1 87  ? -0.486  -11.032 6.492   1.00 49.89  ? 152 LEU A C   1 
ATOM   497  O  O   . LEU A 1 87  ? -0.992  -11.311 5.414   1.00 46.27  ? 152 LEU A O   1 
ATOM   498  C  CB  . LEU A 1 87  ? 0.642   -12.892 7.873   1.00 66.41  ? 152 LEU A CB  1 
ATOM   499  C  CG  . LEU A 1 87  ? 1.844   -13.831 7.865   1.00 71.42  ? 152 LEU A CG  1 
ATOM   500  C  CD1 . LEU A 1 87  ? 1.571   -15.076 8.694   1.00 76.86  ? 152 LEU A CD1 1 
ATOM   501  C  CD2 . LEU A 1 87  ? 2.233   -14.204 6.444   1.00 67.45  ? 152 LEU A CD2 1 
ATOM   502  N  N   . PHE A 1 88  ? -0.899  -10.039 7.268   1.00 49.78  ? 153 PHE A N   1 
ATOM   503  C  CA  . PHE A 1 88  ? -2.172  -9.363  7.093   1.00 54.86  ? 153 PHE A CA  1 
ATOM   504  C  C   . PHE A 1 88  ? -2.212  -8.532  5.805   1.00 54.73  ? 153 PHE A C   1 
ATOM   505  O  O   . PHE A 1 88  ? -3.290  -8.336  5.250   1.00 59.13  ? 153 PHE A O   1 
ATOM   506  C  CB  . PHE A 1 88  ? -2.444  -8.503  8.329   1.00 55.06  ? 153 PHE A CB  1 
ATOM   507  C  CG  . PHE A 1 88  ? -3.826  -7.906  8.405   1.00 60.20  ? 153 PHE A CG  1 
ATOM   508  C  CD1 . PHE A 1 88  ? -4.955  -8.702  8.252   1.00 57.58  ? 153 PHE A CD1 1 
ATOM   509  C  CD2 . PHE A 1 88  ? -3.997  -6.543  8.643   1.00 62.46  ? 153 PHE A CD2 1 
ATOM   510  C  CE1 . PHE A 1 88  ? -6.226  -8.144  8.334   1.00 58.04  ? 153 PHE A CE1 1 
ATOM   511  C  CE2 . PHE A 1 88  ? -5.266  -5.988  8.728   1.00 57.87  ? 153 PHE A CE2 1 
ATOM   512  C  CZ  . PHE A 1 88  ? -6.376  -6.791  8.572   1.00 57.19  ? 153 PHE A CZ  1 
ATOM   513  N  N   . ASN A 1 89  ? -1.051  -8.016  5.369   1.00 48.99  ? 154 ASN A N   1 
ATOM   514  C  CA  . ASN A 1 89  ? -0.939  -7.119  4.229   1.00 42.72  ? 154 ASN A CA  1 
ATOM   515  C  C   . ASN A 1 89  ? -0.828  -7.911  2.932   1.00 45.64  ? 154 ASN A C   1 
ATOM   516  O  O   . ASN A 1 89  ? -1.414  -7.518  1.921   1.00 47.59  ? 154 ASN A O   1 
ATOM   517  C  CB  . ASN A 1 89  ? 0.242   -6.154  4.352   1.00 39.67  ? 154 ASN A CB  1 
ATOM   518  C  CG  . ASN A 1 89  ? 0.003   -5.046  5.363   1.00 42.60  ? 154 ASN A CG  1 
ATOM   519  O  OD1 . ASN A 1 89  ? -1.131  -4.702  5.686   1.00 45.39  ? 154 ASN A OD1 1 
ATOM   520  N  ND2 . ASN A 1 89  ? 1.072   -4.463  5.870   1.00 46.22  ? 154 ASN A ND2 1 
ATOM   521  N  N   . LEU A 1 90  ? -0.075  -9.021  2.960   1.00 44.66  ? 155 LEU A N   1 
ATOM   522  C  CA  . LEU A 1 90  ? 0.095   -9.835  1.766   1.00 42.52  ? 155 LEU A CA  1 
ATOM   523  C  C   . LEU A 1 90  ? -1.210  -10.552 1.436   1.00 43.54  ? 155 LEU A C   1 
ATOM   524  O  O   . LEU A 1 90  ? -1.533  -10.680 0.257   1.00 43.59  ? 155 LEU A O   1 
ATOM   525  C  CB  . LEU A 1 90  ? 1.246   -10.828 1.922   1.00 39.31  ? 155 LEU A CB  1 
ATOM   526  C  CG  . LEU A 1 90  ? 2.638   -10.208 1.897   1.00 40.83  ? 155 LEU A CG  1 
ATOM   527  C  CD1 . LEU A 1 90  ? 3.702   -11.285 2.081   1.00 37.36  ? 155 LEU A CD1 1 
ATOM   528  C  CD2 . LEU A 1 90  ? 2.866   -9.388  0.629   1.00 34.21  ? 155 LEU A CD2 1 
ATOM   529  N  N   . LEU A 1 91  ? -1.952  -10.972 2.475   1.00 40.65  ? 156 LEU A N   1 
ATOM   530  C  CA  . LEU A 1 91  ? -3.299  -11.500 2.298   1.00 44.47  ? 156 LEU A CA  1 
ATOM   531  C  C   . LEU A 1 91  ? -4.171  -10.539 1.480   1.00 42.83  ? 156 LEU A C   1 
ATOM   532  O  O   . LEU A 1 91  ? -4.627  -10.905 0.401   1.00 44.47  ? 156 LEU A O   1 
ATOM   533  C  CB  . LEU A 1 91  ? -3.941  -11.822 3.654   1.00 48.27  ? 156 LEU A CB  1 
ATOM   534  C  CG  . LEU A 1 91  ? -5.388  -12.313 3.563   1.00 52.91  ? 156 LEU A CG  1 
ATOM   535  C  CD1 . LEU A 1 91  ? -5.420  -13.781 3.163   1.00 52.69  ? 156 LEU A CD1 1 
ATOM   536  C  CD2 . LEU A 1 91  ? -6.180  -12.071 4.851   1.00 49.90  ? 156 LEU A CD2 1 
ATOM   537  N  N   . TRP A 1 92  ? -4.436  -9.334  2.010   1.00 39.97  ? 157 TRP A N   1 
ATOM   538  C  CA  . TRP A 1 92  ? -5.191  -8.299  1.313   1.00 43.60  ? 157 TRP A CA  1 
ATOM   539  C  C   . TRP A 1 92  ? -4.647  -8.025  -0.100  1.00 47.63  ? 157 TRP A C   1 
ATOM   540  O  O   . TRP A 1 92  ? -5.410  -7.807  -1.047  1.00 42.73  ? 157 TRP A O   1 
ATOM   541  C  CB  . TRP A 1 92  ? -5.202  -7.016  2.147   1.00 43.34  ? 157 TRP A CB  1 
ATOM   542  C  CG  . TRP A 1 92  ? -6.199  -7.032  3.260   1.00 48.07  ? 157 TRP A CG  1 
ATOM   543  C  CD1 . TRP A 1 92  ? -5.958  -7.267  4.581   1.00 47.86  ? 157 TRP A CD1 1 
ATOM   544  C  CD2 . TRP A 1 92  ? -7.609  -6.785  3.148   1.00 52.00  ? 157 TRP A CD2 1 
ATOM   545  N  NE1 . TRP A 1 92  ? -7.122  -7.189  5.293   1.00 50.65  ? 157 TRP A NE1 1 
ATOM   546  C  CE2 . TRP A 1 92  ? -8.149  -6.884  4.446   1.00 49.72  ? 157 TRP A CE2 1 
ATOM   547  C  CE3 . TRP A 1 92  ? -8.469  -6.504  2.076   1.00 54.77  ? 157 TRP A CE3 1 
ATOM   548  C  CZ2 . TRP A 1 92  ? -9.506  -6.706  4.702   1.00 57.04  ? 157 TRP A CZ2 1 
ATOM   549  C  CZ3 . TRP A 1 92  ? -9.810  -6.320  2.331   1.00 58.91  ? 157 TRP A CZ3 1 
ATOM   550  C  CH2 . TRP A 1 92  ? -10.320 -6.425  3.628   1.00 61.16  ? 157 TRP A CH2 1 
ATOM   551  N  N   . TRP A 1 93  ? -3.312  -8.007  -0.230  1.00 46.93  ? 158 TRP A N   1 
ATOM   552  C  CA  . TRP A 1 93  ? -2.645  -7.662  -1.473  1.00 40.54  ? 158 TRP A CA  1 
ATOM   553  C  C   . TRP A 1 93  ? -2.886  -8.764  -2.508  1.00 41.17  ? 158 TRP A C   1 
ATOM   554  O  O   . TRP A 1 93  ? -3.088  -8.496  -3.698  1.00 33.63  ? 158 TRP A O   1 
ATOM   555  C  CB  . TRP A 1 93  ? -1.150  -7.399  -1.223  1.00 35.81  ? 158 TRP A CB  1 
ATOM   556  C  CG  . TRP A 1 93  ? -0.314  -7.543  -2.455  1.00 37.92  ? 158 TRP A CG  1 
ATOM   557  C  CD1 . TRP A 1 93  ? 0.314   -8.675  -2.885  1.00 36.67  ? 158 TRP A CD1 1 
ATOM   558  C  CD2 . TRP A 1 93  ? -0.048  -6.540  -3.457  1.00 37.58  ? 158 TRP A CD2 1 
ATOM   559  N  NE1 . TRP A 1 93  ? 0.962   -8.445  -4.068  1.00 36.99  ? 158 TRP A NE1 1 
ATOM   560  C  CE2 . TRP A 1 93  ? 0.744   -7.152  -4.455  1.00 36.78  ? 158 TRP A CE2 1 
ATOM   561  C  CE3 . TRP A 1 93  ? -0.408  -5.200  -3.618  1.00 33.66  ? 158 TRP A CE3 1 
ATOM   562  C  CZ2 . TRP A 1 93  ? 1.186   -6.468  -5.585  1.00 36.09  ? 158 TRP A CZ2 1 
ATOM   563  C  CZ3 . TRP A 1 93  ? 0.036   -4.525  -4.732  1.00 34.42  ? 158 TRP A CZ3 1 
ATOM   564  C  CH2 . TRP A 1 93  ? 0.829   -5.144  -5.701  1.00 35.03  ? 158 TRP A CH2 1 
ATOM   565  N  N   . TRP A 1 94  ? -2.847  -10.018 -2.044  1.00 42.34  ? 159 TRP A N   1 
ATOM   566  C  CA  . TRP A 1 94  ? -2.988  -11.130 -2.971  1.00 42.13  ? 159 TRP A CA  1 
ATOM   567  C  C   . TRP A 1 94  ? -4.448  -11.197 -3.438  1.00 42.07  ? 159 TRP A C   1 
ATOM   568  O  O   . TRP A 1 94  ? -4.713  -11.332 -4.625  1.00 42.17  ? 159 TRP A O   1 
ATOM   569  C  CB  . TRP A 1 94  ? -2.414  -12.439 -2.393  1.00 40.36  ? 159 TRP A CB  1 
ATOM   570  C  CG  . TRP A 1 94  ? -2.865  -13.706 -3.069  1.00 48.19  ? 159 TRP A CG  1 
ATOM   571  C  CD1 . TRP A 1 94  ? -2.227  -14.390 -4.070  1.00 44.38  ? 159 TRP A CD1 1 
ATOM   572  C  CD2 . TRP A 1 94  ? -4.070  -14.452 -2.778  1.00 48.33  ? 159 TRP A CD2 1 
ATOM   573  N  NE1 . TRP A 1 94  ? -2.958  -15.498 -4.423  1.00 46.90  ? 159 TRP A NE1 1 
ATOM   574  C  CE2 . TRP A 1 94  ? -4.094  -15.559 -3.656  1.00 46.90  ? 159 TRP A CE2 1 
ATOM   575  C  CE3 . TRP A 1 94  ? -5.140  -14.279 -1.884  1.00 49.19  ? 159 TRP A CE3 1 
ATOM   576  C  CZ2 . TRP A 1 94  ? -5.135  -16.491 -3.645  1.00 49.62  ? 159 TRP A CZ2 1 
ATOM   577  C  CZ3 . TRP A 1 94  ? -6.164  -15.207 -1.866  1.00 55.45  ? 159 TRP A CZ3 1 
ATOM   578  C  CH2 . TRP A 1 94  ? -6.165  -16.298 -2.743  1.00 51.57  ? 159 TRP A CH2 1 
ATOM   579  N  N   . TYR A 1 95  ? -5.384  -11.030 -2.502  1.00 42.34  ? 160 TYR A N   1 
ATOM   580  C  CA  . TYR A 1 95  ? -6.813  -10.972 -2.776  1.00 41.45  ? 160 TYR A CA  1 
ATOM   581  C  C   . TYR A 1 95  ? -7.162  -9.829  -3.732  1.00 38.93  ? 160 TYR A C   1 
ATOM   582  O  O   . TYR A 1 95  ? -7.718  -10.087 -4.786  1.00 41.67  ? 160 TYR A O   1 
ATOM   583  C  CB  . TYR A 1 95  ? -7.602  -10.858 -1.465  1.00 43.70  ? 160 TYR A CB  1 
ATOM   584  C  CG  . TYR A 1 95  ? -9.099  -10.872 -1.645  1.00 48.88  ? 160 TYR A CG  1 
ATOM   585  C  CD1 . TYR A 1 95  ? -9.895  -9.855  -1.131  1.00 47.24  ? 160 TYR A CD1 1 
ATOM   586  C  CD2 . TYR A 1 95  ? -9.723  -11.897 -2.340  1.00 48.61  ? 160 TYR A CD2 1 
ATOM   587  C  CE1 . TYR A 1 95  ? -11.271 -9.851  -1.300  1.00 43.62  ? 160 TYR A CE1 1 
ATOM   588  C  CE2 . TYR A 1 95  ? -11.098 -11.901 -2.528  1.00 46.99  ? 160 TYR A CE2 1 
ATOM   589  C  CZ  . TYR A 1 95  ? -11.871 -10.875 -2.015  1.00 48.01  ? 160 TYR A CZ  1 
ATOM   590  O  OH  . TYR A 1 95  ? -13.227 -10.881 -2.206  1.00 58.95  ? 160 TYR A OH  1 
ATOM   591  N  N   . LEU A 1 96  ? -6.846  -8.575  -3.365  1.00 37.47  ? 161 LEU A N   1 
ATOM   592  C  CA  . LEU A 1 96  ? -7.279  -7.412  -4.123  1.00 34.02  ? 161 LEU A CA  1 
ATOM   593  C  C   . LEU A 1 96  ? -6.326  -7.148  -5.291  1.00 36.69  ? 161 LEU A C   1 
ATOM   594  O  O   . LEU A 1 96  ? -6.791  -6.799  -6.379  1.00 31.10  ? 161 LEU A O   1 
ATOM   595  C  CB  . LEU A 1 96  ? -7.335  -6.175  -3.226  1.00 34.54  ? 161 LEU A CB  1 
ATOM   596  C  CG  . LEU A 1 96  ? -8.295  -6.199  -2.037  1.00 38.09  ? 161 LEU A CG  1 
ATOM   597  C  CD1 . LEU A 1 96  ? -8.003  -5.028  -1.105  1.00 35.61  ? 161 LEU A CD1 1 
ATOM   598  C  CD2 . LEU A 1 96  ? -9.752  -6.178  -2.479  1.00 33.71  ? 161 LEU A CD2 1 
ATOM   599  N  N   . GLY A 1 97  ? -5.005  -7.259  -5.052  1.00 32.51  ? 162 GLY A N   1 
ATOM   600  C  CA  . GLY A 1 97  ? -4.030  -7.111  -6.121  1.00 34.64  ? 162 GLY A CA  1 
ATOM   601  C  C   . GLY A 1 97  ? -4.161  -8.180  -7.219  1.00 41.28  ? 162 GLY A C   1 
ATOM   602  O  O   . GLY A 1 97  ? -4.073  -7.874  -8.418  1.00 44.62  ? 162 GLY A O   1 
ATOM   603  N  N   . GLY A 1 98  ? -4.360  -9.440  -6.805  1.00 38.64  ? 163 GLY A N   1 
ATOM   604  C  CA  . GLY A 1 98  ? -4.525  -10.539 -7.733  1.00 32.70  ? 163 GLY A CA  1 
ATOM   605  C  C   . GLY A 1 98  ? -5.745  -10.282 -8.605  1.00 37.79  ? 163 GLY A C   1 
ATOM   606  O  O   . GLY A 1 98  ? -5.699  -10.504 -9.810  1.00 40.59  ? 163 GLY A O   1 
ATOM   607  N  N   . ALA A 1 99  ? -6.823  -9.787  -7.982  1.00 35.38  ? 164 ALA A N   1 
ATOM   608  C  CA  . ALA A 1 99  ? -8.040  -9.477  -8.723  1.00 35.79  ? 164 ALA A CA  1 
ATOM   609  C  C   . ALA A 1 99  ? -7.774  -8.425  -9.805  1.00 36.54  ? 164 ALA A C   1 
ATOM   610  O  O   . ALA A 1 99  ? -8.226  -8.579  -10.936 1.00 35.59  ? 164 ALA A O   1 
ATOM   611  C  CB  . ALA A 1 99  ? -9.149  -9.038  -7.790  1.00 31.35  ? 164 ALA A CB  1 
ATOM   612  N  N   . VAL A 1 100 ? -7.038  -7.359  -9.467  1.00 36.30  ? 165 VAL A N   1 
ATOM   613  C  CA  . VAL A 1 100 ? -6.796  -6.307  -10.447 1.00 39.21  ? 165 VAL A CA  1 
ATOM   614  C  C   . VAL A 1 100 ? -5.935  -6.848  -11.590 1.00 38.97  ? 165 VAL A C   1 
ATOM   615  O  O   . VAL A 1 100 ? -6.180  -6.540  -12.755 1.00 40.13  ? 165 VAL A O   1 
ATOM   616  C  CB  . VAL A 1 100 ? -6.171  -5.044  -9.822  1.00 39.30  ? 165 VAL A CB  1 
ATOM   617  C  CG1 . VAL A 1 100 ? -5.785  -4.016  -10.883 1.00 36.71  ? 165 VAL A CG1 1 
ATOM   618  C  CG2 . VAL A 1 100 ? -7.089  -4.420  -8.779  1.00 41.16  ? 165 VAL A CG2 1 
ATOM   619  N  N   . GLU A 1 101 ? -4.914  -7.642  -11.256 1.00 38.20  ? 166 GLU A N   1 
ATOM   620  C  CA  . GLU A 1 101 ? -4.000  -8.122  -12.278 1.00 39.42  ? 166 GLU A CA  1 
ATOM   621  C  C   . GLU A 1 101 ? -4.736  -9.056  -13.234 1.00 40.25  ? 166 GLU A C   1 
ATOM   622  O  O   . GLU A 1 101 ? -4.598  -8.928  -14.445 1.00 40.56  ? 166 GLU A O   1 
ATOM   623  C  CB  . GLU A 1 101 ? -2.842  -8.890  -11.658 1.00 40.29  ? 166 GLU A CB  1 
ATOM   624  C  CG  . GLU A 1 101 ? -1.782  -9.218  -12.683 1.00 41.62  ? 166 GLU A CG  1 
ATOM   625  C  CD  . GLU A 1 101 ? -0.423  -9.431  -12.061 1.00 41.76  ? 166 GLU A CD  1 
ATOM   626  O  OE1 . GLU A 1 101 ? -0.369  -9.863  -10.890 1.00 47.12  ? 166 GLU A OE1 1 
ATOM   627  O  OE2 . GLU A 1 101 ? 0.564   -9.171  -12.743 1.00 41.86  ? 166 GLU A OE2 1 
ATOM   628  N  N   . LYS A 1 102 ? -5.541  -9.960  -12.674 1.00 39.32  ? 167 LYS A N   1 
ATOM   629  C  CA  . LYS A 1 102 ? -6.269  -10.954 -13.451 1.00 44.73  ? 167 LYS A CA  1 
ATOM   630  C  C   . LYS A 1 102 ? -7.247  -10.304 -14.436 1.00 49.19  ? 167 LYS A C   1 
ATOM   631  O  O   . LYS A 1 102 ? -7.268  -10.704 -15.595 1.00 45.19  ? 167 LYS A O   1 
ATOM   632  C  CB  . LYS A 1 102 ? -6.978  -11.946 -12.526 1.00 44.47  ? 167 LYS A CB  1 
ATOM   633  C  CG  . LYS A 1 102 ? -7.931  -12.898 -13.231 1.00 49.48  ? 167 LYS A CG  1 
ATOM   634  C  CD  . LYS A 1 102 ? -8.665  -13.803 -12.264 1.00 57.73  ? 167 LYS A CD  1 
ATOM   635  C  CE  . LYS A 1 102 ? -7.745  -14.807 -11.597 1.00 64.20  ? 167 LYS A CE  1 
ATOM   636  N  NZ  . LYS A 1 102 ? -7.489  -15.968 -12.484 1.00 63.29  ? 167 LYS A NZ  1 
ATOM   637  N  N   . ARG A 1 103 ? -8.038  -9.313  -13.970 1.00 47.53  ? 168 ARG A N   1 
ATOM   638  C  CA  . ARG A 1 103 ? -9.121  -8.697  -14.721 1.00 40.48  ? 168 ARG A CA  1 
ATOM   639  C  C   . ARG A 1 103 ? -8.635  -7.562  -15.619 1.00 42.90  ? 168 ARG A C   1 
ATOM   640  O  O   . ARG A 1 103 ? -9.124  -7.422  -16.737 1.00 38.79  ? 168 ARG A O   1 
ATOM   641  C  CB  . ARG A 1 103 ? -10.198 -8.162  -13.774 1.00 42.82  ? 168 ARG A CB  1 
ATOM   642  C  CG  . ARG A 1 103 ? -11.147 -9.234  -13.266 1.00 47.17  ? 168 ARG A CG  1 
ATOM   643  C  CD  . ARG A 1 103 ? -12.129 -9.481  -14.375 1.00 47.94  ? 168 ARG A CD  1 
ATOM   644  N  NE  . ARG A 1 103 ? -12.224 -10.873 -14.764 1.00 57.46  ? 168 ARG A NE  1 
ATOM   645  C  CZ  . ARG A 1 103 ? -13.236 -11.672 -14.466 1.00 58.40  ? 168 ARG A CZ  1 
ATOM   646  N  NH1 . ARG A 1 103 ? -14.245 -11.223 -13.737 1.00 57.80  ? 168 ARG A NH1 1 
ATOM   647  N  NH2 . ARG A 1 103 ? -13.219 -12.921 -14.894 1.00 58.69  ? 168 ARG A NH2 1 
ATOM   648  N  N   . LEU A 1 104 ? -7.677  -6.755  -15.129 1.00 44.19  ? 169 LEU A N   1 
ATOM   649  C  CA  . LEU A 1 104 ? -7.324  -5.503  -15.784 1.00 37.56  ? 169 LEU A CA  1 
ATOM   650  C  C   . LEU A 1 104 ? -5.878  -5.494  -16.282 1.00 37.93  ? 169 LEU A C   1 
ATOM   651  O  O   . LEU A 1 104 ? -5.468  -4.551  -16.948 1.00 42.49  ? 169 LEU A O   1 
ATOM   652  C  CB  . LEU A 1 104 ? -7.559  -4.356  -14.799 1.00 36.29  ? 169 LEU A CB  1 
ATOM   653  C  CG  . LEU A 1 104 ? -8.961  -4.256  -14.200 1.00 36.02  ? 169 LEU A CG  1 
ATOM   654  C  CD1 . LEU A 1 104 ? -9.041  -3.108  -13.208 1.00 38.70  ? 169 LEU A CD1 1 
ATOM   655  C  CD2 . LEU A 1 104 ? -10.020 -4.109  -15.272 1.00 35.17  ? 169 LEU A CD2 1 
ATOM   656  N  N   . GLY A 1 105 ? -5.082  -6.510  -15.931 1.00 40.19  ? 170 GLY A N   1 
ATOM   657  C  CA  . GLY A 1 105 ? -3.715  -6.617  -16.420 1.00 33.03  ? 170 GLY A CA  1 
ATOM   658  C  C   . GLY A 1 105 ? -2.685  -6.174  -15.381 1.00 43.03  ? 170 GLY A C   1 
ATOM   659  O  O   . GLY A 1 105 ? -3.017  -5.472  -14.414 1.00 44.89  ? 170 GLY A O   1 
ATOM   660  N  N   . SER A 1 106 ? -1.436  -6.597  -15.624 1.00 38.20  ? 171 SER A N   1 
ATOM   661  C  CA  . SER A 1 106 ? -0.232  -6.265  -14.875 1.00 37.09  ? 171 SER A CA  1 
ATOM   662  C  C   . SER A 1 106 ? 0.096   -4.768  -14.893 1.00 36.93  ? 171 SER A C   1 
ATOM   663  O  O   . SER A 1 106 ? 0.518   -4.222  -13.868 1.00 37.83  ? 171 SER A O   1 
ATOM   664  C  CB  . SER A 1 106 ? 0.950   -7.070  -15.387 1.00 35.25  ? 171 SER A CB  1 
ATOM   665  O  OG  . SER A 1 106 ? 0.793   -8.445  -15.061 1.00 38.78  ? 171 SER A OG  1 
ATOM   666  N  N   . GLY A 1 107 ? -0.004  -4.127  -16.064 1.00 33.83  ? 172 GLY A N   1 
ATOM   667  C  CA  . GLY A 1 107 ? 0.265   -2.699  -16.182 1.00 35.62  ? 172 GLY A CA  1 
ATOM   668  C  C   . GLY A 1 107 ? -0.621  -1.833  -15.270 1.00 38.17  ? 172 GLY A C   1 
ATOM   669  O  O   . GLY A 1 107 ? -0.163  -0.829  -14.719 1.00 36.36  ? 172 GLY A O   1 
ATOM   670  N  N   . LYS A 1 108 ? -1.896  -2.224  -15.119 1.00 40.25  ? 173 LYS A N   1 
ATOM   671  C  CA  . LYS A 1 108 ? -2.834  -1.529  -14.248 1.00 40.71  ? 173 LYS A CA  1 
ATOM   672  C  C   . LYS A 1 108 ? -2.401  -1.642  -12.780 1.00 39.66  ? 173 LYS A C   1 
ATOM   673  O  O   . LYS A 1 108 ? -2.425  -0.651  -12.045 1.00 41.66  ? 173 LYS A O   1 
ATOM   674  C  CB  . LYS A 1 108 ? -4.248  -2.074  -14.473 1.00 39.64  ? 173 LYS A CB  1 
ATOM   675  C  CG  . LYS A 1 108 ? -5.353  -1.407  -13.667 1.00 39.96  ? 173 LYS A CG  1 
ATOM   676  C  CD  . LYS A 1 108 ? -5.396  0.086   -13.801 1.00 41.24  ? 173 LYS A CD  1 
ATOM   677  C  CE  . LYS A 1 108 ? -5.935  0.534   -15.141 1.00 46.26  ? 173 LYS A CE  1 
ATOM   678  N  NZ  . LYS A 1 108 ? -5.963  2.014   -15.233 1.00 53.58  ? 173 LYS A NZ  1 
ATOM   679  N  N   . LEU A 1 109 ? -1.985  -2.843  -12.356 1.00 37.09  ? 174 LEU A N   1 
ATOM   680  C  CA  . LEU A 1 109 ? -1.571  -3.037  -10.971 1.00 37.05  ? 174 LEU A CA  1 
ATOM   681  C  C   . LEU A 1 109 ? -0.256  -2.301  -10.683 1.00 37.79  ? 174 LEU A C   1 
ATOM   682  O  O   . LEU A 1 109 ? -0.105  -1.722  -9.605  1.00 39.52  ? 174 LEU A O   1 
ATOM   683  C  CB  . LEU A 1 109 ? -1.533  -4.534  -10.620 1.00 34.02  ? 174 LEU A CB  1 
ATOM   684  C  CG  . LEU A 1 109 ? -1.136  -4.886  -9.179  1.00 34.89  ? 174 LEU A CG  1 
ATOM   685  C  CD1 . LEU A 1 109 ? -2.107  -4.303  -8.163  1.00 32.32  ? 174 LEU A CD1 1 
ATOM   686  C  CD2 . LEU A 1 109 ? -0.999  -6.391  -8.969  1.00 31.13  ? 174 LEU A CD2 1 
ATOM   687  N  N   . ILE A 1 110 ? 0.670   -2.270  -11.660 1.00 35.84  ? 175 ILE A N   1 
ATOM   688  C  CA  . ILE A 1 110 ? 1.929   -1.548  -11.492 1.00 38.28  ? 175 ILE A CA  1 
ATOM   689  C  C   . ILE A 1 110 ? 1.656   -0.062  -11.207 1.00 40.07  ? 175 ILE A C   1 
ATOM   690  O  O   . ILE A 1 110 ? 2.275   0.532   -10.326 1.00 38.54  ? 175 ILE A O   1 
ATOM   691  C  CB  . ILE A 1 110 ? 2.870   -1.755  -12.702 1.00 36.63  ? 175 ILE A CB  1 
ATOM   692  C  CG1 . ILE A 1 110 ? 3.462   -3.161  -12.772 1.00 37.86  ? 175 ILE A CG1 1 
ATOM   693  C  CG2 . ILE A 1 110 ? 3.972   -0.720  -12.752 1.00 36.53  ? 175 ILE A CG2 1 
ATOM   694  C  CD1 . ILE A 1 110 ? 4.002   -3.515  -14.152 1.00 37.39  ? 175 ILE A CD1 1 
ATOM   695  N  N   . VAL A 1 111 ? 0.722   0.542   -11.953 1.00 38.88  ? 176 VAL A N   1 
ATOM   696  C  CA  . VAL A 1 111 ? 0.456   1.970   -11.860 1.00 38.61  ? 176 VAL A CA  1 
ATOM   697  C  C   . VAL A 1 111 ? -0.175  2.337   -10.511 1.00 39.93  ? 176 VAL A C   1 
ATOM   698  O  O   . VAL A 1 111 ? 0.266   3.294   -9.881  1.00 41.09  ? 176 VAL A O   1 
ATOM   699  C  CB  . VAL A 1 111 ? -0.369  2.475   -13.057 1.00 38.97  ? 176 VAL A CB  1 
ATOM   700  C  CG1 . VAL A 1 111 ? -0.764  3.939   -12.869 1.00 37.21  ? 176 VAL A CG1 1 
ATOM   701  C  CG2 . VAL A 1 111 ? 0.391   2.283   -14.368 1.00 35.82  ? 176 VAL A CG2 1 
ATOM   702  N  N   . ILE A 1 112 ? -1.184  1.577   -10.055 1.00 40.09  ? 177 ILE A N   1 
ATOM   703  C  CA  . ILE A 1 112 ? -1.816  1.815   -8.758  1.00 39.40  ? 177 ILE A CA  1 
ATOM   704  C  C   . ILE A 1 112 ? -0.765  1.713   -7.649  1.00 38.05  ? 177 ILE A C   1 
ATOM   705  O  O   . ILE A 1 112 ? -0.744  2.496   -6.713  1.00 37.25  ? 177 ILE A O   1 
ATOM   706  C  CB  . ILE A 1 112 ? -2.957  0.799   -8.517  1.00 41.56  ? 177 ILE A CB  1 
ATOM   707  C  CG1 . ILE A 1 112 ? -4.110  0.981   -9.511  1.00 40.59  ? 177 ILE A CG1 1 
ATOM   708  C  CG2 . ILE A 1 112 ? -3.427  0.847   -7.064  1.00 36.83  ? 177 ILE A CG2 1 
ATOM   709  C  CD1 . ILE A 1 112 ? -5.107  -0.176  -9.552  1.00 41.58  ? 177 ILE A CD1 1 
ATOM   710  N  N   . THR A 1 113 ? 0.117   0.723   -7.773  1.00 39.34  ? 178 THR A N   1 
ATOM   711  C  CA  . THR A 1 113 ? 1.171   0.455   -6.812  1.00 40.04  ? 178 THR A CA  1 
ATOM   712  C  C   . THR A 1 113 ? 2.095   1.668   -6.685  1.00 38.16  ? 178 THR A C   1 
ATOM   713  O  O   . THR A 1 113 ? 2.323   2.147   -5.570  1.00 39.32  ? 178 THR A O   1 
ATOM   714  C  CB  . THR A 1 113 ? 1.848   -0.885  -7.146  1.00 42.43  ? 178 THR A CB  1 
ATOM   715  O  OG1 . THR A 1 113 ? 0.856   -1.910  -6.986  1.00 38.15  ? 178 THR A OG1 1 
ATOM   716  C  CG2 . THR A 1 113 ? 3.097   -1.172  -6.331  1.00 35.83  ? 178 THR A CG2 1 
ATOM   717  N  N   . LEU A 1 114 ? 2.593   2.161   -7.826  1.00 36.61  ? 179 LEU A N   1 
ATOM   718  C  CA  . LEU A 1 114 ? 3.639   3.168   -7.881  1.00 35.39  ? 179 LEU A CA  1 
ATOM   719  C  C   . LEU A 1 114 ? 3.096   4.505   -7.373  1.00 34.21  ? 179 LEU A C   1 
ATOM   720  O  O   . LEU A 1 114 ? 3.697   5.146   -6.506  1.00 33.24  ? 179 LEU A O   1 
ATOM   721  C  CB  . LEU A 1 114 ? 4.179   3.269   -9.316  1.00 35.22  ? 179 LEU A CB  1 
ATOM   722  C  CG  . LEU A 1 114 ? 5.189   2.200   -9.754  1.00 41.35  ? 179 LEU A CG  1 
ATOM   723  C  CD1 . LEU A 1 114 ? 5.641   2.431   -11.191 1.00 44.17  ? 179 LEU A CD1 1 
ATOM   724  C  CD2 . LEU A 1 114 ? 6.409   2.124   -8.832  1.00 35.52  ? 179 LEU A CD2 1 
ATOM   725  N  N   . ILE A 1 115 ? 1.931   4.897   -7.898  1.00 35.68  ? 180 ILE A N   1 
ATOM   726  C  CA  . ILE A 1 115 ? 1.295   6.156   -7.520  1.00 37.58  ? 180 ILE A CA  1 
ATOM   727  C  C   . ILE A 1 115 ? 0.912   6.140   -6.036  1.00 36.48  ? 180 ILE A C   1 
ATOM   728  O  O   . ILE A 1 115 ? 1.254   7.066   -5.308  1.00 32.03  ? 180 ILE A O   1 
ATOM   729  C  CB  . ILE A 1 115 ? 0.086   6.464   -8.428  1.00 36.49  ? 180 ILE A CB  1 
ATOM   730  C  CG1 . ILE A 1 115 ? 0.544   6.647   -9.884  1.00 41.33  ? 180 ILE A CG1 1 
ATOM   731  C  CG2 . ILE A 1 115 ? -0.678  7.678   -7.902  1.00 35.24  ? 180 ILE A CG2 1 
ATOM   732  C  CD1 . ILE A 1 115 ? -0.533  7.139   -10.841 1.00 38.21  ? 180 ILE A CD1 1 
ATOM   733  N  N   . SER A 1 116 ? 0.206   5.093   -5.584  1.00 33.56  ? 181 SER A N   1 
ATOM   734  C  CA  . SER A 1 116 ? -0.210  5.061   -4.192  1.00 33.59  ? 181 SER A CA  1 
ATOM   735  C  C   . SER A 1 116 ? 0.992   5.006   -3.251  1.00 34.37  ? 181 SER A C   1 
ATOM   736  O  O   . SER A 1 116 ? 0.949   5.653   -2.203  1.00 37.91  ? 181 SER A O   1 
ATOM   737  C  CB  . SER A 1 116 ? -1.163  3.952   -3.920  1.00 35.06  ? 181 SER A CB  1 
ATOM   738  O  OG  . SER A 1 116 ? -0.527  2.707   -4.160  1.00 37.18  ? 181 SER A OG  1 
ATOM   739  N  N   . ALA A 1 117 ? 2.047   4.239   -3.605  1.00 30.28  ? 182 ALA A N   1 
ATOM   740  C  CA  . ALA A 1 117 ? 3.200   4.150   -2.723  1.00 28.76  ? 182 ALA A CA  1 
ATOM   741  C  C   . ALA A 1 117 ? 3.846   5.528   -2.560  1.00 30.66  ? 182 ALA A C   1 
ATOM   742  O  O   . ALA A 1 117 ? 4.079   5.986   -1.441  1.00 34.62  ? 182 ALA A O   1 
ATOM   743  C  CB  . ALA A 1 117 ? 4.178   3.117   -3.200  1.00 28.70  ? 182 ALA A CB  1 
ATOM   744  N  N   . LEU A 1 118 ? 4.096   6.203   -3.683  1.00 32.43  ? 183 LEU A N   1 
ATOM   745  C  CA  . LEU A 1 118 ? 4.654   7.546   -3.678  1.00 35.79  ? 183 LEU A CA  1 
ATOM   746  C  C   . LEU A 1 118 ? 3.793   8.537   -2.863  1.00 38.34  ? 183 LEU A C   1 
ATOM   747  O  O   . LEU A 1 118 ? 4.301   9.204   -1.955  1.00 35.29  ? 183 LEU A O   1 
ATOM   748  C  CB  . LEU A 1 118 ? 4.856   7.951   -5.143  1.00 38.29  ? 183 LEU A CB  1 
ATOM   749  C  CG  . LEU A 1 118 ? 5.320   9.384   -5.389  1.00 46.46  ? 183 LEU A CG  1 
ATOM   750  C  CD1 . LEU A 1 118 ? 6.617   9.690   -4.645  1.00 43.36  ? 183 LEU A CD1 1 
ATOM   751  C  CD2 . LEU A 1 118 ? 5.506   9.631   -6.879  1.00 47.54  ? 183 LEU A CD2 1 
ATOM   752  N  N   . LEU A 1 119 ? 2.473   8.602   -3.134  1.00 37.55  ? 184 LEU A N   1 
ATOM   753  C  CA  . LEU A 1 119 ? 1.582   9.590   -2.516  1.00 36.91  ? 184 LEU A CA  1 
ATOM   754  C  C   . LEU A 1 119 ? 1.225   9.246   -1.059  1.00 38.41  ? 184 LEU A C   1 
ATOM   755  O  O   . LEU A 1 119 ? 1.131   10.138  -0.210  1.00 39.61  ? 184 LEU A O   1 
ATOM   756  C  CB  . LEU A 1 119 ? 0.343   9.823   -3.396  1.00 37.23  ? 184 LEU A CB  1 
ATOM   757  C  CG  . LEU A 1 119 ? 0.609   10.347  -4.818  1.00 42.19  ? 184 LEU A CG  1 
ATOM   758  C  CD1 . LEU A 1 119 ? -0.678  10.762  -5.512  1.00 44.99  ? 184 LEU A CD1 1 
ATOM   759  C  CD2 . LEU A 1 119 ? 1.576   11.516  -4.833  1.00 45.68  ? 184 LEU A CD2 1 
ATOM   760  N  N   . SER A 1 120 ? 1.044   7.960   -0.734  1.00 38.71  ? 185 SER A N   1 
ATOM   761  C  CA  . SER A 1 120 ? 0.820   7.598   0.659   1.00 40.09  ? 185 SER A CA  1 
ATOM   762  C  C   . SER A 1 120 ? 2.064   7.888   1.504   1.00 39.80  ? 185 SER A C   1 
ATOM   763  O  O   . SER A 1 120 ? 1.941   8.250   2.675   1.00 40.76  ? 185 SER A O   1 
ATOM   764  C  CB  . SER A 1 120 ? 0.358   6.165   0.803   1.00 43.43  ? 185 SER A CB  1 
ATOM   765  O  OG  . SER A 1 120 ? 1.376   5.269   0.377   1.00 47.58  ? 185 SER A OG  1 
ATOM   766  N  N   . GLY A 1 121 ? 3.262   7.723   0.913   1.00 36.78  ? 186 GLY A N   1 
ATOM   767  C  CA  . GLY A 1 121 ? 4.496   8.058   1.607   1.00 37.12  ? 186 GLY A CA  1 
ATOM   768  C  C   . GLY A 1 121 ? 4.627   9.565   1.860   1.00 40.59  ? 186 GLY A C   1 
ATOM   769  O  O   . GLY A 1 121 ? 4.908   10.002  2.981   1.00 33.39  ? 186 GLY A O   1 
ATOM   770  N  N   . TYR A 1 122 ? 4.413   10.345  0.783   1.00 44.41  ? 187 TYR A N   1 
ATOM   771  C  CA  . TYR A 1 122 ? 4.429   11.800  0.802   1.00 43.26  ? 187 TYR A CA  1 
ATOM   772  C  C   . TYR A 1 122 ? 3.528   12.353  1.916   1.00 45.66  ? 187 TYR A C   1 
ATOM   773  O  O   . TYR A 1 122 ? 3.904   13.266  2.657   1.00 44.83  ? 187 TYR A O   1 
ATOM   774  C  CB  . TYR A 1 122 ? 4.054   12.379  -0.564  1.00 42.64  ? 187 TYR A CB  1 
ATOM   775  C  CG  . TYR A 1 122 ? 4.114   13.886  -0.559  1.00 45.60  ? 187 TYR A CG  1 
ATOM   776  C  CD1 . TYR A 1 122 ? 5.316   14.549  -0.770  1.00 46.28  ? 187 TYR A CD1 1 
ATOM   777  C  CD2 . TYR A 1 122 ? 2.991   14.651  -0.263  1.00 46.22  ? 187 TYR A CD2 1 
ATOM   778  C  CE1 . TYR A 1 122 ? 5.399   15.933  -0.712  1.00 49.35  ? 187 TYR A CE1 1 
ATOM   779  C  CE2 . TYR A 1 122 ? 3.052   16.038  -0.200  1.00 46.73  ? 187 TYR A CE2 1 
ATOM   780  C  CZ  . TYR A 1 122 ? 4.264   16.674  -0.416  1.00 51.00  ? 187 TYR A CZ  1 
ATOM   781  O  OH  . TYR A 1 122 ? 4.343   18.032  -0.378  1.00 56.47  ? 187 TYR A OH  1 
ATOM   782  N  N   . VAL A 1 123 ? 2.333   11.784  2.055   1.00 41.05  ? 188 VAL A N   1 
ATOM   783  C  CA  . VAL A 1 123 ? 1.401   12.339  3.019   1.00 41.41  ? 188 VAL A CA  1 
ATOM   784  C  C   . VAL A 1 123 ? 1.739   11.876  4.441   1.00 42.33  ? 188 VAL A C   1 
ATOM   785  O  O   . VAL A 1 123 ? 1.650   12.668  5.391   1.00 38.85  ? 188 VAL A O   1 
ATOM   786  C  CB  . VAL A 1 123 ? -0.051  12.059  2.583   1.00 40.40  ? 188 VAL A CB  1 
ATOM   787  C  CG1 . VAL A 1 123 ? -1.046  12.315  3.706   1.00 36.48  ? 188 VAL A CG1 1 
ATOM   788  C  CG2 . VAL A 1 123 ? -0.402  12.858  1.325   1.00 33.61  ? 188 VAL A CG2 1 
ATOM   789  N  N   . GLN A 1 124 ? 2.166   10.607  4.581   1.00 42.65  ? 189 GLN A N   1 
ATOM   790  C  CA  . GLN A 1 124 ? 2.535   10.074  5.888   1.00 39.38  ? 189 GLN A CA  1 
ATOM   791  C  C   . GLN A 1 124 ? 3.736   10.842  6.445   1.00 42.68  ? 189 GLN A C   1 
ATOM   792  O  O   . GLN A 1 124 ? 3.814   11.076  7.652   1.00 40.64  ? 189 GLN A O   1 
ATOM   793  C  CB  . GLN A 1 124 ? 2.919   8.604   5.801   1.00 40.93  ? 189 GLN A CB  1 
ATOM   794  C  CG  . GLN A 1 124 ? 3.305   8.007   7.148   1.00 37.92  ? 189 GLN A CG  1 
ATOM   795  C  CD  . GLN A 1 124 ? 2.235   8.245   8.182   1.00 42.40  ? 189 GLN A CD  1 
ATOM   796  O  OE1 . GLN A 1 124 ? 1.043   8.095   7.891   1.00 46.32  ? 189 GLN A OE1 1 
ATOM   797  N  NE2 . GLN A 1 124 ? 2.652   8.598   9.397   1.00 36.00  ? 189 GLN A NE2 1 
ATOM   798  N  N   . GLN A 1 125 ? 4.659   11.226  5.552   1.00 36.76  ? 190 GLN A N   1 
ATOM   799  C  CA  . GLN A 1 125 ? 5.843   11.967  5.941   1.00 38.77  ? 190 GLN A CA  1 
ATOM   800  C  C   . GLN A 1 125 ? 5.438   13.305  6.565   1.00 42.39  ? 190 GLN A C   1 
ATOM   801  O  O   . GLN A 1 125 ? 5.985   13.691  7.599   1.00 40.79  ? 190 GLN A O   1 
ATOM   802  C  CB  . GLN A 1 125 ? 6.750   12.155  4.726   1.00 39.80  ? 190 GLN A CB  1 
ATOM   803  C  CG  . GLN A 1 125 ? 8.181   12.459  5.104   1.00 47.87  ? 190 GLN A CG  1 
ATOM   804  C  CD  . GLN A 1 125 ? 8.311   13.881  5.586   1.00 56.49  ? 190 GLN A CD  1 
ATOM   805  O  OE1 . GLN A 1 125 ? 8.859   14.148  6.665   1.00 55.86  ? 190 GLN A OE1 1 
ATOM   806  N  NE2 . GLN A 1 125 ? 7.773   14.795  4.792   1.00 47.39  ? 190 GLN A NE2 1 
ATOM   807  N  N   . LYS A 1 126 ? 4.471   14.006  5.946   1.00 42.32  ? 191 LYS A N   1 
ATOM   808  C  CA  . LYS A 1 126 ? 4.065   15.322  6.409   1.00 39.23  ? 191 LYS A CA  1 
ATOM   809  C  C   . LYS A 1 126 ? 3.289   15.189  7.709   1.00 40.59  ? 191 LYS A C   1 
ATOM   810  O  O   . LYS A 1 126 ? 3.368   16.051  8.573   1.00 48.51  ? 191 LYS A O   1 
ATOM   811  C  CB  . LYS A 1 126 ? 3.140   15.992  5.400   1.00 39.75  ? 191 LYS A CB  1 
ATOM   812  C  CG  . LYS A 1 126 ? 3.767   16.310  4.055   1.00 40.13  ? 191 LYS A CG  1 
ATOM   813  C  CD  . LYS A 1 126 ? 4.829   17.358  4.181   1.00 37.12  ? 191 LYS A CD  1 
ATOM   814  C  CE  . LYS A 1 126 ? 5.009   18.122  2.891   1.00 36.73  ? 191 LYS A CE  1 
ATOM   815  N  NZ  . LYS A 1 126 ? 6.174   19.031  3.014   1.00 40.47  ? 191 LYS A NZ  1 
ATOM   816  N  N   . PHE A 1 127 ? 2.510   14.118  7.835   1.00 42.33  ? 192 PHE A N   1 
ATOM   817  C  CA  . PHE A 1 127 ? 1.735   13.989  9.055   1.00 41.51  ? 192 PHE A CA  1 
ATOM   818  C  C   . PHE A 1 127 ? 2.661   13.851  10.256  1.00 43.04  ? 192 PHE A C   1 
ATOM   819  O  O   . PHE A 1 127 ? 2.393   14.450  11.291  1.00 50.39  ? 192 PHE A O   1 
ATOM   820  C  CB  . PHE A 1 127 ? 0.770   12.802  9.008   1.00 37.87  ? 192 PHE A CB  1 
ATOM   821  C  CG  . PHE A 1 127 ? -0.591  13.155  8.482   1.00 35.67  ? 192 PHE A CG  1 
ATOM   822  C  CD1 . PHE A 1 127 ? -0.737  14.112  7.484   1.00 36.18  ? 192 PHE A CD1 1 
ATOM   823  C  CD2 . PHE A 1 127 ? -1.719  12.513  8.959   1.00 35.47  ? 192 PHE A CD2 1 
ATOM   824  C  CE1 . PHE A 1 127 ? -1.994  14.411  6.974   1.00 39.59  ? 192 PHE A CE1 1 
ATOM   825  C  CE2 . PHE A 1 127 ? -2.976  12.816  8.448   1.00 37.66  ? 192 PHE A CE2 1 
ATOM   826  C  CZ  . PHE A 1 127 ? -3.113  13.770  7.463   1.00 36.70  ? 192 PHE A CZ  1 
ATOM   827  N  N   . SER A 1 128 ? 3.700   13.017  10.132  1.00 40.94  ? 193 SER A N   1 
ATOM   828  C  CA  . SER A 1 128 ? 4.469   12.671  11.315  1.00 44.51  ? 193 SER A CA  1 
ATOM   829  C  C   . SER A 1 128 ? 5.875   12.147  11.007  1.00 41.63  ? 193 SER A C   1 
ATOM   830  O  O   . SER A 1 128 ? 6.437   11.391  11.796  1.00 39.59  ? 193 SER A O   1 
ATOM   831  C  CB  . SER A 1 128 ? 3.692   11.784  12.263  1.00 45.92  ? 193 SER A CB  1 
ATOM   832  O  OG  . SER A 1 128 ? 3.133   10.691  11.587  1.00 52.27  ? 193 SER A OG  1 
ATOM   833  N  N   . GLY A 1 129 ? 6.462   12.617  9.897   1.00 36.94  ? 194 GLY A N   1 
ATOM   834  C  CA  . GLY A 1 129 ? 7.870   12.398  9.642   1.00 34.88  ? 194 GLY A CA  1 
ATOM   835  C  C   . GLY A 1 129 ? 8.136   11.075  8.923   1.00 44.49  ? 194 GLY A C   1 
ATOM   836  O  O   . GLY A 1 129 ? 7.207   10.298  8.623   1.00 40.50  ? 194 GLY A O   1 
ATOM   837  N  N   . PRO A 1 130 ? 9.435   10.779  8.669   1.00 42.87  ? 195 PRO A N   1 
ATOM   838  C  CA  . PRO A 1 130 ? 9.825   9.750   7.703   1.00 41.67  ? 195 PRO A CA  1 
ATOM   839  C  C   . PRO A 1 130 ? 9.952   8.308   8.187   1.00 43.51  ? 195 PRO A C   1 
ATOM   840  O  O   . PRO A 1 130 ? 10.159  7.432   7.344   1.00 44.58  ? 195 PRO A O   1 
ATOM   841  C  CB  . PRO A 1 130 ? 11.187  10.267  7.211   1.00 42.22  ? 195 PRO A CB  1 
ATOM   842  C  CG  . PRO A 1 130 ? 11.782  10.986  8.427   1.00 41.69  ? 195 PRO A CG  1 
ATOM   843  C  CD  . PRO A 1 130 ? 10.595  11.499  9.225   1.00 40.72  ? 195 PRO A CD  1 
ATOM   844  N  N   . TRP A 1 131 ? 9.770   8.065   9.503   1.00 42.36  ? 196 TRP A N   1 
ATOM   845  C  CA  . TRP A 1 131 ? 9.957   6.732   10.089  1.00 40.75  ? 196 TRP A CA  1 
ATOM   846  C  C   . TRP A 1 131 ? 8.650   5.934   10.140  1.00 37.69  ? 196 TRP A C   1 
ATOM   847  O  O   . TRP A 1 131 ? 7.972   5.864   11.162  1.00 35.99  ? 196 TRP A O   1 
ATOM   848  C  CB  . TRP A 1 131 ? 10.728  6.744   11.425  1.00 39.94  ? 196 TRP A CB  1 
ATOM   849  C  CG  . TRP A 1 131 ? 12.006  7.529   11.319  1.00 45.29  ? 196 TRP A CG  1 
ATOM   850  C  CD1 . TRP A 1 131 ? 12.263  8.724   11.932  1.00 42.59  ? 196 TRP A CD1 1 
ATOM   851  C  CD2 . TRP A 1 131 ? 13.152  7.264   10.474  1.00 45.77  ? 196 TRP A CD2 1 
ATOM   852  N  NE1 . TRP A 1 131 ? 13.482  9.211   11.542  1.00 44.55  ? 196 TRP A NE1 1 
ATOM   853  C  CE2 . TRP A 1 131 ? 14.066  8.334   10.668  1.00 46.34  ? 196 TRP A CE2 1 
ATOM   854  C  CE3 . TRP A 1 131 ? 13.518  6.236   9.586   1.00 45.27  ? 196 TRP A CE3 1 
ATOM   855  C  CZ2 . TRP A 1 131 ? 15.307  8.395   10.022  1.00 44.21  ? 196 TRP A CZ2 1 
ATOM   856  C  CZ3 . TRP A 1 131 ? 14.743  6.296   8.941   1.00 42.59  ? 196 TRP A CZ3 1 
ATOM   857  C  CH2 . TRP A 1 131 ? 15.625  7.360   9.158   1.00 44.67  ? 196 TRP A CH2 1 
ATOM   858  N  N   . PHE A 1 132 ? 8.319   5.333   8.995   1.00 33.18  ? 197 PHE A N   1 
ATOM   859  C  CA  . PHE A 1 132 ? 7.158   4.479   8.826   1.00 33.01  ? 197 PHE A CA  1 
ATOM   860  C  C   . PHE A 1 132 ? 7.470   3.470   7.720   1.00 33.00  ? 197 PHE A C   1 
ATOM   861  O  O   . PHE A 1 132 ? 8.429   3.642   6.961   1.00 31.92  ? 197 PHE A O   1 
ATOM   862  C  CB  . PHE A 1 132 ? 5.949   5.328   8.433   1.00 29.48  ? 197 PHE A CB  1 
ATOM   863  C  CG  . PHE A 1 132 ? 6.126   5.988   7.088   1.00 29.65  ? 197 PHE A CG  1 
ATOM   864  C  CD1 . PHE A 1 132 ? 5.739   5.337   5.918   1.00 27.35  ? 197 PHE A CD1 1 
ATOM   865  C  CD2 . PHE A 1 132 ? 6.707   7.245   6.990   1.00 28.68  ? 197 PHE A CD2 1 
ATOM   866  C  CE1 . PHE A 1 132 ? 5.925   5.951   4.689   1.00 28.66  ? 197 PHE A CE1 1 
ATOM   867  C  CE2 . PHE A 1 132 ? 6.889   7.864   5.760   1.00 28.49  ? 197 PHE A CE2 1 
ATOM   868  C  CZ  . PHE A 1 132 ? 6.518   7.201   4.612   1.00 29.52  ? 197 PHE A CZ  1 
ATOM   869  N  N   . GLY A 1 133 ? 6.647   2.424   7.628   1.00 33.02  ? 198 GLY A N   1 
ATOM   870  C  CA  . GLY A 1 133 ? 6.776   1.427   6.583   1.00 33.58  ? 198 GLY A CA  1 
ATOM   871  C  C   . GLY A 1 133 ? 5.542   0.534   6.547   1.00 36.73  ? 198 GLY A C   1 
ATOM   872  O  O   . GLY A 1 133 ? 4.761   0.566   7.497   1.00 36.05  ? 198 GLY A O   1 
ATOM   873  N  N   . GLY A 1 134 ? 5.430   -0.289  5.484   1.00 38.25  ? 199 GLY A N   1 
ATOM   874  C  CA  . GLY A 1 134 ? 4.309   -1.195  5.292   1.00 37.80  ? 199 GLY A CA  1 
ATOM   875  C  C   . GLY A 1 134 ? 3.587   -0.962  3.963   1.00 43.00  ? 199 GLY A C   1 
ATOM   876  O  O   . GLY A 1 134 ? 3.598   0.142   3.408   1.00 44.81  ? 199 GLY A O   1 
ATOM   877  N  N   . LEU A 1 135 ? 2.925   -2.020  3.485   1.00 42.14  ? 200 LEU A N   1 
ATOM   878  C  CA  . LEU A 1 135 ? 2.254   -2.022  2.199   1.00 39.92  ? 200 LEU A CA  1 
ATOM   879  C  C   . LEU A 1 135 ? 0.813   -1.538  2.363   1.00 38.16  ? 200 LEU A C   1 
ATOM   880  O  O   . LEU A 1 135 ? 0.026   -1.609  1.418   1.00 39.34  ? 200 LEU A O   1 
ATOM   881  C  CB  . LEU A 1 135 ? 2.316   -3.455  1.654   1.00 38.18  ? 200 LEU A CB  1 
ATOM   882  C  CG  . LEU A 1 135 ? 1.894   -3.673  0.199   1.00 39.65  ? 200 LEU A CG  1 
ATOM   883  C  CD1 . LEU A 1 135 ? 2.792   -2.907  -0.772  1.00 37.21  ? 200 LEU A CD1 1 
ATOM   884  C  CD2 . LEU A 1 135 ? 1.870   -5.162  -0.138  1.00 35.64  ? 200 LEU A CD2 1 
ATOM   885  N  N   . SER A 1 136 ? 0.464   -1.004  3.542   1.00 36.80  ? 201 SER A N   1 
ATOM   886  C  CA  . SER A 1 136 ? -0.956  -0.858  3.854   1.00 40.79  ? 201 SER A CA  1 
ATOM   887  C  C   . SER A 1 136 ? -1.552  0.368   3.175   1.00 38.79  ? 201 SER A C   1 
ATOM   888  O  O   . SER A 1 136 ? -2.764  0.409   2.948   1.00 40.16  ? 201 SER A O   1 
ATOM   889  C  CB  . SER A 1 136 ? -1.280  -0.903  5.327   1.00 42.43  ? 201 SER A CB  1 
ATOM   890  O  OG  . SER A 1 136 ? -0.875  0.298   5.979   1.00 47.07  ? 201 SER A OG  1 
ATOM   891  N  N   . GLY A 1 137 ? -0.679  1.332   2.846   1.00 38.49  ? 202 GLY A N   1 
ATOM   892  C  CA  . GLY A 1 137 ? -1.016  2.460   1.987   1.00 36.72  ? 202 GLY A CA  1 
ATOM   893  C  C   . GLY A 1 137 ? -1.455  1.994   0.601   1.00 36.87  ? 202 GLY A C   1 
ATOM   894  O  O   . GLY A 1 137 ? -2.515  2.379   0.096   1.00 37.81  ? 202 GLY A O   1 
ATOM   895  N  N   . VAL A 1 138 ? -0.639  1.122   0.005   1.00 38.61  ? 203 VAL A N   1 
ATOM   896  C  CA  . VAL A 1 138 ? -0.992  0.487   -1.260  1.00 36.78  ? 203 VAL A CA  1 
ATOM   897  C  C   . VAL A 1 138 ? -2.278  -0.338  -1.081  1.00 33.96  ? 203 VAL A C   1 
ATOM   898  O  O   . VAL A 1 138 ? -3.129  -0.331  -1.952  1.00 35.55  ? 203 VAL A O   1 
ATOM   899  C  CB  . VAL A 1 138 ? 0.215   -0.306  -1.814  1.00 39.34  ? 203 VAL A CB  1 
ATOM   900  C  CG1 . VAL A 1 138 ? -0.128  -1.180  -3.018  1.00 40.01  ? 203 VAL A CG1 1 
ATOM   901  C  CG2 . VAL A 1 138 ? 1.380   0.617   -2.148  1.00 34.88  ? 203 VAL A CG2 1 
ATOM   902  N  N   . VAL A 1 139 ? -2.475  -0.997  0.073   1.00 35.96  ? 204 VAL A N   1 
ATOM   903  C  CA  . VAL A 1 139 ? -3.658  -1.828  0.312   1.00 35.54  ? 204 VAL A CA  1 
ATOM   904  C  C   . VAL A 1 139 ? -4.941  -0.990  0.336   1.00 36.98  ? 204 VAL A C   1 
ATOM   905  O  O   . VAL A 1 139 ? -5.942  -1.380  -0.271  1.00 35.90  ? 204 VAL A O   1 
ATOM   906  C  CB  . VAL A 1 139 ? -3.520  -2.677  1.591   1.00 35.43  ? 204 VAL A CB  1 
ATOM   907  C  CG1 . VAL A 1 139 ? -4.877  -3.120  2.136   1.00 33.66  ? 204 VAL A CG1 1 
ATOM   908  C  CG2 . VAL A 1 139 ? -2.589  -3.874  1.378   1.00 35.46  ? 204 VAL A CG2 1 
ATOM   909  N  N   . PHE A 1 140 ? -4.922  0.138   1.057   1.00 36.08  ? 205 PHE A N   1 
ATOM   910  C  CA  . PHE A 1 140 ? -6.061  1.042   1.113   1.00 34.99  ? 205 PHE A CA  1 
ATOM   911  C  C   . PHE A 1 140 ? -6.393  1.625   -0.267  1.00 36.00  ? 205 PHE A C   1 
ATOM   912  O  O   . PHE A 1 140 ? -7.561  1.858   -0.571  1.00 38.75  ? 205 PHE A O   1 
ATOM   913  C  CB  . PHE A 1 140 ? -5.865  2.099   2.205   1.00 38.46  ? 205 PHE A CB  1 
ATOM   914  C  CG  . PHE A 1 140 ? -6.462  1.678   3.525   1.00 41.56  ? 205 PHE A CG  1 
ATOM   915  C  CD1 . PHE A 1 140 ? -7.811  1.864   3.779   1.00 41.97  ? 205 PHE A CD1 1 
ATOM   916  C  CD2 . PHE A 1 140 ? -5.683  1.080   4.506   1.00 41.85  ? 205 PHE A CD2 1 
ATOM   917  C  CE1 . PHE A 1 140 ? -8.371  1.462   4.983   1.00 48.31  ? 205 PHE A CE1 1 
ATOM   918  C  CE2 . PHE A 1 140 ? -6.246  0.675   5.707   1.00 43.99  ? 205 PHE A CE2 1 
ATOM   919  C  CZ  . PHE A 1 140 ? -7.589  0.865   5.946   1.00 44.24  ? 205 PHE A CZ  1 
ATOM   920  N  N   . ALA A 1 141 ? -5.386  1.880   -1.111  1.00 32.45  ? 206 ALA A N   1 
ATOM   921  C  CA  . ALA A 1 141 ? -5.674  2.277   -2.482  1.00 32.18  ? 206 ALA A CA  1 
ATOM   922  C  C   . ALA A 1 141 ? -6.349  1.132   -3.255  1.00 35.52  ? 206 ALA A C   1 
ATOM   923  O  O   . ALA A 1 141 ? -7.292  1.369   -4.005  1.00 41.90  ? 206 ALA A O   1 
ATOM   924  C  CB  . ALA A 1 141 ? -4.421  2.796   -3.173  1.00 29.86  ? 206 ALA A CB  1 
ATOM   925  N  N   . LEU A 1 142 ? -5.904  -0.120  -3.068  1.00 33.50  ? 207 LEU A N   1 
ATOM   926  C  CA  . LEU A 1 142 ? -6.571  -1.255  -3.707  1.00 34.20  ? 207 LEU A CA  1 
ATOM   927  C  C   . LEU A 1 142 ? -7.997  -1.456  -3.181  1.00 35.23  ? 207 LEU A C   1 
ATOM   928  O  O   . LEU A 1 142 ? -8.883  -1.793  -3.971  1.00 37.07  ? 207 LEU A O   1 
ATOM   929  C  CB  . LEU A 1 142 ? -5.746  -2.539  -3.552  1.00 30.07  ? 207 LEU A CB  1 
ATOM   930  C  CG  . LEU A 1 142 ? -4.440  -2.557  -4.340  1.00 30.78  ? 207 LEU A CG  1 
ATOM   931  C  CD1 . LEU A 1 142 ? -3.506  -3.647  -3.829  1.00 27.17  ? 207 LEU A CD1 1 
ATOM   932  C  CD2 . LEU A 1 142 ? -4.711  -2.715  -5.835  1.00 29.69  ? 207 LEU A CD2 1 
ATOM   933  N  N   . MET A 1 143 ? -8.221  -1.271  -1.865  1.00 34.13  ? 208 MET A N   1 
ATOM   934  C  CA  . MET A 1 143 ? -9.565  -1.338  -1.292  1.00 38.49  ? 208 MET A CA  1 
ATOM   935  C  C   . MET A 1 143 ? -10.510 -0.327  -1.950  1.00 39.65  ? 208 MET A C   1 
ATOM   936  O  O   . MET A 1 143 ? -11.626 -0.696  -2.317  1.00 36.12  ? 208 MET A O   1 
ATOM   937  C  CB  . MET A 1 143 ? -9.571  -1.163  0.233   1.00 44.13  ? 208 MET A CB  1 
ATOM   938  C  CG  . MET A 1 143 ? -9.491  -2.509  0.959   1.00 61.85  ? 208 MET A CG  1 
ATOM   939  S  SD  . MET A 1 143 ? -9.436  -2.522  2.783   1.00 76.71  ? 208 MET A SD  1 
ATOM   940  C  CE  . MET A 1 143 ? -7.808  -1.827  3.049   1.00 72.11  ? 208 MET A CE  1 
ATOM   941  N  N   . GLY A 1 144 ? -10.055 0.930   -2.105  1.00 37.31  ? 209 GLY A N   1 
ATOM   942  C  CA  . GLY A 1 144 ? -10.850 2.006   -2.673  1.00 38.40  ? 209 GLY A CA  1 
ATOM   943  C  C   . GLY A 1 144 ? -11.105 1.834   -4.169  1.00 42.58  ? 209 GLY A C   1 
ATOM   944  O  O   . GLY A 1 144 ? -12.227 2.047   -4.641  1.00 40.02  ? 209 GLY A O   1 
ATOM   945  N  N   . TYR A 1 145 ? -10.058 1.442   -4.912  1.00 40.59  ? 210 TYR A N   1 
ATOM   946  C  CA  . TYR A 1 145 ? -10.164 1.188   -6.346  1.00 37.69  ? 210 TYR A CA  1 
ATOM   947  C  C   . TYR A 1 145 ? -11.134 0.043   -6.677  1.00 37.85  ? 210 TYR A C   1 
ATOM   948  O  O   . TYR A 1 145 ? -12.041 0.201   -7.506  1.00 31.77  ? 210 TYR A O   1 
ATOM   949  C  CB  . TYR A 1 145 ? -8.783  0.926   -6.946  1.00 32.53  ? 210 TYR A CB  1 
ATOM   950  C  CG  . TYR A 1 145 ? -8.811  0.846   -8.446  1.00 34.22  ? 210 TYR A CG  1 
ATOM   951  C  CD1 . TYR A 1 145 ? -8.496  1.953   -9.234  1.00 30.06  ? 210 TYR A CD1 1 
ATOM   952  C  CD2 . TYR A 1 145 ? -9.167  -0.340  -9.078  1.00 32.52  ? 210 TYR A CD2 1 
ATOM   953  C  CE1 . TYR A 1 145 ? -8.516  1.871   -10.618 1.00 29.02  ? 210 TYR A CE1 1 
ATOM   954  C  CE2 . TYR A 1 145 ? -9.230  -0.420  -10.459 1.00 30.83  ? 210 TYR A CE2 1 
ATOM   955  C  CZ  . TYR A 1 145 ? -8.888  0.681   -11.230 1.00 30.33  ? 210 TYR A CZ  1 
ATOM   956  O  OH  . TYR A 1 145 ? -8.952  0.568   -12.591 1.00 29.98  ? 210 TYR A OH  1 
ATOM   957  N  N   . VAL A 1 146 ? -10.938 -1.120  -6.033  1.00 39.03  ? 211 VAL A N   1 
ATOM   958  C  CA  . VAL A 1 146 ? -11.742 -2.303  -6.324  1.00 38.93  ? 211 VAL A CA  1 
ATOM   959  C  C   . VAL A 1 146 ? -13.216 -2.015  -6.026  1.00 41.22  ? 211 VAL A C   1 
ATOM   960  O  O   . VAL A 1 146 ? -14.083 -2.342  -6.841  1.00 46.21  ? 211 VAL A O   1 
ATOM   961  C  CB  . VAL A 1 146 ? -11.203 -3.569  -5.617  1.00 38.79  ? 211 VAL A CB  1 
ATOM   962  C  CG1 . VAL A 1 146 ? -12.164 -4.746  -5.716  1.00 36.67  ? 211 VAL A CG1 1 
ATOM   963  C  CG2 . VAL A 1 146 ? -9.835  -3.981  -6.168  1.00 39.03  ? 211 VAL A CG2 1 
ATOM   964  N  N   . TRP A 1 147 ? -13.481 -1.350  -4.891  1.00 37.28  ? 212 TRP A N   1 
ATOM   965  C  CA  . TRP A 1 147 ? -14.830 -0.987  -4.479  1.00 38.34  ? 212 TRP A CA  1 
ATOM   966  C  C   . TRP A 1 147 ? -15.482 -0.046  -5.506  1.00 38.71  ? 212 TRP A C   1 
ATOM   967  O  O   . TRP A 1 147 ? -16.485 -0.403  -6.131  1.00 37.34  ? 212 TRP A O   1 
ATOM   968  C  CB  . TRP A 1 147 ? -14.879 -0.459  -3.022  1.00 38.23  ? 212 TRP A CB  1 
ATOM   969  C  CG  . TRP A 1 147 ? -16.225 0.118   -2.744  1.00 38.86  ? 212 TRP A CG  1 
ATOM   970  C  CD1 . TRP A 1 147 ? -17.377 -0.598  -2.621  1.00 40.91  ? 212 TRP A CD1 1 
ATOM   971  C  CD2 . TRP A 1 147 ? -16.610 1.509   -2.725  1.00 41.19  ? 212 TRP A CD2 1 
ATOM   972  N  NE1 . TRP A 1 147 ? -18.446 0.249   -2.496  1.00 42.94  ? 212 TRP A NE1 1 
ATOM   973  C  CE2 . TRP A 1 147 ? -18.013 1.546   -2.557  1.00 40.97  ? 212 TRP A CE2 1 
ATOM   974  C  CE3 . TRP A 1 147 ? -15.926 2.726   -2.820  1.00 40.57  ? 212 TRP A CE3 1 
ATOM   975  C  CZ2 . TRP A 1 147 ? -18.733 2.739   -2.471  1.00 39.18  ? 212 TRP A CZ2 1 
ATOM   976  C  CZ3 . TRP A 1 147 ? -16.633 3.907   -2.746  1.00 40.94  ? 212 TRP A CZ3 1 
ATOM   977  C  CH2 . TRP A 1 147 ? -18.018 3.909   -2.574  1.00 42.65  ? 212 TRP A CH2 1 
ATOM   978  N  N   . LEU A 1 148 ? -14.895 1.144   -5.735  1.00 39.25  ? 213 LEU A N   1 
ATOM   979  C  CA  . LEU A 1 148 ? -15.522 2.130   -6.611  1.00 37.75  ? 213 LEU A CA  1 
ATOM   980  C  C   . LEU A 1 148 ? -15.583 1.622   -8.058  1.00 37.43  ? 213 LEU A C   1 
ATOM   981  O  O   . LEU A 1 148 ? -16.591 1.843   -8.729  1.00 43.02  ? 213 LEU A O   1 
ATOM   982  C  CB  . LEU A 1 148 ? -14.881 3.517   -6.424  1.00 38.65  ? 213 LEU A CB  1 
ATOM   983  C  CG  . LEU A 1 148 ? -15.473 4.713   -7.188  1.00 40.38  ? 213 LEU A CG  1 
ATOM   984  C  CD1 . LEU A 1 148 ? -14.818 6.030   -6.768  1.00 33.36  ? 213 LEU A CD1 1 
ATOM   985  C  CD2 . LEU A 1 148 ? -15.243 4.537   -8.683  1.00 44.71  ? 213 LEU A CD2 1 
ATOM   986  N  N   . ARG A 1 149 ? -14.571 0.878   -8.535  1.00 38.19  ? 214 ARG A N   1 
ATOM   987  C  CA  . ARG A 1 149 ? -14.598 0.347   -9.901  1.00 36.26  ? 214 ARG A CA  1 
ATOM   988  C  C   . ARG A 1 149 ? -15.752 -0.650  -10.047 1.00 36.37  ? 214 ARG A C   1 
ATOM   989  O  O   . ARG A 1 149 ? -16.445 -0.672  -11.069 1.00 34.08  ? 214 ARG A O   1 
ATOM   990  C  CB  . ARG A 1 149 ? -13.256 -0.305  -10.268 1.00 40.24  ? 214 ARG A CB  1 
ATOM   991  C  CG  . ARG A 1 149 ? -13.151 -0.862  -11.683 1.00 40.38  ? 214 ARG A CG  1 
ATOM   992  C  CD  . ARG A 1 149 ? -12.784 0.235   -12.684 1.00 43.78  ? 214 ARG A CD  1 
ATOM   993  N  NE  . ARG A 1 149 ? -12.892 -0.106  -14.104 1.00 42.74  ? 214 ARG A NE  1 
ATOM   994  C  CZ  . ARG A 1 149 ? -11.868 -0.200  -14.963 1.00 45.67  ? 214 ARG A CZ  1 
ATOM   995  N  NH1 . ARG A 1 149 ? -10.611 -0.139  -14.552 1.00 42.73  ? 214 ARG A NH1 1 
ATOM   996  N  NH2 . ARG A 1 149 ? -12.107 -0.353  -16.250 1.00 46.67  ? 214 ARG A NH2 1 
ATOM   997  N  N   . GLY A 1 150 ? -15.962 -1.475  -9.010  1.00 34.37  ? 215 GLY A N   1 
ATOM   998  C  CA  . GLY A 1 150 ? -16.988 -2.507  -9.077  1.00 39.61  ? 215 GLY A CA  1 
ATOM   999  C  C   . GLY A 1 150 ? -18.401 -1.927  -9.034  1.00 43.11  ? 215 GLY A C   1 
ATOM   1000 O  O   . GLY A 1 150 ? -19.334 -2.522  -9.573  1.00 47.35  ? 215 GLY A O   1 
ATOM   1001 N  N   . GLU A 1 151 ? -18.532 -0.756  -8.389  1.00 43.19  ? 216 GLU A N   1 
ATOM   1002 C  CA  . GLU A 1 151 ? -19.797 -0.048  -8.283  1.00 41.81  ? 216 GLU A CA  1 
ATOM   1003 C  C   . GLU A 1 151 ? -20.112 0.728   -9.555  1.00 41.79  ? 216 GLU A C   1 
ATOM   1004 O  O   . GLU A 1 151 ? -21.220 0.644   -10.055 1.00 44.87  ? 216 GLU A O   1 
ATOM   1005 C  CB  . GLU A 1 151 ? -19.829 0.845   -7.051  1.00 45.44  ? 216 GLU A CB  1 
ATOM   1006 C  CG  . GLU A 1 151 ? -19.912 0.026   -5.784  1.00 49.85  ? 216 GLU A CG  1 
ATOM   1007 C  CD  . GLU A 1 151 ? -21.294 -0.321  -5.283  1.00 50.61  ? 216 GLU A CD  1 
ATOM   1008 O  OE1 . GLU A 1 151 ? -22.125 -0.814  -6.059  1.00 55.09  ? 216 GLU A OE1 1 
ATOM   1009 O  OE2 . GLU A 1 151 ? -21.526 -0.090  -4.102  1.00 64.64  ? 216 GLU A OE2 1 
ATOM   1010 N  N   . ARG A 1 152 ? -19.146 1.471   -10.092 1.00 42.30  ? 217 ARG A N   1 
ATOM   1011 C  CA  . ARG A 1 152 ? -19.439 2.278   -11.265 1.00 41.58  ? 217 ARG A CA  1 
ATOM   1012 C  C   . ARG A 1 152 ? -19.273 1.475   -12.549 1.00 45.05  ? 217 ARG A C   1 
ATOM   1013 O  O   . ARG A 1 152 ? -19.756 1.887   -13.600 1.00 45.85  ? 217 ARG A O   1 
ATOM   1014 C  CB  . ARG A 1 152 ? -18.534 3.506   -11.308 1.00 38.09  ? 217 ARG A CB  1 
ATOM   1015 C  CG  . ARG A 1 152 ? -18.830 4.484   -10.184 1.00 38.09  ? 217 ARG A CG  1 
ATOM   1016 C  CD  . ARG A 1 152 ? -17.837 5.621   -10.068 1.00 42.13  ? 217 ARG A CD  1 
ATOM   1017 N  NE  . ARG A 1 152 ? -17.340 6.130   -11.339 1.00 48.08  ? 217 ARG A NE  1 
ATOM   1018 C  CZ  . ARG A 1 152 ? -17.960 7.042   -12.081 1.00 52.58  ? 217 ARG A CZ  1 
ATOM   1019 N  NH1 . ARG A 1 152 ? -19.057 7.628   -11.620 1.00 47.41  ? 217 ARG A NH1 1 
ATOM   1020 N  NH2 . ARG A 1 152 ? -17.470 7.354   -13.276 1.00 54.21  ? 217 ARG A NH2 1 
ATOM   1021 N  N   . ASP A 1 153 ? -18.550 0.350   -12.483 1.00 43.61  ? 218 ASP A N   1 
ATOM   1022 C  CA  . ASP A 1 153 ? -18.178 -0.313  -13.723 1.00 39.39  ? 218 ASP A CA  1 
ATOM   1023 C  C   . ASP A 1 153 ? -18.177 -1.828  -13.499 1.00 40.79  ? 218 ASP A C   1 
ATOM   1024 O  O   . ASP A 1 153 ? -17.154 -2.497  -13.691 1.00 38.32  ? 218 ASP A O   1 
ATOM   1025 C  CB  . ASP A 1 153 ? -16.943 0.355   -14.346 1.00 36.31  ? 218 ASP A CB  1 
ATOM   1026 C  CG  . ASP A 1 153 ? -16.387 -0.360  -15.573 1.00 41.98  ? 218 ASP A CG  1 
ATOM   1027 O  OD1 . ASP A 1 153 ? -17.169 -1.019  -16.294 1.00 47.44  ? 218 ASP A OD1 1 
ATOM   1028 O  OD2 . ASP A 1 153 ? -15.170 -0.281  -15.786 1.00 45.47  ? 218 ASP A OD2 1 
ATOM   1029 N  N   . PRO A 1 154 ? -19.336 -2.408  -13.084 1.00 42.14  ? 219 PRO A N   1 
ATOM   1030 C  CA  . PRO A 1 154 ? -19.456 -3.845  -12.800 1.00 42.35  ? 219 PRO A CA  1 
ATOM   1031 C  C   . PRO A 1 154 ? -18.859 -4.818  -13.828 1.00 41.36  ? 219 PRO A C   1 
ATOM   1032 O  O   . PRO A 1 154 ? -18.335 -5.857  -13.437 1.00 39.54  ? 219 PRO A O   1 
ATOM   1033 C  CB  . PRO A 1 154 ? -20.976 -4.072  -12.610 1.00 39.07  ? 219 PRO A CB  1 
ATOM   1034 C  CG  . PRO A 1 154 ? -21.637 -2.786  -13.060 1.00 36.67  ? 219 PRO A CG  1 
ATOM   1035 C  CD  . PRO A 1 154 ? -20.605 -1.696  -12.842 1.00 39.52  ? 219 PRO A CD  1 
ATOM   1036 N  N   . GLN A 1 155 ? -18.916 -4.465  -15.125 1.00 38.95  ? 220 GLN A N   1 
ATOM   1037 C  CA  . GLN A 1 155 ? -18.385 -5.267  -16.225 1.00 41.38  ? 220 GLN A CA  1 
ATOM   1038 C  C   . GLN A 1 155 ? -16.866 -5.481  -16.132 1.00 43.37  ? 220 GLN A C   1 
ATOM   1039 O  O   . GLN A 1 155 ? -16.305 -6.268  -16.892 1.00 42.30  ? 220 GLN A O   1 
ATOM   1040 C  CB  . GLN A 1 155 ? -18.708 -4.636  -17.579 1.00 41.72  ? 220 GLN A CB  1 
ATOM   1041 C  CG  . GLN A 1 155 ? -20.062 -5.058  -18.131 1.00 50.07  ? 220 GLN A CG  1 
ATOM   1042 C  CD  . GLN A 1 155 ? -20.736 -4.004  -18.982 1.00 51.55  ? 220 GLN A CD  1 
ATOM   1043 O  OE1 . GLN A 1 155 ? -20.633 -2.805  -18.744 1.00 53.96  ? 220 GLN A OE1 1 
ATOM   1044 N  NE2 . GLN A 1 155 ? -21.458 -4.447  -19.991 1.00 53.07  ? 220 GLN A NE2 1 
ATOM   1045 N  N   . SER A 1 156 ? -16.180 -4.782  -15.226 1.00 39.30  ? 221 SER A N   1 
ATOM   1046 C  CA  . SER A 1 156 ? -14.753 -4.998  -15.040 1.00 40.20  ? 221 SER A CA  1 
ATOM   1047 C  C   . SER A 1 156 ? -14.506 -6.350  -14.370 1.00 43.52  ? 221 SER A C   1 
ATOM   1048 O  O   . SER A 1 156 ? -13.398 -6.878  -14.425 1.00 46.31  ? 221 SER A O   1 
ATOM   1049 C  CB  . SER A 1 156 ? -14.180 -3.884  -14.198 1.00 41.11  ? 221 SER A CB  1 
ATOM   1050 O  OG  . SER A 1 156 ? -14.812 -3.856  -12.918 1.00 37.15  ? 221 SER A OG  1 
ATOM   1051 N  N   . GLY A 1 157 ? -15.521 -6.858  -13.656 1.00 41.14  ? 222 GLY A N   1 
ATOM   1052 C  CA  . GLY A 1 157 ? -15.441 -8.138  -12.973 1.00 39.04  ? 222 GLY A CA  1 
ATOM   1053 C  C   . GLY A 1 157 ? -14.574 -8.130  -11.713 1.00 39.50  ? 222 GLY A C   1 
ATOM   1054 O  O   . GLY A 1 157 ? -14.072 -9.186  -11.319 1.00 35.91  ? 222 GLY A O   1 
ATOM   1055 N  N   . ILE A 1 158 ? -14.388 -6.948  -11.106 1.00 39.58  ? 223 ILE A N   1 
ATOM   1056 C  CA  . ILE A 1 158 ? -13.836 -6.824  -9.757  1.00 46.64  ? 223 ILE A CA  1 
ATOM   1057 C  C   . ILE A 1 158 ? -14.911 -6.195  -8.870  1.00 46.12  ? 223 ILE A C   1 
ATOM   1058 O  O   . ILE A 1 158 ? -15.810 -5.533  -9.393  1.00 45.09  ? 223 ILE A O   1 
ATOM   1059 C  CB  . ILE A 1 158 ? -12.508 -6.020  -9.711  1.00 43.99  ? 223 ILE A CB  1 
ATOM   1060 C  CG1 . ILE A 1 158 ? -12.670 -4.591  -10.250 1.00 46.07  ? 223 ILE A CG1 1 
ATOM   1061 C  CG2 . ILE A 1 158 ? -11.387 -6.782  -10.408 1.00 39.94  ? 223 ILE A CG2 1 
ATOM   1062 C  CD1 . ILE A 1 158 ? -11.534 -3.643  -9.917  1.00 43.03  ? 223 ILE A CD1 1 
ATOM   1063 N  N   . TYR A 1 159 ? -14.807 -6.395  -7.545  1.00 48.18  ? 224 TYR A N   1 
ATOM   1064 C  CA  . TYR A 1 159 ? -15.751 -5.758  -6.629  1.00 48.77  ? 224 TYR A CA  1 
ATOM   1065 C  C   . TYR A 1 159 ? -15.330 -5.970  -5.173  1.00 42.91  ? 224 TYR A C   1 
ATOM   1066 O  O   . TYR A 1 159 ? -14.619 -6.917  -4.843  1.00 41.36  ? 224 TYR A O   1 
ATOM   1067 C  CB  . TYR A 1 159 ? -17.163 -6.310  -6.884  1.00 46.86  ? 224 TYR A CB  1 
ATOM   1068 C  CG  . TYR A 1 159 ? -17.447 -7.575  -6.123  1.00 45.74  ? 224 TYR A CG  1 
ATOM   1069 C  CD1 . TYR A 1 159 ? -18.461 -7.606  -5.176  1.00 49.81  ? 224 TYR A CD1 1 
ATOM   1070 C  CD2 . TYR A 1 159 ? -16.645 -8.701  -6.275  1.00 47.46  ? 224 TYR A CD2 1 
ATOM   1071 C  CE1 . TYR A 1 159 ? -18.711 -8.739  -4.416  1.00 55.60  ? 224 TYR A CE1 1 
ATOM   1072 C  CE2 . TYR A 1 159 ? -16.886 -9.850  -5.529  1.00 58.50  ? 224 TYR A CE2 1 
ATOM   1073 C  CZ  . TYR A 1 159 ? -17.926 -9.867  -4.600  1.00 65.45  ? 224 TYR A CZ  1 
ATOM   1074 O  OH  . TYR A 1 159 ? -18.190 -10.979 -3.852  1.00 71.95  ? 224 TYR A OH  1 
ATOM   1075 N  N   . LEU A 1 160 ? -15.804 -5.111  -4.274  1.00 40.32  ? 225 LEU A N   1 
ATOM   1076 C  CA  . LEU A 1 160 ? -15.519 -5.360  -2.870  1.00 44.65  ? 225 LEU A CA  1 
ATOM   1077 C  C   . LEU A 1 160 ? -16.835 -5.574  -2.125  1.00 42.84  ? 225 LEU A C   1 
ATOM   1078 O  O   . LEU A 1 160 ? -17.711 -4.728  -2.198  1.00 42.20  ? 225 LEU A O   1 
ATOM   1079 C  CB  . LEU A 1 160 ? -14.727 -4.161  -2.325  1.00 46.45  ? 225 LEU A CB  1 
ATOM   1080 C  CG  . LEU A 1 160 ? -14.189 -4.304  -0.901  1.00 48.95  ? 225 LEU A CG  1 
ATOM   1081 C  CD1 . LEU A 1 160 ? -12.956 -5.190  -0.870  1.00 47.40  ? 225 LEU A CD1 1 
ATOM   1082 C  CD2 . LEU A 1 160 ? -13.890 -2.945  -0.284  1.00 45.51  ? 225 LEU A CD2 1 
ATOM   1083 N  N   . GLN A 1 161 ? -16.960 -6.702  -1.414  1.00 50.36  ? 226 GLN A N   1 
ATOM   1084 C  CA  . GLN A 1 161 ? -18.107 -7.005  -0.568  1.00 55.12  ? 226 GLN A CA  1 
ATOM   1085 C  C   . GLN A 1 161 ? -18.333 -5.850  0.402   1.00 61.69  ? 226 GLN A C   1 
ATOM   1086 O  O   . GLN A 1 161 ? -17.360 -5.294  0.907   1.00 62.88  ? 226 GLN A O   1 
ATOM   1087 C  CB  . GLN A 1 161 ? -17.788 -8.198  0.324   1.00 60.62  ? 226 GLN A CB  1 
ATOM   1088 C  CG  . GLN A 1 161 ? -16.805 -9.177  -0.290  1.00 70.18  ? 226 GLN A CG  1 
ATOM   1089 C  CD  . GLN A 1 161 ? -17.523 -10.414 -0.757  1.00 82.48  ? 226 GLN A CD  1 
ATOM   1090 O  OE1 . GLN A 1 161 ? -18.748 -10.481 -0.714  1.00 94.75  ? 226 GLN A OE1 1 
ATOM   1091 N  NE2 . GLN A 1 161 ? -16.764 -11.404 -1.208  1.00 83.44  ? 226 GLN A NE2 1 
ATOM   1092 N  N   . ARG A 1 162 ? -19.607 -5.508  0.674   1.00 72.52  ? 227 ARG A N   1 
ATOM   1093 C  CA  . ARG A 1 162 ? -19.950 -4.431  1.603   1.00 78.30  ? 227 ARG A CA  1 
ATOM   1094 C  C   . ARG A 1 162 ? -19.455 -4.798  3.007   1.00 78.89  ? 227 ARG A C   1 
ATOM   1095 O  O   . ARG A 1 162 ? -19.053 -3.922  3.772   1.00 81.31  ? 227 ARG A O   1 
ATOM   1096 C  CB  . ARG A 1 162 ? -21.429 -3.998  1.527   1.00 87.07  ? 227 ARG A CB  1 
ATOM   1097 C  CG  . ARG A 1 162 ? -21.762 -2.853  0.564   1.00 94.42  ? 227 ARG A CG  1 
ATOM   1098 C  CD  . ARG A 1 162 ? -21.574 -1.399  1.031   1.00 96.97  ? 227 ARG A CD  1 
ATOM   1099 N  NE  . ARG A 1 162 ? -22.354 -0.309  0.409   1.00 98.45  ? 227 ARG A NE  1 
ATOM   1100 C  CZ  . ARG A 1 162 ? -22.219 1.014   0.638   1.00 87.26  ? 227 ARG A CZ  1 
ATOM   1101 N  NH1 . ARG A 1 162 ? -21.183 1.485   1.314   1.00 82.42  ? 227 ARG A NH1 1 
ATOM   1102 N  NH2 . ARG A 1 162 ? -23.121 1.868   0.180   1.00 66.86  ? 227 ARG A NH2 1 
ATOM   1103 N  N   . GLY A 1 163 ? -19.425 -6.105  3.307   1.00 71.41  ? 228 GLY A N   1 
ATOM   1104 C  CA  . GLY A 1 163 ? -18.769 -6.632  4.494   1.00 72.61  ? 228 GLY A CA  1 
ATOM   1105 C  C   . GLY A 1 163 ? -17.303 -6.206  4.634   1.00 80.35  ? 228 GLY A C   1 
ATOM   1106 O  O   . GLY A 1 163 ? -16.846 -5.888  5.734   1.00 79.76  ? 228 GLY A O   1 
ATOM   1107 N  N   . LEU A 1 164 ? -16.557 -6.224  3.522   1.00 74.38  ? 229 LEU A N   1 
ATOM   1108 C  CA  . LEU A 1 164 ? -15.137 -5.924  3.582   1.00 64.65  ? 229 LEU A CA  1 
ATOM   1109 C  C   . LEU A 1 164 ? -14.897 -4.415  3.629   1.00 65.80  ? 229 LEU A C   1 
ATOM   1110 O  O   . LEU A 1 164 ? -13.881 -3.977  4.171   1.00 63.46  ? 229 LEU A O   1 
ATOM   1111 C  CB  . LEU A 1 164 ? -14.413 -6.599  2.414   1.00 62.56  ? 229 LEU A CB  1 
ATOM   1112 C  CG  . LEU A 1 164 ? -14.313 -8.121  2.498   1.00 61.39  ? 229 LEU A CG  1 
ATOM   1113 C  CD1 . LEU A 1 164 ? -13.521 -8.667  1.318   1.00 57.77  ? 229 LEU A CD1 1 
ATOM   1114 C  CD2 . LEU A 1 164 ? -13.671 -8.551  3.812   1.00 59.58  ? 229 LEU A CD2 1 
ATOM   1115 N  N   . ILE A 1 165 ? -15.794 -3.646  3.146   1.00 64.78  ? 230 ILE A N   1 
ATOM   1116 C  CA  . ILE A 1 165 ? -15.797 -2.209  3.226   1.00 74.90  ? 230 ILE A CA  1 
ATOM   1117 C  C   . ILE A 1 165 ? -16.199 -1.797  4.660   1.00 74.64  ? 230 ILE A C   1 
ATOM   1118 O  O   . ILE A 1 165 ? -16.043 -0.668  5.082   1.00 70.84  ? 230 ILE A O   1 
ATOM   1119 C  CB  . ILE A 1 165 ? -16.598 -1.408  2.232   1.00 79.38  ? 230 ILE A CB  1 
ATOM   1120 C  CG1 . ILE A 1 165 ? -17.065 -2.096  0.978   1.00 88.00  ? 230 ILE A CG1 1 
ATOM   1121 C  CG2 . ILE A 1 165 ? -15.818 -0.157  1.808   1.00 81.18  ? 230 ILE A CG2 1 
ATOM   1122 C  CD1 . ILE A 1 165 ? -18.228 -1.532  0.280   1.00 84.46  ? 230 ILE A CD1 1 
ATOM   1123 N  N   . ILE A 1 166 ? -16.731 -2.838  5.329   1.00 75.67  ? 231 ILE A N   1 
ATOM   1124 C  CA  . ILE A 1 166 ? -17.049 -2.717  6.780   1.00 79.01  ? 231 ILE A CA  1 
ATOM   1125 C  C   . ILE A 1 166 ? -15.586 -2.702  7.401   1.00 70.74  ? 231 ILE A C   1 
ATOM   1126 O  O   . ILE A 1 166 ? -15.093 -1.648  7.730   1.00 65.03  ? 231 ILE A O   1 
ATOM   1127 C  CB  . ILE A 1 166 ? -17.885 -3.797  7.393   1.00 90.05  ? 231 ILE A CB  1 
ATOM   1128 C  CG1 . ILE A 1 166 ? -19.291 -3.665  7.043   1.00 93.85  ? 231 ILE A CG1 1 
ATOM   1129 C  CG2 . ILE A 1 166 ? -17.715 -3.929  8.939   1.00 92.34  ? 231 ILE A CG2 1 
ATOM   1130 C  CD1 . ILE A 1 166 ? -20.007 -5.184  7.604   1.00 90.51  ? 231 ILE A CD1 1 
ATOM   1131 N  N   . PHE A 1 167 ? -14.954 -3.837  7.346   1.00 73.64  ? 232 PHE A N   1 
ATOM   1132 C  CA  . PHE A 1 167 ? -13.612 -4.020  7.857   1.00 82.35  ? 232 PHE A CA  1 
ATOM   1133 C  C   . PHE A 1 167 ? -12.797 -2.787  7.730   1.00 80.77  ? 232 PHE A C   1 
ATOM   1134 O  O   . PHE A 1 167 ? -12.276 -2.247  8.715   1.00 80.81  ? 232 PHE A O   1 
ATOM   1135 C  CB  . PHE A 1 167 ? -13.001 -5.299  7.369   1.00 93.35  ? 232 PHE A CB  1 
ATOM   1136 C  CG  . PHE A 1 167 ? -11.894 -5.937  8.106   1.00 107.23 ? 232 PHE A CG  1 
ATOM   1137 C  CD1 . PHE A 1 167 ? -12.101 -7.145  8.786   1.00 115.25 ? 232 PHE A CD1 1 
ATOM   1138 C  CD2 . PHE A 1 167 ? -10.631 -5.403  8.137   1.00 107.62 ? 232 PHE A CD2 1 
ATOM   1139 C  CE1 . PHE A 1 167 ? -11.051 -7.751  9.475   1.00 114.42 ? 232 PHE A CE1 1 
ATOM   1140 C  CE2 . PHE A 1 167 ? -9.599  -5.982  8.815   1.00 108.10 ? 232 PHE A CE2 1 
ATOM   1141 C  CZ  . PHE A 1 167 ? -9.795  -7.154  9.490   1.00 112.54 ? 232 PHE A CZ  1 
ATOM   1142 N  N   . ALA A 1 168 ? -12.717 -2.380  6.389   1.00 73.73  ? 233 ALA A N   1 
ATOM   1143 C  CA  . ALA A 1 168 ? -11.813 -1.329  5.948   1.00 70.17  ? 233 ALA A CA  1 
ATOM   1144 C  C   . ALA A 1 168 ? -12.075 -0.030  6.711   1.00 65.74  ? 233 ALA A C   1 
ATOM   1145 O  O   . ALA A 1 168 ? -11.133 0.648   7.111   1.00 63.10  ? 233 ALA A O   1 
ATOM   1146 C  CB  . ALA A 1 168 ? -11.911 -1.137  4.453   1.00 69.27  ? 233 ALA A CB  1 
ATOM   1147 N  N   . LEU A 1 169 ? -13.355 0.287   6.941   1.00 70.29  ? 234 LEU A N   1 
ATOM   1148 C  CA  . LEU A 1 169 ? -13.743 1.525   7.608   1.00 76.42  ? 234 LEU A CA  1 
ATOM   1149 C  C   . LEU A 1 169 ? -13.491 1.493   9.124   1.00 74.55  ? 234 LEU A C   1 
ATOM   1150 O  O   . LEU A 1 169 ? -13.176 2.525   9.716   1.00 61.98  ? 234 LEU A O   1 
ATOM   1151 C  CB  . LEU A 1 169 ? -15.205 1.836   7.279   1.00 72.55  ? 234 LEU A CB  1 
ATOM   1152 C  CG  . LEU A 1 169 ? -15.434 2.518   5.934   1.00 75.15  ? 234 LEU A CG  1 
ATOM   1153 C  CD1 . LEU A 1 169 ? -16.922 2.664   5.655   1.00 70.90  ? 234 LEU A CD1 1 
ATOM   1154 C  CD2 . LEU A 1 169 ? -14.737 3.874   5.869   1.00 71.09  ? 234 LEU A CD2 1 
ATOM   1155 N  N   . ILE A 1 170 ? -13.638 0.315   9.750   1.00 74.67  ? 235 ILE A N   1 
ATOM   1156 C  CA  . ILE A 1 170 ? -13.341 0.126   11.165  1.00 75.22  ? 235 ILE A CA  1 
ATOM   1157 C  C   . ILE A 1 170 ? -11.829 0.261   11.367  1.00 73.04  ? 235 ILE A C   1 
ATOM   1158 O  O   . ILE A 1 170 ? -11.366 0.892   12.320  1.00 63.85  ? 235 ILE A O   1 
ATOM   1159 C  CB  . ILE A 1 170 ? -13.836 -1.257  11.651  1.00 76.32  ? 235 ILE A CB  1 
ATOM   1160 C  CG1 . ILE A 1 170 ? -15.315 -1.530  11.341  1.00 79.31  ? 235 ILE A CG1 1 
ATOM   1161 C  CG2 . ILE A 1 170 ? -13.510 -1.483  13.119  1.00 76.13  ? 235 ILE A CG2 1 
ATOM   1162 C  CD1 . ILE A 1 170 ? -16.261 -0.393  11.652  1.00 81.43  ? 235 ILE A CD1 1 
ATOM   1163 N  N   . TRP A 1 171 ? -11.086 -0.366  10.447  1.00 68.74  ? 236 TRP A N   1 
ATOM   1164 C  CA  . TRP A 1 171 ? -9.633  -0.421  10.455  1.00 66.65  ? 236 TRP A CA  1 
ATOM   1165 C  C   . TRP A 1 171 ? -9.075  0.999   10.344  1.00 60.19  ? 236 TRP A C   1 
ATOM   1166 O  O   . TRP A 1 171 ? -8.220  1.377   11.131  1.00 57.52  ? 236 TRP A O   1 
ATOM   1167 C  CB  . TRP A 1 171 ? -9.138  -1.409  9.378   1.00 63.60  ? 236 TRP A CB  1 
ATOM   1168 C  CG  . TRP A 1 171 ? -7.662  -1.501  9.119   1.00 64.66  ? 236 TRP A CG  1 
ATOM   1169 C  CD1 . TRP A 1 171 ? -6.652  -0.970  9.866   1.00 62.54  ? 236 TRP A CD1 1 
ATOM   1170 C  CD2 . TRP A 1 171 ? -7.026  -2.193  8.022   1.00 67.46  ? 236 TRP A CD2 1 
ATOM   1171 N  NE1 . TRP A 1 171 ? -5.437  -1.276  9.310   1.00 67.46  ? 236 TRP A NE1 1 
ATOM   1172 C  CE2 . TRP A 1 171 ? -5.629  -2.023  8.177   1.00 68.67  ? 236 TRP A CE2 1 
ATOM   1173 C  CE3 . TRP A 1 171 ? -7.491  -2.937  6.928   1.00 67.12  ? 236 TRP A CE3 1 
ATOM   1174 C  CZ2 . TRP A 1 171 ? -4.701  -2.561  7.280   1.00 70.70  ? 236 TRP A CZ2 1 
ATOM   1175 C  CZ3 . TRP A 1 171 ? -6.573  -3.470  6.042   1.00 72.14  ? 236 TRP A CZ3 1 
ATOM   1176 C  CH2 . TRP A 1 171 ? -5.196  -3.279  6.212   1.00 71.36  ? 236 TRP A CH2 1 
ATOM   1177 N  N   . ILE A 1 172 ? -9.654  1.822   9.461   1.00 54.45  ? 237 ILE A N   1 
ATOM   1178 C  CA  . ILE A 1 172 ? -9.151  3.173   9.282   1.00 58.01  ? 237 ILE A CA  1 
ATOM   1179 C  C   . ILE A 1 172 ? -9.407  4.039   10.521  1.00 56.60  ? 237 ILE A C   1 
ATOM   1180 O  O   . ILE A 1 172 ? -8.484  4.700   10.994  1.00 53.56  ? 237 ILE A O   1 
ATOM   1181 C  CB  . ILE A 1 172 ? -9.618  3.796   7.945   1.00 65.31  ? 237 ILE A CB  1 
ATOM   1182 C  CG1 . ILE A 1 172 ? -8.867  5.089   7.610   1.00 62.40  ? 237 ILE A CG1 1 
ATOM   1183 C  CG2 . ILE A 1 172 ? -11.128 3.989   7.890   1.00 68.83  ? 237 ILE A CG2 1 
ATOM   1184 C  CD1 . ILE A 1 172 ? -8.654  5.293   6.133   1.00 57.01  ? 237 ILE A CD1 1 
ATOM   1185 N  N   . VAL A 1 173 ? -10.630 4.005   11.075  1.00 63.83  ? 238 VAL A N   1 
ATOM   1186 C  CA  . VAL A 1 173 ? -11.010 4.874   12.189  1.00 70.14  ? 238 VAL A CA  1 
ATOM   1187 C  C   . VAL A 1 173 ? -10.299 4.465   13.485  1.00 74.19  ? 238 VAL A C   1 
ATOM   1188 O  O   . VAL A 1 173 ? -10.021 5.315   14.335  1.00 75.22  ? 238 VAL A O   1 
ATOM   1189 C  CB  . VAL A 1 173 ? -12.539 4.983   12.381  1.00 72.86  ? 238 VAL A CB  1 
ATOM   1190 C  CG1 . VAL A 1 173 ? -13.247 5.498   11.132  1.00 65.03  ? 238 VAL A CG1 1 
ATOM   1191 C  CG2 . VAL A 1 173 ? -13.165 3.680   12.861  1.00 76.41  ? 238 VAL A CG2 1 
ATOM   1192 N  N   . ALA A 1 174 ? -10.006 3.163   13.618  1.00 74.65  ? 239 ALA A N   1 
ATOM   1193 C  CA  . ALA A 1 174 ? -9.275  2.602   14.746  1.00 73.29  ? 239 ALA A CA  1 
ATOM   1194 C  C   . ALA A 1 174 ? -7.853  3.159   14.813  1.00 73.47  ? 239 ALA A C   1 
ATOM   1195 O  O   . ALA A 1 174 ? -7.249  3.159   15.879  1.00 80.59  ? 239 ALA A O   1 
ATOM   1196 C  CB  . ALA A 1 174 ? -9.261  1.087   14.662  1.00 71.04  ? 239 ALA A CB  1 
ATOM   1197 N  N   . GLY A 1 175 ? -7.301  3.585   13.669  1.00 75.27  ? 240 GLY A N   1 
ATOM   1198 C  CA  . GLY A 1 175 ? -5.966  4.160   13.619  1.00 70.58  ? 240 GLY A CA  1 
ATOM   1199 C  C   . GLY A 1 175 ? -5.962  5.593   14.142  1.00 70.71  ? 240 GLY A C   1 
ATOM   1200 O  O   . GLY A 1 175 ? -4.946  6.085   14.629  1.00 69.22  ? 240 GLY A O   1 
ATOM   1201 N  N   . TRP A 1 176 ? -7.121  6.253   14.022  1.00 71.36  ? 241 TRP A N   1 
ATOM   1202 C  CA  . TRP A 1 176 ? -7.311  7.588   14.560  1.00 76.20  ? 241 TRP A CA  1 
ATOM   1203 C  C   . TRP A 1 176 ? -7.100  7.545   16.071  1.00 76.46  ? 241 TRP A C   1 
ATOM   1204 O  O   . TRP A 1 176 ? -6.586  8.490   16.656  1.00 69.74  ? 241 TRP A O   1 
ATOM   1205 C  CB  . TRP A 1 176 ? -8.668  8.180   14.141  1.00 77.49  ? 241 TRP A CB  1 
ATOM   1206 C  CG  . TRP A 1 176 ? -8.775  8.433   12.661  1.00 85.58  ? 241 TRP A CG  1 
ATOM   1207 C  CD1 . TRP A 1 176 ? -7.742  8.469   11.766  1.00 84.94  ? 241 TRP A CD1 1 
ATOM   1208 C  CD2 . TRP A 1 176 ? -9.968  8.699   11.894  1.00 84.10  ? 241 TRP A CD2 1 
ATOM   1209 N  NE1 . TRP A 1 176 ? -8.206  8.722   10.504  1.00 78.35  ? 241 TRP A NE1 1 
ATOM   1210 C  CE2 . TRP A 1 176 ? -9.566  8.879   10.549  1.00 80.72  ? 241 TRP A CE2 1 
ATOM   1211 C  CE3 . TRP A 1 176 ? -11.333 8.808   12.200  1.00 88.09  ? 241 TRP A CE3 1 
ATOM   1212 C  CZ2 . TRP A 1 176 ? -10.474 9.161   9.527   1.00 75.57  ? 241 TRP A CZ2 1 
ATOM   1213 C  CZ3 . TRP A 1 176 ? -12.230 9.082   11.189  1.00 84.77  ? 241 TRP A CZ3 1 
ATOM   1214 C  CH2 . TRP A 1 176 ? -11.805 9.250   9.869   1.00 78.61  ? 241 TRP A CH2 1 
ATOM   1215 N  N   . PHE A 1 177 ? -7.457  6.410   16.678  1.00 81.07  ? 242 PHE A N   1 
ATOM   1216 C  CA  . PHE A 1 177 ? -7.239  6.174   18.095  1.00 74.48  ? 242 PHE A CA  1 
ATOM   1217 C  C   . PHE A 1 177 ? -6.168  5.086   18.239  1.00 66.25  ? 242 PHE A C   1 
ATOM   1218 O  O   . PHE A 1 177 ? -5.537  4.931   19.274  1.00 64.33  ? 242 PHE A O   1 
ATOM   1219 C  CB  . PHE A 1 177 ? -8.566  5.797   18.753  1.00 71.97  ? 242 PHE A CB  1 
ATOM   1220 C  CG  . PHE A 1 177 ? -9.748  6.632   18.321  1.00 72.87  ? 242 PHE A CG  1 
ATOM   1221 C  CD1 . PHE A 1 177 ? -10.550 6.248   17.253  1.00 73.18  ? 242 PHE A CD1 1 
ATOM   1222 C  CD2 . PHE A 1 177 ? -10.070 7.803   18.994  1.00 74.93  ? 242 PHE A CD2 1 
ATOM   1223 C  CE1 . PHE A 1 177 ? -11.643 7.016   16.867  1.00 74.50  ? 242 PHE A CE1 1 
ATOM   1224 C  CE2 . PHE A 1 177 ? -11.164 8.568   18.611  1.00 71.67  ? 242 PHE A CE2 1 
ATOM   1225 C  CZ  . PHE A 1 177 ? -11.948 8.173   17.549  1.00 70.98  ? 242 PHE A CZ  1 
ATOM   1226 N  N   . MET A 1 182 ? -1.559  1.106   19.143  1.00 98.47  ? 247 MET A N   1 
ATOM   1227 C  CA  . MET A 1 182 ? -0.971  0.689   17.872  1.00 94.53  ? 247 MET A CA  1 
ATOM   1228 C  C   . MET A 1 182 ? -0.730  1.911   16.981  1.00 87.29  ? 247 MET A C   1 
ATOM   1229 O  O   . MET A 1 182 ? -1.673  2.626   16.624  1.00 90.94  ? 247 MET A O   1 
ATOM   1230 C  CB  . MET A 1 182 ? -1.875  -0.324  17.161  1.00 94.48  ? 247 MET A CB  1 
ATOM   1231 C  CG  . MET A 1 182 ? -1.088  -1.422  16.476  1.00 100.54 ? 247 MET A CG  1 
ATOM   1232 S  SD  . MET A 1 182 ? -2.055  -2.901  16.114  1.00 98.36  ? 247 MET A SD  1 
ATOM   1233 C  CE  . MET A 1 182 ? -0.761  -4.141  16.202  1.00 89.66  ? 247 MET A CE  1 
ATOM   1234 N  N   . SER A 1 183 ? 0.538   2.118   16.600  1.00 75.08  ? 248 SER A N   1 
ATOM   1235 C  CA  . SER A 1 183 ? 0.959   3.359   15.963  1.00 72.20  ? 248 SER A CA  1 
ATOM   1236 C  C   . SER A 1 183 ? 0.848   3.276   14.438  1.00 66.71  ? 248 SER A C   1 
ATOM   1237 O  O   . SER A 1 183 ? 1.832   3.063   13.723  1.00 61.68  ? 248 SER A O   1 
ATOM   1238 C  CB  . SER A 1 183 ? 2.321   3.756   16.428  1.00 74.17  ? 248 SER A CB  1 
ATOM   1239 O  OG  . SER A 1 183 ? 2.478   3.407   17.793  1.00 82.29  ? 248 SER A OG  1 
ATOM   1240 N  N   . MET A 1 184 ? -0.392  3.476   13.973  1.00 57.90  ? 249 MET A N   1 
ATOM   1241 C  CA  . MET A 1 184 ? -0.793  3.412   12.579  1.00 58.45  ? 249 MET A CA  1 
ATOM   1242 C  C   . MET A 1 184 ? -0.300  4.659   11.846  1.00 52.21  ? 249 MET A C   1 
ATOM   1243 O  O   . MET A 1 184 ? -0.356  5.774   12.383  1.00 43.12  ? 249 MET A O   1 
ATOM   1244 C  CB  . MET A 1 184 ? -2.322  3.379   12.459  1.00 69.67  ? 249 MET A CB  1 
ATOM   1245 C  CG  . MET A 1 184 ? -3.004  2.370   13.358  1.00 78.75  ? 249 MET A CG  1 
ATOM   1246 S  SD  . MET A 1 184 ? -3.691  1.020   12.374  1.00 82.65  ? 249 MET A SD  1 
ATOM   1247 C  CE  . MET A 1 184 ? -2.280  -0.089  12.394  1.00 78.03  ? 249 MET A CE  1 
ATOM   1248 N  N   . ALA A 1 185 ? 0.169   4.432   10.611  1.00 43.49  ? 250 ALA A N   1 
ATOM   1249 C  CA  . ALA A 1 185 ? 0.463   5.492   9.662   1.00 44.04  ? 250 ALA A CA  1 
ATOM   1250 C  C   . ALA A 1 185 ? -0.863  5.999   9.090   1.00 43.19  ? 250 ALA A C   1 
ATOM   1251 O  O   . ALA A 1 185 ? -1.393  5.436   8.132   1.00 43.02  ? 250 ALA A O   1 
ATOM   1252 C  CB  . ALA A 1 185 ? 1.410   4.959   8.609   1.00 39.75  ? 250 ALA A CB  1 
ATOM   1253 N  N   . ASN A 1 186 ? -1.432  7.022   9.741   1.00 43.53  ? 251 ASN A N   1 
ATOM   1254 C  CA  . ASN A 1 186 ? -2.799  7.434   9.455   1.00 46.45  ? 251 ASN A CA  1 
ATOM   1255 C  C   . ASN A 1 186 ? -2.866  8.202   8.132   1.00 50.10  ? 251 ASN A C   1 
ATOM   1256 O  O   . ASN A 1 186 ? -3.884  8.142   7.446   1.00 54.13  ? 251 ASN A O   1 
ATOM   1257 C  CB  . ASN A 1 186 ? -3.469  8.194   10.610  1.00 47.63  ? 251 ASN A CB  1 
ATOM   1258 C  CG  . ASN A 1 186 ? -3.765  7.329   11.821  1.00 55.76  ? 251 ASN A CG  1 
ATOM   1259 O  OD1 . ASN A 1 186 ? -4.313  6.234   11.701  1.00 54.91  ? 251 ASN A OD1 1 
ATOM   1260 N  ND2 . ASN A 1 186 ? -3.422  7.819   13.000  1.00 57.10  ? 251 ASN A ND2 1 
ATOM   1261 N  N   . GLY A 1 187 ? -1.783  8.901   7.760   1.00 41.19  ? 252 GLY A N   1 
ATOM   1262 C  CA  . GLY A 1 187 ? -1.797  9.694   6.543   1.00 37.63  ? 252 GLY A CA  1 
ATOM   1263 C  C   . GLY A 1 187 ? -1.600  8.813   5.310   1.00 43.17  ? 252 GLY A C   1 
ATOM   1264 O  O   . GLY A 1 187 ? -2.105  9.107   4.221   1.00 41.19  ? 252 GLY A O   1 
ATOM   1265 N  N   . ALA A 1 188 ? -0.877  7.707   5.503   1.00 39.49  ? 253 ALA A N   1 
ATOM   1266 C  CA  . ALA A 1 188 ? -0.708  6.727   4.449   1.00 41.34  ? 253 ALA A CA  1 
ATOM   1267 C  C   . ALA A 1 188 ? -2.057  6.093   4.115   1.00 41.92  ? 253 ALA A C   1 
ATOM   1268 O  O   . ALA A 1 188 ? -2.373  5.944   2.939   1.00 43.95  ? 253 ALA A O   1 
ATOM   1269 C  CB  . ALA A 1 188 ? 0.331   5.698   4.845   1.00 42.33  ? 253 ALA A CB  1 
ATOM   1270 N  N   . HIS A 1 189 ? -2.851  5.749   5.146   1.00 41.88  ? 254 HIS A N   1 
ATOM   1271 C  CA  . HIS A 1 189 ? -4.150  5.106   4.958   1.00 44.10  ? 254 HIS A CA  1 
ATOM   1272 C  C   . HIS A 1 189 ? -5.141  5.988   4.200   1.00 47.50  ? 254 HIS A C   1 
ATOM   1273 O  O   . HIS A 1 189 ? -5.799  5.494   3.280   1.00 46.80  ? 254 HIS A O   1 
ATOM   1274 C  CB  . HIS A 1 189 ? -4.785  4.611   6.261   1.00 41.01  ? 254 HIS A CB  1 
ATOM   1275 C  CG  . HIS A 1 189 ? -4.024  3.530   6.951   1.00 45.28  ? 254 HIS A CG  1 
ATOM   1276 N  ND1 . HIS A 1 189 ? -4.309  3.151   8.241   1.00 45.73  ? 254 HIS A ND1 1 
ATOM   1277 C  CD2 . HIS A 1 189 ? -2.967  2.784   6.565   1.00 46.56  ? 254 HIS A CD2 1 
ATOM   1278 C  CE1 . HIS A 1 189 ? -3.482  2.201   8.609   1.00 45.97  ? 254 HIS A CE1 1 
ATOM   1279 N  NE2 . HIS A 1 189 ? -2.647  1.962   7.604   1.00 45.41  ? 254 HIS A NE2 1 
ATOM   1280 N  N   . ILE A 1 190 ? -5.261  7.268   4.597   1.00 45.66  ? 255 ILE A N   1 
ATOM   1281 C  CA  . ILE A 1 190 ? -6.233  8.142   3.956   1.00 45.61  ? 255 ILE A CA  1 
ATOM   1282 C  C   . ILE A 1 190 ? -5.765  8.532   2.554   1.00 46.04  ? 255 ILE A C   1 
ATOM   1283 O  O   . ILE A 1 190 ? -6.581  8.664   1.644   1.00 46.71  ? 255 ILE A O   1 
ATOM   1284 C  CB  . ILE A 1 190 ? -6.580  9.379   4.804   1.00 47.99  ? 255 ILE A CB  1 
ATOM   1285 C  CG1 . ILE A 1 190 ? -8.002  9.849   4.488   1.00 56.23  ? 255 ILE A CG1 1 
ATOM   1286 C  CG2 . ILE A 1 190 ? -5.574  10.499  4.585   1.00 43.68  ? 255 ILE A CG2 1 
ATOM   1287 C  CD1 . ILE A 1 190 ? -8.089  11.215  3.815   1.00 56.66  ? 255 ILE A CD1 1 
ATOM   1288 N  N   . ALA A 1 191 ? -4.451  8.720   2.383   1.00 42.82  ? 256 ALA A N   1 
ATOM   1289 C  CA  . ALA A 1 191 ? -3.943  9.146   1.092   1.00 41.33  ? 256 ALA A CA  1 
ATOM   1290 C  C   . ALA A 1 191 ? -4.049  7.995   0.088   1.00 41.88  ? 256 ALA A C   1 
ATOM   1291 O  O   . ALA A 1 191 ? -4.443  8.205   -1.059  1.00 38.98  ? 256 ALA A O   1 
ATOM   1292 C  CB  . ALA A 1 191 ? -2.532  9.652   1.222   1.00 34.21  ? 256 ALA A CB  1 
ATOM   1293 N  N   . GLY A 1 192 ? -3.711  6.779   0.547   1.00 44.87  ? 257 GLY A N   1 
ATOM   1294 C  CA  . GLY A 1 192 ? -3.887  5.556   -0.228  1.00 41.66  ? 257 GLY A CA  1 
ATOM   1295 C  C   . GLY A 1 192 ? -5.331  5.424   -0.703  1.00 43.19  ? 257 GLY A C   1 
ATOM   1296 O  O   . GLY A 1 192 ? -5.579  5.339   -1.904  1.00 48.77  ? 257 GLY A O   1 
ATOM   1297 N  N   . LEU A 1 193 ? -6.271  5.501   0.250   1.00 37.59  ? 258 LEU A N   1 
ATOM   1298 C  CA  . LEU A 1 193 ? -7.684  5.333   -0.020  1.00 31.54  ? 258 LEU A CA  1 
ATOM   1299 C  C   . LEU A 1 193 ? -8.127  6.326   -1.075  1.00 31.68  ? 258 LEU A C   1 
ATOM   1300 O  O   . LEU A 1 193 ? -8.794  5.943   -2.038  1.00 33.82  ? 258 LEU A O   1 
ATOM   1301 C  CB  . LEU A 1 193 ? -8.493  5.540   1.255   1.00 32.72  ? 258 LEU A CB  1 
ATOM   1302 C  CG  . LEU A 1 193 ? -10.006 5.435   1.054   1.00 34.08  ? 258 LEU A CG  1 
ATOM   1303 C  CD1 . LEU A 1 193 ? -10.412 3.986   0.764   1.00 34.27  ? 258 LEU A CD1 1 
ATOM   1304 C  CD2 . LEU A 1 193 ? -10.730 5.962   2.280   1.00 32.66  ? 258 LEU A CD2 1 
ATOM   1305 N  N   . ALA A 1 194 ? -7.739  7.587   -0.878  1.00 31.82  ? 259 ALA A N   1 
ATOM   1306 C  CA  . ALA A 1 194 ? -8.132  8.680   -1.757  1.00 33.76  ? 259 ALA A CA  1 
ATOM   1307 C  C   . ALA A 1 194 ? -7.600  8.419   -3.159  1.00 36.01  ? 259 ALA A C   1 
ATOM   1308 O  O   . ALA A 1 194 ? -8.288  8.671   -4.141  1.00 43.42  ? 259 ALA A O   1 
ATOM   1309 C  CB  . ALA A 1 194 ? -7.607  9.999   -1.228  1.00 31.38  ? 259 ALA A CB  1 
ATOM   1310 N  N   . VAL A 1 195 ? -6.365  7.922   -3.236  1.00 36.43  ? 260 VAL A N   1 
ATOM   1311 C  CA  . VAL A 1 195 ? -5.686  7.697   -4.501  1.00 38.76  ? 260 VAL A CA  1 
ATOM   1312 C  C   . VAL A 1 195 ? -6.446  6.654   -5.335  1.00 42.33  ? 260 VAL A C   1 
ATOM   1313 O  O   . VAL A 1 195 ? -6.684  6.875   -6.537  1.00 44.24  ? 260 VAL A O   1 
ATOM   1314 C  CB  . VAL A 1 195 ? -4.209  7.334   -4.237  1.00 37.28  ? 260 VAL A CB  1 
ATOM   1315 C  CG1 . VAL A 1 195 ? -3.568  6.536   -5.358  1.00 34.59  ? 260 VAL A CG1 1 
ATOM   1316 C  CG2 . VAL A 1 195 ? -3.403  8.583   -3.935  1.00 41.99  ? 260 VAL A CG2 1 
ATOM   1317 N  N   . GLY A 1 196 ? -6.829  5.533   -4.686  1.00 36.92  ? 261 GLY A N   1 
ATOM   1318 C  CA  . GLY A 1 196 ? -7.591  4.461   -5.311  1.00 38.71  ? 261 GLY A CA  1 
ATOM   1319 C  C   . GLY A 1 196 ? -8.982  4.912   -5.777  1.00 41.26  ? 261 GLY A C   1 
ATOM   1320 O  O   . GLY A 1 196 ? -9.419  4.554   -6.877  1.00 38.80  ? 261 GLY A O   1 
ATOM   1321 N  N   . LEU A 1 197 ? -9.661  5.719   -4.946  1.00 36.56  ? 262 LEU A N   1 
ATOM   1322 C  CA  . LEU A 1 197 ? -10.960 6.258   -5.330  1.00 35.62  ? 262 LEU A CA  1 
ATOM   1323 C  C   . LEU A 1 197 ? -10.814 7.106   -6.598  1.00 37.13  ? 262 LEU A C   1 
ATOM   1324 O  O   . LEU A 1 197 ? -11.466 6.830   -7.607  1.00 38.79  ? 262 LEU A O   1 
ATOM   1325 C  CB  . LEU A 1 197 ? -11.587 7.013   -4.147  1.00 29.95  ? 262 LEU A CB  1 
ATOM   1326 C  CG  . LEU A 1 197 ? -11.994 6.130   -2.962  1.00 30.51  ? 262 LEU A CG  1 
ATOM   1327 C  CD1 . LEU A 1 197 ? -12.479 6.945   -1.761  1.00 31.04  ? 262 LEU A CD1 1 
ATOM   1328 C  CD2 . LEU A 1 197 ? -13.036 5.104   -3.365  1.00 26.73  ? 262 LEU A CD2 1 
ATOM   1329 N  N   . ALA A 1 198 ? -9.923  8.115   -6.566  1.00 40.24  ? 263 ALA A N   1 
ATOM   1330 C  CA  . ALA A 1 198 ? -9.681  8.982   -7.717  1.00 37.35  ? 263 ALA A CA  1 
ATOM   1331 C  C   . ALA A 1 198 ? -9.363  8.166   -8.972  1.00 38.82  ? 263 ALA A C   1 
ATOM   1332 O  O   . ALA A 1 198 ? -9.949  8.434   -10.013 1.00 35.00  ? 263 ALA A O   1 
ATOM   1333 C  CB  . ALA A 1 198 ? -8.617  10.017  -7.440  1.00 33.70  ? 263 ALA A CB  1 
ATOM   1334 N  N   . MET A 1 199 ? -8.476  7.154   -8.876  1.00 40.49  ? 264 MET A N   1 
ATOM   1335 C  CA  . MET A 1 199 ? -8.105  6.400   -10.074 1.00 41.31  ? 264 MET A CA  1 
ATOM   1336 C  C   . MET A 1 199 ? -9.281  5.585   -10.630 1.00 40.37  ? 264 MET A C   1 
ATOM   1337 O  O   . MET A 1 199 ? -9.513  5.589   -11.842 1.00 39.36  ? 264 MET A O   1 
ATOM   1338 C  CB  . MET A 1 199 ? -6.872  5.513   -9.870  1.00 39.86  ? 264 MET A CB  1 
ATOM   1339 C  CG  . MET A 1 199 ? -5.555  6.291   -9.877  1.00 43.51  ? 264 MET A CG  1 
ATOM   1340 S  SD  . MET A 1 199 ? -4.103  5.252   -9.456  1.00 50.05  ? 264 MET A SD  1 
ATOM   1341 C  CE  . MET A 1 199 ? -3.961  4.308   -10.974 1.00 44.64  ? 264 MET A CE  1 
ATOM   1342 N  N   . ALA A 1 200 ? -10.025 4.913   -9.737  1.00 35.22  ? 265 ALA A N   1 
ATOM   1343 C  CA  . ALA A 1 200 ? -11.206 4.153   -10.109 1.00 34.18  ? 265 ALA A CA  1 
ATOM   1344 C  C   . ALA A 1 200 ? -12.257 5.057   -10.737 1.00 36.74  ? 265 ALA A C   1 
ATOM   1345 O  O   . ALA A 1 200 ? -12.915 4.639   -11.675 1.00 38.44  ? 265 ALA A O   1 
ATOM   1346 C  CB  . ALA A 1 200 ? -11.796 3.461   -8.905  1.00 39.12  ? 265 ALA A CB  1 
ATOM   1347 N  N   . PHE A 1 201 ? -12.433 6.268   -10.188 1.00 35.54  ? 266 PHE A N   1 
ATOM   1348 C  CA  . PHE A 1 201 ? -13.379 7.239   -10.724 1.00 38.83  ? 266 PHE A CA  1 
ATOM   1349 C  C   . PHE A 1 201 ? -13.033 7.586   -12.175 1.00 38.95  ? 266 PHE A C   1 
ATOM   1350 O  O   . PHE A 1 201 ? -13.885 7.483   -13.062 1.00 41.82  ? 266 PHE A O   1 
ATOM   1351 C  CB  . PHE A 1 201 ? -13.445 8.495   -9.842  1.00 39.12  ? 266 PHE A CB  1 
ATOM   1352 C  CG  . PHE A 1 201 ? -14.474 9.503   -10.287 1.00 39.09  ? 266 PHE A CG  1 
ATOM   1353 C  CD1 . PHE A 1 201 ? -15.831 9.294   -10.048 1.00 35.82  ? 266 PHE A CD1 1 
ATOM   1354 C  CD2 . PHE A 1 201 ? -14.089 10.641  -10.994 1.00 41.47  ? 266 PHE A CD2 1 
ATOM   1355 C  CE1 . PHE A 1 201 ? -16.778 10.215  -10.485 1.00 36.51  ? 266 PHE A CE1 1 
ATOM   1356 C  CE2 . PHE A 1 201 ? -15.035 11.567  -11.419 1.00 39.28  ? 266 PHE A CE2 1 
ATOM   1357 C  CZ  . PHE A 1 201 ? -16.378 11.353  -11.161 1.00 37.70  ? 266 PHE A CZ  1 
ATOM   1358 N  N   . VAL A 1 202 ? -11.764 7.945   -12.400 1.00 39.36  ? 267 VAL A N   1 
ATOM   1359 C  CA  . VAL A 1 202 ? -11.228 8.294   -13.712 1.00 44.12  ? 267 VAL A CA  1 
ATOM   1360 C  C   . VAL A 1 202 ? -11.334 7.112   -14.682 1.00 45.11  ? 267 VAL A C   1 
ATOM   1361 O  O   . VAL A 1 202 ? -11.683 7.307   -15.843 1.00 52.00  ? 267 VAL A O   1 
ATOM   1362 C  CB  . VAL A 1 202 ? -9.784  8.831   -13.615 1.00 40.46  ? 267 VAL A CB  1 
ATOM   1363 C  CG1 . VAL A 1 202 ? -9.142  8.954   -14.984 1.00 43.57  ? 267 VAL A CG1 1 
ATOM   1364 C  CG2 . VAL A 1 202 ? -9.735  10.171  -12.891 1.00 37.70  ? 267 VAL A CG2 1 
ATOM   1365 N  N   . ASP A 1 203 ? -11.036 5.896   -14.204 1.00 44.06  ? 268 ASP A N   1 
ATOM   1366 C  CA  . ASP A 1 203 ? -11.051 4.698   -15.034 1.00 44.93  ? 268 ASP A CA  1 
ATOM   1367 C  C   . ASP A 1 203 ? -12.492 4.272   -15.332 1.00 47.49  ? 268 ASP A C   1 
ATOM   1368 O  O   . ASP A 1 203 ? -12.709 3.470   -16.230 1.00 46.29  ? 268 ASP A O   1 
ATOM   1369 C  CB  . ASP A 1 203 ? -10.336 3.519   -14.354 1.00 44.08  ? 268 ASP A CB  1 
ATOM   1370 C  CG  . ASP A 1 203 ? -8.817  3.548   -14.425 1.00 47.84  ? 268 ASP A CG  1 
ATOM   1371 O  OD1 . ASP A 1 203 ? -8.294  4.488   -15.074 1.00 50.87  ? 268 ASP A OD1 1 
ATOM   1372 O  OD2 . ASP A 1 203 ? -8.158  2.629   -13.821 1.00 39.94  ? 268 ASP A OD2 1 
ATOM   1373 N  N   . SER A 1 204 ? -13.465 4.768   -14.557 1.00 50.63  ? 269 SER A N   1 
ATOM   1374 C  CA  . SER A 1 204 ? -14.848 4.342   -14.690 1.00 53.71  ? 269 SER A CA  1 
ATOM   1375 C  C   . SER A 1 204 ? -15.540 5.215   -15.726 1.00 63.66  ? 269 SER A C   1 
ATOM   1376 O  O   . SER A 1 204 ? -16.367 4.726   -16.493 1.00 87.96  ? 269 SER A O   1 
ATOM   1377 C  CB  . SER A 1 204 ? -15.583 4.416   -13.388 1.00 55.70  ? 269 SER A CB  1 
ATOM   1378 O  OG  . SER A 1 204 ? -15.013 3.550   -12.429 1.00 63.71  ? 269 SER A OG  1 
ATOM   1379 N  N   . LEU A 1 205 ? -15.207 6.508   -15.725 1.00 61.44  ? 270 LEU A N   1 
ATOM   1380 C  CA  . LEU A 1 205 ? -15.560 7.396   -16.818 1.00 66.13  ? 270 LEU A CA  1 
ATOM   1381 C  C   . LEU A 1 205 ? -15.210 6.720   -18.143 1.00 80.04  ? 270 LEU A C   1 
ATOM   1382 O  O   . LEU A 1 205 ? -16.077 6.583   -19.005 1.00 82.79  ? 270 LEU A O   1 
ATOM   1383 C  CB  . LEU A 1 205 ? -14.746 8.684   -16.682 1.00 60.00  ? 270 LEU A CB  1 
ATOM   1384 C  CG  . LEU A 1 205 ? -15.224 9.669   -15.626 1.00 62.28  ? 270 LEU A CG  1 
ATOM   1385 C  CD1 . LEU A 1 205 ? -14.139 10.701  -15.368 1.00 61.18  ? 270 LEU A CD1 1 
ATOM   1386 C  CD2 . LEU A 1 205 ? -16.532 10.340  -16.049 1.00 59.00  ? 270 LEU A CD2 1 
ATOM   1387 N  N   . ASN A 1 206 ? -13.941 6.284   -18.251 1.00 85.55  ? 271 ASN A N   1 
ATOM   1388 C  CA  . ASN A 1 206 ? -13.273 5.838   -19.466 1.00 93.11  ? 271 ASN A CA  1 
ATOM   1389 C  C   . ASN A 1 206 ? -13.756 4.457   -19.922 1.00 100.94 ? 271 ASN A C   1 
ATOM   1390 O  O   . ASN A 1 206 ? -13.622 4.132   -21.103 1.00 102.01 ? 271 ASN A O   1 
ATOM   1391 C  CB  . ASN A 1 206 ? -11.748 5.804   -19.290 1.00 92.91  ? 271 ASN A CB  1 
ATOM   1392 C  CG  . ASN A 1 206 ? -11.063 7.135   -19.513 1.00 94.95  ? 271 ASN A CG  1 
ATOM   1393 O  OD1 . ASN A 1 206 ? -11.686 8.091   -19.966 1.00 103.17 ? 271 ASN A OD1 1 
ATOM   1394 N  ND2 . ASN A 1 206 ? -9.777  7.203   -19.211 1.00 87.59  ? 271 ASN A ND2 1 
ATOM   1395 N  N   . ALA A 1 207 ? -14.280 3.639   -18.992 1.00 95.26  ? 272 ALA A N   1 
ATOM   1396 C  CA  . ALA A 1 207 ? -14.707 2.278   -19.294 1.00 84.88  ? 272 ALA A CA  1 
ATOM   1397 C  C   . ALA A 1 207 ? -16.062 2.292   -20.017 1.00 82.74  ? 272 ALA A C   1 
ATOM   1398 O  O   . ALA A 1 207 ? -16.141 2.041   -21.225 1.00 75.93  ? 272 ALA A O   1 
ATOM   1399 C  CB  . ALA A 1 207 ? -14.769 1.446   -18.039 1.00 68.61  ? 272 ALA A CB  1 
ATOM   1400 C  CA  . LYS B 2 2   ? 8.072   5.986   17.365  1.00 77.89  ? 496 LYS B CA  1 
ATOM   1401 C  C   . LYS B 2 2   ? 7.859   5.775   15.867  1.00 83.61  ? 496 LYS B C   1 
ATOM   1402 O  O   . LYS B 2 2   ? 7.472   6.697   15.151  1.00 90.12  ? 496 LYS B O   1 
ATOM   1403 N  N   . VAL B 2 3   ? 8.127   4.547   15.408  1.00 73.80  ? 497 VAL B N   1 
ATOM   1404 C  CA  . VAL B 2 3   ? 7.812   4.124   14.055  1.00 63.85  ? 497 VAL B CA  1 
ATOM   1405 C  C   . VAL B 2 3   ? 6.311   3.861   13.920  1.00 64.71  ? 497 VAL B C   1 
ATOM   1406 O  O   . VAL B 2 3   ? 5.679   3.304   14.827  1.00 70.94  ? 497 VAL B O   1 
ATOM   1407 C  CB  . VAL B 2 3   ? 8.645   2.896   13.654  1.00 58.37  ? 497 VAL B CB  1 
ATOM   1408 C  CG1 . VAL B 2 3   ? 8.023   2.144   12.488  1.00 59.79  ? 497 VAL B CG1 1 
ATOM   1409 C  CG2 . VAL B 2 3   ? 10.076  3.295   13.327  1.00 62.82  ? 497 VAL B CG2 1 
ATOM   1410 N  N   . ARG B 2 4   ? 5.762   4.254   12.757  1.00 57.54  ? 498 ARG B N   1 
ATOM   1411 C  CA  . ARG B 2 4   ? 4.353   4.059   12.433  1.00 51.36  ? 498 ARG B CA  1 
ATOM   1412 C  C   . ARG B 2 4   ? 4.184   2.981   11.354  1.00 46.88  ? 498 ARG B C   1 
ATOM   1413 O  O   . ARG B 2 4   ? 5.051   2.777   10.507  1.00 42.92  ? 498 ARG B O   1 
ATOM   1414 C  CB  . ARG B 2 4   ? 3.677   5.406   12.162  1.00 49.92  ? 498 ARG B CB  1 
ATOM   1415 C  CG  . ARG B 2 4   ? 3.542   6.311   13.382  1.00 46.89  ? 498 ARG B CG  1 
ATOM   1416 C  CD  . ARG B 2 4   ? 2.852   7.610   13.004  1.00 52.90  ? 498 ARG B CD  1 
ATOM   1417 N  NE  . ARG B 2 4   ? 2.479   8.477   14.121  1.00 55.91  ? 498 ARG B NE  1 
ATOM   1418 C  CZ  . ARG B 2 4   ? 1.411   8.314   14.899  1.00 56.96  ? 498 ARG B CZ  1 
ATOM   1419 N  NH1 . ARG B 2 4   ? 1.235   9.110   15.938  1.00 56.61  ? 498 ARG B NH1 1 
ATOM   1420 N  NH2 . ARG B 2 4   ? 0.520   7.370   14.638  1.00 55.95  ? 498 ARG B NH2 1 
ATOM   1421 N  N   . MET B 2 5   ? 3.063   2.259   11.423  1.00 46.91  ? 499 MET B N   1 
ATOM   1422 C  CA  . MET B 2 5   ? 2.846   1.081   10.598  1.00 51.78  ? 499 MET B CA  1 
ATOM   1423 C  C   . MET B 2 5   ? 1.801   1.403   9.534   1.00 51.66  ? 499 MET B C   1 
ATOM   1424 O  O   . MET B 2 5   ? 0.683   1.795   9.860   1.00 60.96  ? 499 MET B O   1 
ATOM   1425 C  CB  . MET B 2 5   ? 2.344   -0.079  11.461  1.00 56.81  ? 499 MET B CB  1 
ATOM   1426 C  CG  . MET B 2 5   ? 3.358   -0.559  12.469  1.00 72.96  ? 499 MET B CG  1 
ATOM   1427 S  SD  . MET B 2 5   ? 2.562   -0.886  14.075  1.00 110.53 ? 499 MET B SD  1 
ATOM   1428 C  CE  . MET B 2 5   ? 3.858   -0.376  15.205  1.00 84.02  ? 499 MET B CE  1 
ATOM   1429 N  N   . ALA B 2 6   ? 2.179   1.271   8.260   1.00 47.73  ? 500 ALA B N   1 
ATOM   1430 C  CA  . ALA B 2 6   ? 1.243   1.443   7.158   1.00 49.96  ? 500 ALA B CA  1 
ATOM   1431 C  C   . ALA B 2 6   ? 0.727   0.062   6.751   1.00 42.41  ? 500 ALA B C   1 
ATOM   1432 O  O   . ALA B 2 6   ? 1.524   -0.845  6.517   1.00 45.27  ? 500 ALA B O   1 
ATOM   1433 C  CB  . ALA B 2 6   ? 1.890   2.164   5.984   1.00 46.75  ? 500 ALA B CB  1 
HETATM 1434 CL CL  . CL  C 3 .   ? 0.300   9.203   11.285  1.00 53.80  ? 301 CL  A CL  1 
HETATM 1435 O  O   . HOH D 4 .   ? 11.000  -6.446  10.428  1.00 58.32  ? 401 HOH A O   1 
HETATM 1436 O  O   . HOH D 4 .   ? 6.901   14.523  2.424   1.00 43.93  ? 402 HOH A O   1 
HETATM 1437 O  O   . HOH D 4 .   ? 20.320  12.618  -2.855  1.00 37.72  ? 403 HOH A O   1 
HETATM 1438 O  O   . HOH D 4 .   ? 8.613   -6.602  4.868   1.00 38.41  ? 404 HOH A O   1 
HETATM 1439 O  O   . HOH D 4 .   ? -17.975 -6.069  -10.743 1.00 46.61  ? 405 HOH A O   1 
HETATM 1440 O  O   . HOH D 4 .   ? -17.293 -3.306  -5.425  1.00 47.39  ? 406 HOH A O   1 
HETATM 1441 O  O   . HOH D 4 .   ? -5.882  5.020   9.963   1.00 54.38  ? 407 HOH A O   1 
HETATM 1442 O  O   . HOH D 4 .   ? 15.701  8.453   5.502   1.00 43.92  ? 408 HOH A O   1 
HETATM 1443 O  O   . HOH D 4 .   ? 9.758   5.721   5.290   1.00 33.04  ? 409 HOH A O   1 
HETATM 1444 O  O   . HOH D 4 .   ? -3.053  -3.458  -17.484 1.00 50.79  ? 410 HOH A O   1 
HETATM 1445 O  O   . HOH D 4 .   ? 4.544   2.926   3.718   1.00 28.94  ? 411 HOH A O   1 
HETATM 1446 O  O   . HOH D 4 .   ? 2.411   3.722   2.396   1.00 35.76  ? 412 HOH A O   1 
HETATM 1447 O  O   . HOH D 4 .   ? 5.349   8.887   10.132  1.00 38.01  ? 413 HOH A O   1 
HETATM 1448 O  O   . HOH D 4 .   ? -6.437  7.286   8.168   1.00 93.02  ? 414 HOH A O   1 
HETATM 1449 O  O   . HOH D 4 .   ? -9.186  0.300   -16.944 1.00 52.24  ? 415 HOH A O   1 
HETATM 1450 O  O   . HOH D 4 .   ? -3.562  -12.193 -11.068 1.00 74.27  ? 416 HOH A O   1 
HETATM 1451 O  O   . HOH D 4 .   ? 9.142   10.025  11.489  1.00 46.55  ? 417 HOH A O   1 
HETATM 1452 O  O   . HOH D 4 .   ? 1.851   1.307   1.431   1.00 42.19  ? 418 HOH A O   1 
HETATM 1453 O  O   . HOH D 4 .   ? -19.363 5.446   -14.561 1.00 70.01  ? 419 HOH A O   1 
HETATM 1454 O  O   . HOH D 4 .   ? -2.108  -0.781  9.405   1.00 50.26  ? 420 HOH A O   1 
HETATM 1455 O  O   . HOH D 4 .   ? 4.340   -2.986  9.386   1.00 52.19  ? 421 HOH A O   1 
HETATM 1456 O  O   . HOH D 4 .   ? -1.418  -4.120  9.275   1.00 82.40  ? 422 HOH A O   1 
HETATM 1457 O  O   . HOH E 4 .   ? 1.828   -2.683  8.384   1.00 44.60  ? 601 HOH B O   1 
# 
loop_
_pdbx_poly_seq_scheme.asym_id 
_pdbx_poly_seq_scheme.entity_id 
_pdbx_poly_seq_scheme.seq_id 
_pdbx_poly_seq_scheme.mon_id 
_pdbx_poly_seq_scheme.ndb_seq_num 
_pdbx_poly_seq_scheme.pdb_seq_num 
_pdbx_poly_seq_scheme.auth_seq_num 
_pdbx_poly_seq_scheme.pdb_mon_id 
_pdbx_poly_seq_scheme.auth_mon_id 
_pdbx_poly_seq_scheme.pdb_strand_id 
_pdbx_poly_seq_scheme.pdb_ins_code 
_pdbx_poly_seq_scheme.hetero 
A 1 1   MET 1   66  ?   ?   ?   A . n 
A 1 2   GLY 2   67  ?   ?   ?   A . n 
A 1 3   SER 3   68  ?   ?   ?   A . n 
A 1 4   SER 4   69  ?   ?   ?   A . n 
A 1 5   HIS 5   70  ?   ?   ?   A . n 
A 1 6   HIS 6   71  ?   ?   ?   A . n 
A 1 7   HIS 7   72  ?   ?   ?   A . n 
A 1 8   HIS 8   73  ?   ?   ?   A . n 
A 1 9   HIS 9   74  ?   ?   ?   A . n 
A 1 10  HIS 10  75  ?   ?   ?   A . n 
A 1 11  SER 11  76  ?   ?   ?   A . n 
A 1 12  SER 12  77  ?   ?   ?   A . n 
A 1 13  GLY 13  78  ?   ?   ?   A . n 
A 1 14  LEU 14  79  ?   ?   ?   A . n 
A 1 15  VAL 15  80  ?   ?   ?   A . n 
A 1 16  PRO 16  81  ?   ?   ?   A . n 
A 1 17  ARG 17  82  ?   ?   ?   A . n 
A 1 18  GLY 18  83  ?   ?   ?   A . n 
A 1 19  SER 19  84  ?   ?   ?   A . n 
A 1 20  HIS 20  85  ?   ?   ?   A . n 
A 1 21  MET 21  86  ?   ?   ?   A . n 
A 1 22  ALA 22  87  ?   ?   ?   A . n 
A 1 23  ALA 23  88  ?   ?   ?   A . n 
A 1 24  LEU 24  89  ?   ?   ?   A . n 
A 1 25  ARG 25  90  ?   ?   ?   A . n 
A 1 26  GLU 26  91  ?   ?   ?   A . n 
A 1 27  ARG 27  92  ?   ?   ?   A . n 
A 1 28  ALA 28  93  93  ALA ALA A . n 
A 1 29  GLY 29  94  94  GLY GLY A . n 
A 1 30  PRO 30  95  95  PRO PRO A . n 
A 1 31  VAL 31  96  96  VAL VAL A . n 
A 1 32  THR 32  97  97  THR THR A . n 
A 1 33  TRP 33  98  98  TRP TRP A . n 
A 1 34  VAL 34  99  99  VAL VAL A . n 
A 1 35  MET 35  100 100 MET MET A . n 
A 1 36  MET 36  101 101 MET MET A . n 
A 1 37  ILE 37  102 102 ILE ILE A . n 
A 1 38  ALA 38  103 103 ALA ALA A . n 
A 1 39  CYS 39  104 104 CYS CYS A . n 
A 1 40  VAL 40  105 105 VAL VAL A . n 
A 1 41  VAL 41  106 106 VAL VAL A . n 
A 1 42  VAL 42  107 107 VAL VAL A . n 
A 1 43  PHE 43  108 108 PHE PHE A . n 
A 1 44  ILE 44  109 109 ILE ILE A . n 
A 1 45  ALA 45  110 110 ALA ALA A . n 
A 1 46  MET 46  111 111 MET MET A . n 
A 1 47  GLN 47  112 112 GLN GLN A . n 
A 1 48  ILE 48  113 113 ILE ILE A . n 
A 1 49  LEU 49  114 114 LEU LEU A . n 
A 1 50  GLY 50  115 115 GLY GLY A . n 
A 1 51  ASP 51  116 116 ASP ASP A . n 
A 1 52  GLN 52  117 117 GLN GLN A . n 
A 1 53  GLU 53  118 118 GLU GLU A . n 
A 1 54  VAL 54  119 119 VAL VAL A . n 
A 1 55  MET 55  120 120 MET MET A . n 
A 1 56  LEU 56  121 121 LEU LEU A . n 
A 1 57  TRP 57  122 122 TRP TRP A . n 
A 1 58  LEU 58  123 123 LEU LEU A . n 
A 1 59  ALA 59  124 124 ALA ALA A . n 
A 1 60  TRP 60  125 125 TRP TRP A . n 
A 1 61  PRO 61  126 126 PRO PRO A . n 
A 1 62  PHE 62  127 127 PHE PHE A . n 
A 1 63  ASP 63  128 128 ASP ASP A . n 
A 1 64  PRO 64  129 129 PRO PRO A . n 
A 1 65  THR 65  130 130 THR THR A . n 
A 1 66  LEU 66  131 131 LEU LEU A . n 
A 1 67  LYS 67  132 132 LYS LYS A . n 
A 1 68  PHE 68  133 133 PHE PHE A . n 
A 1 69  GLU 69  134 134 GLU GLU A . n 
A 1 70  PHE 70  135 135 PHE PHE A . n 
A 1 71  TRP 71  136 136 TRP TRP A . n 
A 1 72  ARG 72  137 137 ARG ARG A . n 
A 1 73  TYR 73  138 138 TYR TYR A . n 
A 1 74  PHE 74  139 139 PHE PHE A . n 
A 1 75  THR 75  140 140 THR THR A . n 
A 1 76  HIS 76  141 141 HIS HIS A . n 
A 1 77  ALA 77  142 142 ALA ALA A . n 
A 1 78  LEU 78  143 143 LEU LEU A . n 
A 1 79  MET 79  144 144 MET MET A . n 
A 1 80  HIS 80  145 145 HIS HIS A . n 
A 1 81  PHE 81  146 146 PHE PHE A . n 
A 1 82  SER 82  147 147 SER SER A . n 
A 1 83  LEU 83  148 148 LEU LEU A . n 
A 1 84  MET 84  149 149 MET MET A . n 
A 1 85  HIS 85  150 150 HIS HIS A . n 
A 1 86  ILE 86  151 151 ILE ILE A . n 
A 1 87  LEU 87  152 152 LEU LEU A . n 
A 1 88  PHE 88  153 153 PHE PHE A . n 
A 1 89  ASN 89  154 154 ASN ASN A . n 
A 1 90  LEU 90  155 155 LEU LEU A . n 
A 1 91  LEU 91  156 156 LEU LEU A . n 
A 1 92  TRP 92  157 157 TRP TRP A . n 
A 1 93  TRP 93  158 158 TRP TRP A . n 
A 1 94  TRP 94  159 159 TRP TRP A . n 
A 1 95  TYR 95  160 160 TYR TYR A . n 
A 1 96  LEU 96  161 161 LEU LEU A . n 
A 1 97  GLY 97  162 162 GLY GLY A . n 
A 1 98  GLY 98  163 163 GLY GLY A . n 
A 1 99  ALA 99  164 164 ALA ALA A . n 
A 1 100 VAL 100 165 165 VAL VAL A . n 
A 1 101 GLU 101 166 166 GLU GLU A . n 
A 1 102 LYS 102 167 167 LYS LYS A . n 
A 1 103 ARG 103 168 168 ARG ARG A . n 
A 1 104 LEU 104 169 169 LEU LEU A . n 
A 1 105 GLY 105 170 170 GLY GLY A . n 
A 1 106 SER 106 171 171 SER SER A . n 
A 1 107 GLY 107 172 172 GLY GLY A . n 
A 1 108 LYS 108 173 173 LYS LYS A . n 
A 1 109 LEU 109 174 174 LEU LEU A . n 
A 1 110 ILE 110 175 175 ILE ILE A . n 
A 1 111 VAL 111 176 176 VAL VAL A . n 
A 1 112 ILE 112 177 177 ILE ILE A . n 
A 1 113 THR 113 178 178 THR THR A . n 
A 1 114 LEU 114 179 179 LEU LEU A . n 
A 1 115 ILE 115 180 180 ILE ILE A . n 
A 1 116 SER 116 181 181 SER SER A . n 
A 1 117 ALA 117 182 182 ALA ALA A . n 
A 1 118 LEU 118 183 183 LEU LEU A . n 
A 1 119 LEU 119 184 184 LEU LEU A . n 
A 1 120 SER 120 185 185 SER SER A . n 
A 1 121 GLY 121 186 186 GLY GLY A . n 
A 1 122 TYR 122 187 187 TYR TYR A . n 
A 1 123 VAL 123 188 188 VAL VAL A . n 
A 1 124 GLN 124 189 189 GLN GLN A . n 
A 1 125 GLN 125 190 190 GLN GLN A . n 
A 1 126 LYS 126 191 191 LYS LYS A . n 
A 1 127 PHE 127 192 192 PHE PHE A . n 
A 1 128 SER 128 193 193 SER SER A . n 
A 1 129 GLY 129 194 194 GLY GLY A . n 
A 1 130 PRO 130 195 195 PRO PRO A . n 
A 1 131 TRP 131 196 196 TRP TRP A . n 
A 1 132 PHE 132 197 197 PHE PHE A . n 
A 1 133 GLY 133 198 198 GLY GLY A . n 
A 1 134 GLY 134 199 199 GLY GLY A . n 
A 1 135 LEU 135 200 200 LEU LEU A . n 
A 1 136 SER 136 201 201 SER SER A . n 
A 1 137 GLY 137 202 202 GLY GLY A . n 
A 1 138 VAL 138 203 203 VAL VAL A . n 
A 1 139 VAL 139 204 204 VAL VAL A . n 
A 1 140 PHE 140 205 205 PHE PHE A . n 
A 1 141 ALA 141 206 206 ALA ALA A . n 
A 1 142 LEU 142 207 207 LEU LEU A . n 
A 1 143 MET 143 208 208 MET MET A . n 
A 1 144 GLY 144 209 209 GLY GLY A . n 
A 1 145 TYR 145 210 210 TYR TYR A . n 
A 1 146 VAL 146 211 211 VAL VAL A . n 
A 1 147 TRP 147 212 212 TRP TRP A . n 
A 1 148 LEU 148 213 213 LEU LEU A . n 
A 1 149 ARG 149 214 214 ARG ARG A . n 
A 1 150 GLY 150 215 215 GLY GLY A . n 
A 1 151 GLU 151 216 216 GLU GLU A . n 
A 1 152 ARG 152 217 217 ARG ARG A . n 
A 1 153 ASP 153 218 218 ASP ASP A . n 
A 1 154 PRO 154 219 219 PRO PRO A . n 
A 1 155 GLN 155 220 220 GLN GLN A . n 
A 1 156 SER 156 221 221 SER SER A . n 
A 1 157 GLY 157 222 222 GLY GLY A . n 
A 1 158 ILE 158 223 223 ILE ILE A . n 
A 1 159 TYR 159 224 224 TYR TYR A . n 
A 1 160 LEU 160 225 225 LEU LEU A . n 
A 1 161 GLN 161 226 226 GLN GLN A . n 
A 1 162 ARG 162 227 227 ARG ARG A . n 
A 1 163 GLY 163 228 228 GLY GLY A . n 
A 1 164 LEU 164 229 229 LEU LEU A . n 
A 1 165 ILE 165 230 230 ILE ILE A . n 
A 1 166 ILE 166 231 231 ILE ILE A . n 
A 1 167 PHE 167 232 232 PHE PHE A . n 
A 1 168 ALA 168 233 233 ALA ALA A . n 
A 1 169 LEU 169 234 234 LEU LEU A . n 
A 1 170 ILE 170 235 235 ILE ILE A . n 
A 1 171 TRP 171 236 236 TRP TRP A . n 
A 1 172 ILE 172 237 237 ILE ILE A . n 
A 1 173 VAL 173 238 238 VAL VAL A . n 
A 1 174 ALA 174 239 239 ALA ALA A . n 
A 1 175 GLY 175 240 240 GLY GLY A . n 
A 1 176 TRP 176 241 241 TRP TRP A . n 
A 1 177 PHE 177 242 242 PHE PHE A . n 
A 1 178 ASP 178 243 ?   ?   ?   A . n 
A 1 179 LEU 179 244 ?   ?   ?   A . n 
A 1 180 PHE 180 245 ?   ?   ?   A . n 
A 1 181 GLY 181 246 ?   ?   ?   A . n 
A 1 182 MET 182 247 247 MET MET A . n 
A 1 183 SER 183 248 248 SER SER A . n 
A 1 184 MET 184 249 249 MET MET A . n 
A 1 185 ALA 185 250 250 ALA ALA A . n 
A 1 186 ASN 186 251 251 ASN ASN A . n 
A 1 187 GLY 187 252 252 GLY GLY A . n 
A 1 188 ALA 188 253 253 ALA ALA A . n 
A 1 189 HIS 189 254 254 HIS HIS A . n 
A 1 190 ILE 190 255 255 ILE ILE A . n 
A 1 191 ALA 191 256 256 ALA ALA A . n 
A 1 192 GLY 192 257 257 GLY GLY A . n 
A 1 193 LEU 193 258 258 LEU LEU A . n 
A 1 194 ALA 194 259 259 ALA ALA A . n 
A 1 195 VAL 195 260 260 VAL VAL A . n 
A 1 196 GLY 196 261 261 GLY GLY A . n 
A 1 197 LEU 197 262 262 LEU LEU A . n 
A 1 198 ALA 198 263 263 ALA ALA A . n 
A 1 199 MET 199 264 264 MET MET A . n 
A 1 200 ALA 200 265 265 ALA ALA A . n 
A 1 201 PHE 201 266 266 PHE PHE A . n 
A 1 202 VAL 202 267 267 VAL VAL A . n 
A 1 203 ASP 203 268 268 ASP ASP A . n 
A 1 204 SER 204 269 269 SER SER A . n 
A 1 205 LEU 205 270 270 LEU LEU A . n 
A 1 206 ASN 206 271 271 ASN ASN A . n 
A 1 207 ALA 207 272 272 ALA ALA A . n 
A 1 208 ARG 208 273 ?   ?   ?   A . n 
A 1 209 LYS 209 274 ?   ?   ?   A . n 
A 1 210 ARG 210 275 ?   ?   ?   A . n 
A 1 211 LYS 211 276 ?   ?   ?   A . n 
B 2 1   ARG 1   495 ?   ?   ?   B . n 
B 2 2   LYS 2   496 496 LYS ALA B . n 
B 2 3   VAL 3   497 497 VAL VAL B . n 
B 2 4   ARG 4   498 498 ARG ARG B . n 
B 2 5   MET 5   499 499 MET MET B . n 
B 2 6   ALA 6   500 500 ALA ALA B . n 
B 2 7   ALA 7   501 ?   ?   ?   B . n 
B 2 8   ILE 8   502 ?   ?   ?   B . n 
B 2 9   VAL 9   503 ?   ?   ?   B . n 
B 2 10  PHE 10  504 ?   ?   ?   B . n 
B 2 11  SER 11  505 ?   ?   ?   B . n 
B 2 12  PHE 12  506 ?   ?   ?   B . n 
B 2 13  PRO 13  507 ?   ?   ?   B . n 
# 
loop_
_pdbx_nonpoly_scheme.asym_id 
_pdbx_nonpoly_scheme.entity_id 
_pdbx_nonpoly_scheme.mon_id 
_pdbx_nonpoly_scheme.ndb_seq_num 
_pdbx_nonpoly_scheme.pdb_seq_num 
_pdbx_nonpoly_scheme.auth_seq_num 
_pdbx_nonpoly_scheme.pdb_mon_id 
_pdbx_nonpoly_scheme.auth_mon_id 
_pdbx_nonpoly_scheme.pdb_strand_id 
_pdbx_nonpoly_scheme.pdb_ins_code 
C 3 CL  1  301 1  CL  CL  A . 
D 4 HOH 1  401 23 HOH HOH A . 
D 4 HOH 2  402 6  HOH HOH A . 
D 4 HOH 3  403 11 HOH HOH A . 
D 4 HOH 4  404 13 HOH HOH A . 
D 4 HOH 5  405 12 HOH HOH A . 
D 4 HOH 6  406 14 HOH HOH A . 
D 4 HOH 7  407 15 HOH HOH A . 
D 4 HOH 8  408 8  HOH HOH A . 
D 4 HOH 9  409 7  HOH HOH A . 
D 4 HOH 10 410 3  HOH HOH A . 
D 4 HOH 11 411 5  HOH HOH A . 
D 4 HOH 12 412 4  HOH HOH A . 
D 4 HOH 13 413 10 HOH HOH A . 
D 4 HOH 14 414 9  HOH HOH A . 
D 4 HOH 15 415 22 HOH HOH A . 
D 4 HOH 16 416 17 HOH HOH A . 
D 4 HOH 17 417 24 HOH HOH A . 
D 4 HOH 18 418 2  HOH HOH A . 
D 4 HOH 19 419 20 HOH HOH A . 
D 4 HOH 20 420 18 HOH HOH A . 
D 4 HOH 21 421 16 HOH HOH A . 
D 4 HOH 22 422 19 HOH HOH A . 
E 4 HOH 1  601 21 HOH HOH B . 
# 
_pdbx_struct_assembly.id                   1 
_pdbx_struct_assembly.details              author_and_software_defined_assembly 
_pdbx_struct_assembly.method_details       PISA 
_pdbx_struct_assembly.oligomeric_details   dimeric 
_pdbx_struct_assembly.oligomeric_count     2 
# 
_pdbx_struct_assembly_gen.assembly_id       1 
_pdbx_struct_assembly_gen.oper_expression   1 
_pdbx_struct_assembly_gen.asym_id_list      A,B,C,D,E 
# 
loop_
_pdbx_struct_assembly_prop.biol_id 
_pdbx_struct_assembly_prop.type 
_pdbx_struct_assembly_prop.value 
_pdbx_struct_assembly_prop.details 
1 'ABSA (A^2)' 1100 ? 
1 MORE         -18  ? 
1 'SSA (A^2)'  9120 ? 
# 
_pdbx_struct_oper_list.id                   1 
_pdbx_struct_oper_list.type                 'identity operation' 
_pdbx_struct_oper_list.name                 1_555 
_pdbx_struct_oper_list.symmetry_operation   x,y,z 
_pdbx_struct_oper_list.matrix[1][1]         1.0000000000 
_pdbx_struct_oper_list.matrix[1][2]         0.0000000000 
_pdbx_struct_oper_list.matrix[1][3]         0.0000000000 
_pdbx_struct_oper_list.vector[1]            0.0000000000 
_pdbx_struct_oper_list.matrix[2][1]         0.0000000000 
_pdbx_struct_oper_list.matrix[2][2]         1.0000000000 
_pdbx_struct_oper_list.matrix[2][3]         0.0000000000 
_pdbx_struct_oper_list.vector[2]            0.0000000000 
_pdbx_struct_oper_list.matrix[3][1]         0.0000000000 
_pdbx_struct_oper_list.matrix[3][2]         0.0000000000 
_pdbx_struct_oper_list.matrix[3][3]         1.0000000000 
_pdbx_struct_oper_list.vector[3]            0.0000000000 
# 
loop_
_pdbx_audit_revision_history.ordinal 
_pdbx_audit_revision_history.data_content_type 
_pdbx_audit_revision_history.major_revision 
_pdbx_audit_revision_history.minor_revision 
_pdbx_audit_revision_history.revision_date 
1 'Structure model' 1 0 2019-10-02 
2 'Structure model' 1 1 2019-10-16 
3 'Structure model' 1 2 2019-11-27 
4 'Structure model' 1 3 2019-12-18 
5 'Structure model' 1 4 2023-10-11 
# 
_pdbx_audit_revision_details.ordinal             1 
_pdbx_audit_revision_details.revision_ordinal    1 
_pdbx_audit_revision_details.data_content_type   'Structure model' 
_pdbx_audit_revision_details.provider            repository 
_pdbx_audit_revision_details.type                'Initial release' 
_pdbx_audit_revision_details.description         ? 
_pdbx_audit_revision_details.details             ? 
# 
loop_
_pdbx_audit_revision_group.ordinal 
_pdbx_audit_revision_group.revision_ordinal 
_pdbx_audit_revision_group.data_content_type 
_pdbx_audit_revision_group.group 
1 2 'Structure model' 'Data collection'            
2 2 'Structure model' 'Database references'        
3 3 'Structure model' 'Database references'        
4 4 'Structure model' 'Author supporting evidence' 
5 5 'Structure model' 'Data collection'            
6 5 'Structure model' 'Database references'        
7 5 'Structure model' 'Refinement description'     
# 
loop_
_pdbx_audit_revision_category.ordinal 
_pdbx_audit_revision_category.revision_ordinal 
_pdbx_audit_revision_category.data_content_type 
_pdbx_audit_revision_category.category 
1 2 'Structure model' citation                      
2 3 'Structure model' citation                      
3 4 'Structure model' pdbx_audit_support            
4 5 'Structure model' chem_comp_atom                
5 5 'Structure model' chem_comp_bond                
6 5 'Structure model' database_2                    
7 5 'Structure model' pdbx_initial_refinement_model 
# 
loop_
_pdbx_audit_revision_item.ordinal 
_pdbx_audit_revision_item.revision_ordinal 
_pdbx_audit_revision_item.data_content_type 
_pdbx_audit_revision_item.item 
1 2 'Structure model' '_citation.pdbx_database_id_PubMed'        
2 2 'Structure model' '_citation.title'                          
3 3 'Structure model' '_citation.journal_volume'                 
4 3 'Structure model' '_citation.page_first'                     
5 3 'Structure model' '_citation.page_last'                      
6 4 'Structure model' '_pdbx_audit_support.funding_organization' 
7 5 'Structure model' '_database_2.pdbx_DOI'                     
8 5 'Structure model' '_database_2.pdbx_database_accession'      
# 
loop_
_software.citation_id 
_software.classification 
_software.compiler_name 
_software.compiler_version 
_software.contact_author 
_software.contact_author_email 
_software.date 
_software.description 
_software.dependencies 
_software.hardware 
_software.language 
_software.location 
_software.mods 
_software.name 
_software.os 
_software.os_version 
_software.type 
_software.version 
_software.pdbx_ordinal 
? refinement       ? ? ? ? ? ? ? ? ? ? ? REFMAC  ? ? ? 5.8.0230 1 
? 'data reduction' ? ? ? ? ? ? ? ? ? ? ? iMOSFLM ? ? ? .        2 
? 'data scaling'   ? ? ? ? ? ? ? ? ? ? ? Aimless ? ? ? .        3 
? phasing          ? ? ? ? ? ? ? ? ? ? ? MOLREP  ? ? ? .        4 
# 
_pdbx_entry_details.entry_id                 6PJR 
_pdbx_entry_details.has_ligand_of_interest   N 
_pdbx_entry_details.compound_details         ? 
_pdbx_entry_details.source_details           ? 
_pdbx_entry_details.nonpolymer_details       ? 
_pdbx_entry_details.sequence_details         ? 
# 
_pdbx_validate_close_contact.id               1 
_pdbx_validate_close_contact.PDB_model_num    1 
_pdbx_validate_close_contact.auth_atom_id_1   OG 
_pdbx_validate_close_contact.auth_asym_id_1   A 
_pdbx_validate_close_contact.auth_comp_id_1   SER 
_pdbx_validate_close_contact.auth_seq_id_1    201 
_pdbx_validate_close_contact.PDB_ins_code_1   ? 
_pdbx_validate_close_contact.label_alt_id_1   ? 
_pdbx_validate_close_contact.auth_atom_id_2   C 
_pdbx_validate_close_contact.auth_asym_id_2   B 
_pdbx_validate_close_contact.auth_comp_id_2   ALA 
_pdbx_validate_close_contact.auth_seq_id_2    500 
_pdbx_validate_close_contact.PDB_ins_code_2   ? 
_pdbx_validate_close_contact.label_alt_id_2   ? 
_pdbx_validate_close_contact.dist             1.79 
# 
_pdbx_validate_rmsd_angle.id                         1 
_pdbx_validate_rmsd_angle.PDB_model_num              1 
_pdbx_validate_rmsd_angle.auth_atom_id_1             O 
_pdbx_validate_rmsd_angle.auth_asym_id_1             A 
_pdbx_validate_rmsd_angle.auth_comp_id_1             ILE 
_pdbx_validate_rmsd_angle.auth_seq_id_1              151 
_pdbx_validate_rmsd_angle.PDB_ins_code_1             ? 
_pdbx_validate_rmsd_angle.label_alt_id_1             ? 
_pdbx_validate_rmsd_angle.auth_atom_id_2             C 
_pdbx_validate_rmsd_angle.auth_asym_id_2             A 
_pdbx_validate_rmsd_angle.auth_comp_id_2             ILE 
_pdbx_validate_rmsd_angle.auth_seq_id_2              151 
_pdbx_validate_rmsd_angle.PDB_ins_code_2             ? 
_pdbx_validate_rmsd_angle.label_alt_id_2             ? 
_pdbx_validate_rmsd_angle.auth_atom_id_3             N 
_pdbx_validate_rmsd_angle.auth_asym_id_3             A 
_pdbx_validate_rmsd_angle.auth_comp_id_3             LEU 
_pdbx_validate_rmsd_angle.auth_seq_id_3              152 
_pdbx_validate_rmsd_angle.PDB_ins_code_3             ? 
_pdbx_validate_rmsd_angle.label_alt_id_3             ? 
_pdbx_validate_rmsd_angle.angle_value                112.37 
_pdbx_validate_rmsd_angle.angle_target_value         122.70 
_pdbx_validate_rmsd_angle.angle_deviation            -10.33 
_pdbx_validate_rmsd_angle.angle_standard_deviation   1.60 
_pdbx_validate_rmsd_angle.linker_flag                Y 
# 
loop_
_pdbx_validate_torsion.id 
_pdbx_validate_torsion.PDB_model_num 
_pdbx_validate_torsion.auth_comp_id 
_pdbx_validate_torsion.auth_asym_id 
_pdbx_validate_torsion.auth_seq_id 
_pdbx_validate_torsion.PDB_ins_code 
_pdbx_validate_torsion.label_alt_id 
_pdbx_validate_torsion.phi 
_pdbx_validate_torsion.psi 
1 1 SER A 193 ? ? -159.39 30.16  
2 1 ASP A 218 ? ? -145.33 58.62  
3 1 ILE A 231 ? ? -71.42  -70.71 
# 
loop_
_pdbx_unobs_or_zero_occ_atoms.id 
_pdbx_unobs_or_zero_occ_atoms.PDB_model_num 
_pdbx_unobs_or_zero_occ_atoms.polymer_flag 
_pdbx_unobs_or_zero_occ_atoms.occupancy_flag 
_pdbx_unobs_or_zero_occ_atoms.auth_asym_id 
_pdbx_unobs_or_zero_occ_atoms.auth_comp_id 
_pdbx_unobs_or_zero_occ_atoms.auth_seq_id 
_pdbx_unobs_or_zero_occ_atoms.PDB_ins_code 
_pdbx_unobs_or_zero_occ_atoms.auth_atom_id 
_pdbx_unobs_or_zero_occ_atoms.label_alt_id 
_pdbx_unobs_or_zero_occ_atoms.label_asym_id 
_pdbx_unobs_or_zero_occ_atoms.label_comp_id 
_pdbx_unobs_or_zero_occ_atoms.label_seq_id 
_pdbx_unobs_or_zero_occ_atoms.label_atom_id 
1 1 Y 1 B LYS 496 ? N  ? B LYS 2 N  
2 1 Y 1 B LYS 496 ? CB ? B LYS 2 CB 
3 1 Y 1 B LYS 496 ? CG ? B LYS 2 CG 
4 1 Y 1 B LYS 496 ? CD ? B LYS 2 CD 
5 1 Y 1 B LYS 496 ? CE ? B LYS 2 CE 
6 1 Y 1 B LYS 496 ? NZ ? B LYS 2 NZ 
# 
loop_
_pdbx_unobs_or_zero_occ_residues.id 
_pdbx_unobs_or_zero_occ_residues.PDB_model_num 
_pdbx_unobs_or_zero_occ_residues.polymer_flag 
_pdbx_unobs_or_zero_occ_residues.occupancy_flag 
_pdbx_unobs_or_zero_occ_residues.auth_asym_id 
_pdbx_unobs_or_zero_occ_residues.auth_comp_id 
_pdbx_unobs_or_zero_occ_residues.auth_seq_id 
_pdbx_unobs_or_zero_occ_residues.PDB_ins_code 
_pdbx_unobs_or_zero_occ_residues.label_asym_id 
_pdbx_unobs_or_zero_occ_residues.label_comp_id 
_pdbx_unobs_or_zero_occ_residues.label_seq_id 
1  1 Y 1 A MET 66  ? A MET 1   
2  1 Y 1 A GLY 67  ? A GLY 2   
3  1 Y 1 A SER 68  ? A SER 3   
4  1 Y 1 A SER 69  ? A SER 4   
5  1 Y 1 A HIS 70  ? A HIS 5   
6  1 Y 1 A HIS 71  ? A HIS 6   
7  1 Y 1 A HIS 72  ? A HIS 7   
8  1 Y 1 A HIS 73  ? A HIS 8   
9  1 Y 1 A HIS 74  ? A HIS 9   
10 1 Y 1 A HIS 75  ? A HIS 10  
11 1 Y 1 A SER 76  ? A SER 11  
12 1 Y 1 A SER 77  ? A SER 12  
13 1 Y 1 A GLY 78  ? A GLY 13  
14 1 Y 1 A LEU 79  ? A LEU 14  
15 1 Y 1 A VAL 80  ? A VAL 15  
16 1 Y 1 A PRO 81  ? A PRO 16  
17 1 Y 1 A ARG 82  ? A ARG 17  
18 1 Y 1 A GLY 83  ? A GLY 18  
19 1 Y 1 A SER 84  ? A SER 19  
20 1 Y 1 A HIS 85  ? A HIS 20  
21 1 Y 1 A MET 86  ? A MET 21  
22 1 Y 1 A ALA 87  ? A ALA 22  
23 1 Y 1 A ALA 88  ? A ALA 23  
24 1 Y 1 A LEU 89  ? A LEU 24  
25 1 Y 1 A ARG 90  ? A ARG 25  
26 1 Y 1 A GLU 91  ? A GLU 26  
27 1 Y 1 A ARG 92  ? A ARG 27  
28 1 Y 1 A ASP 243 ? A ASP 178 
29 1 Y 1 A LEU 244 ? A LEU 179 
30 1 Y 1 A PHE 245 ? A PHE 180 
31 1 Y 1 A GLY 246 ? A GLY 181 
32 1 Y 1 A ARG 273 ? A ARG 208 
33 1 Y 1 A LYS 274 ? A LYS 209 
34 1 Y 1 A ARG 275 ? A ARG 210 
35 1 Y 1 A LYS 276 ? A LYS 211 
36 1 Y 1 B ARG 495 ? B ARG 1   
37 1 Y 1 B ALA 501 ? B ALA 7   
38 1 Y 1 B ILE 502 ? B ILE 8   
39 1 Y 1 B VAL 503 ? B VAL 9   
40 1 Y 1 B PHE 504 ? B PHE 10  
41 1 Y 1 B SER 505 ? B SER 11  
42 1 Y 1 B PHE 506 ? B PHE 12  
43 1 Y 1 B PRO 507 ? B PRO 13  
# 
loop_
_chem_comp_atom.comp_id 
_chem_comp_atom.atom_id 
_chem_comp_atom.type_symbol 
_chem_comp_atom.pdbx_aromatic_flag 
_chem_comp_atom.pdbx_stereo_config 
_chem_comp_atom.pdbx_ordinal 
ALA N    N  N N 1   
ALA CA   C  N S 2   
ALA C    C  N N 3   
ALA O    O  N N 4   
ALA CB   C  N N 5   
ALA OXT  O  N N 6   
ALA H    H  N N 7   
ALA H2   H  N N 8   
ALA HA   H  N N 9   
ALA HB1  H  N N 10  
ALA HB2  H  N N 11  
ALA HB3  H  N N 12  
ALA HXT  H  N N 13  
ARG N    N  N N 14  
ARG CA   C  N S 15  
ARG C    C  N N 16  
ARG O    O  N N 17  
ARG CB   C  N N 18  
ARG CG   C  N N 19  
ARG CD   C  N N 20  
ARG NE   N  N N 21  
ARG CZ   C  N N 22  
ARG NH1  N  N N 23  
ARG NH2  N  N N 24  
ARG OXT  O  N N 25  
ARG H    H  N N 26  
ARG H2   H  N N 27  
ARG HA   H  N N 28  
ARG HB2  H  N N 29  
ARG HB3  H  N N 30  
ARG HG2  H  N N 31  
ARG HG3  H  N N 32  
ARG HD2  H  N N 33  
ARG HD3  H  N N 34  
ARG HE   H  N N 35  
ARG HH11 H  N N 36  
ARG HH12 H  N N 37  
ARG HH21 H  N N 38  
ARG HH22 H  N N 39  
ARG HXT  H  N N 40  
ASN N    N  N N 41  
ASN CA   C  N S 42  
ASN C    C  N N 43  
ASN O    O  N N 44  
ASN CB   C  N N 45  
ASN CG   C  N N 46  
ASN OD1  O  N N 47  
ASN ND2  N  N N 48  
ASN OXT  O  N N 49  
ASN H    H  N N 50  
ASN H2   H  N N 51  
ASN HA   H  N N 52  
ASN HB2  H  N N 53  
ASN HB3  H  N N 54  
ASN HD21 H  N N 55  
ASN HD22 H  N N 56  
ASN HXT  H  N N 57  
ASP N    N  N N 58  
ASP CA   C  N S 59  
ASP C    C  N N 60  
ASP O    O  N N 61  
ASP CB   C  N N 62  
ASP CG   C  N N 63  
ASP OD1  O  N N 64  
ASP OD2  O  N N 65  
ASP OXT  O  N N 66  
ASP H    H  N N 67  
ASP H2   H  N N 68  
ASP HA   H  N N 69  
ASP HB2  H  N N 70  
ASP HB3  H  N N 71  
ASP HD2  H  N N 72  
ASP HXT  H  N N 73  
CL  CL   CL N N 74  
CYS N    N  N N 75  
CYS CA   C  N R 76  
CYS C    C  N N 77  
CYS O    O  N N 78  
CYS CB   C  N N 79  
CYS SG   S  N N 80  
CYS OXT  O  N N 81  
CYS H    H  N N 82  
CYS H2   H  N N 83  
CYS HA   H  N N 84  
CYS HB2  H  N N 85  
CYS HB3  H  N N 86  
CYS HG   H  N N 87  
CYS HXT  H  N N 88  
GLN N    N  N N 89  
GLN CA   C  N S 90  
GLN C    C  N N 91  
GLN O    O  N N 92  
GLN CB   C  N N 93  
GLN CG   C  N N 94  
GLN CD   C  N N 95  
GLN OE1  O  N N 96  
GLN NE2  N  N N 97  
GLN OXT  O  N N 98  
GLN H    H  N N 99  
GLN H2   H  N N 100 
GLN HA   H  N N 101 
GLN HB2  H  N N 102 
GLN HB3  H  N N 103 
GLN HG2  H  N N 104 
GLN HG3  H  N N 105 
GLN HE21 H  N N 106 
GLN HE22 H  N N 107 
GLN HXT  H  N N 108 
GLU N    N  N N 109 
GLU CA   C  N S 110 
GLU C    C  N N 111 
GLU O    O  N N 112 
GLU CB   C  N N 113 
GLU CG   C  N N 114 
GLU CD   C  N N 115 
GLU OE1  O  N N 116 
GLU OE2  O  N N 117 
GLU OXT  O  N N 118 
GLU H    H  N N 119 
GLU H2   H  N N 120 
GLU HA   H  N N 121 
GLU HB2  H  N N 122 
GLU HB3  H  N N 123 
GLU HG2  H  N N 124 
GLU HG3  H  N N 125 
GLU HE2  H  N N 126 
GLU HXT  H  N N 127 
GLY N    N  N N 128 
GLY CA   C  N N 129 
GLY C    C  N N 130 
GLY O    O  N N 131 
GLY OXT  O  N N 132 
GLY H    H  N N 133 
GLY H2   H  N N 134 
GLY HA2  H  N N 135 
GLY HA3  H  N N 136 
GLY HXT  H  N N 137 
HIS N    N  N N 138 
HIS CA   C  N S 139 
HIS C    C  N N 140 
HIS O    O  N N 141 
HIS CB   C  N N 142 
HIS CG   C  Y N 143 
HIS ND1  N  Y N 144 
HIS CD2  C  Y N 145 
HIS CE1  C  Y N 146 
HIS NE2  N  Y N 147 
HIS OXT  O  N N 148 
HIS H    H  N N 149 
HIS H2   H  N N 150 
HIS HA   H  N N 151 
HIS HB2  H  N N 152 
HIS HB3  H  N N 153 
HIS HD1  H  N N 154 
HIS HD2  H  N N 155 
HIS HE1  H  N N 156 
HIS HE2  H  N N 157 
HIS HXT  H  N N 158 
HOH O    O  N N 159 
HOH H1   H  N N 160 
HOH H2   H  N N 161 
ILE N    N  N N 162 
ILE CA   C  N S 163 
ILE C    C  N N 164 
ILE O    O  N N 165 
ILE CB   C  N S 166 
ILE CG1  C  N N 167 
ILE CG2  C  N N 168 
ILE CD1  C  N N 169 
ILE OXT  O  N N 170 
ILE H    H  N N 171 
ILE H2   H  N N 172 
ILE HA   H  N N 173 
ILE HB   H  N N 174 
ILE HG12 H  N N 175 
ILE HG13 H  N N 176 
ILE HG21 H  N N 177 
ILE HG22 H  N N 178 
ILE HG23 H  N N 179 
ILE HD11 H  N N 180 
ILE HD12 H  N N 181 
ILE HD13 H  N N 182 
ILE HXT  H  N N 183 
LEU N    N  N N 184 
LEU CA   C  N S 185 
LEU C    C  N N 186 
LEU O    O  N N 187 
LEU CB   C  N N 188 
LEU CG   C  N N 189 
LEU CD1  C  N N 190 
LEU CD2  C  N N 191 
LEU OXT  O  N N 192 
LEU H    H  N N 193 
LEU H2   H  N N 194 
LEU HA   H  N N 195 
LEU HB2  H  N N 196 
LEU HB3  H  N N 197 
LEU HG   H  N N 198 
LEU HD11 H  N N 199 
LEU HD12 H  N N 200 
LEU HD13 H  N N 201 
LEU HD21 H  N N 202 
LEU HD22 H  N N 203 
LEU HD23 H  N N 204 
LEU HXT  H  N N 205 
LYS N    N  N N 206 
LYS CA   C  N S 207 
LYS C    C  N N 208 
LYS O    O  N N 209 
LYS CB   C  N N 210 
LYS CG   C  N N 211 
LYS CD   C  N N 212 
LYS CE   C  N N 213 
LYS NZ   N  N N 214 
LYS OXT  O  N N 215 
LYS H    H  N N 216 
LYS H2   H  N N 217 
LYS HA   H  N N 218 
LYS HB2  H  N N 219 
LYS HB3  H  N N 220 
LYS HG2  H  N N 221 
LYS HG3  H  N N 222 
LYS HD2  H  N N 223 
LYS HD3  H  N N 224 
LYS HE2  H  N N 225 
LYS HE3  H  N N 226 
LYS HZ1  H  N N 227 
LYS HZ2  H  N N 228 
LYS HZ3  H  N N 229 
LYS HXT  H  N N 230 
MET N    N  N N 231 
MET CA   C  N S 232 
MET C    C  N N 233 
MET O    O  N N 234 
MET CB   C  N N 235 
MET CG   C  N N 236 
MET SD   S  N N 237 
MET CE   C  N N 238 
MET OXT  O  N N 239 
MET H    H  N N 240 
MET H2   H  N N 241 
MET HA   H  N N 242 
MET HB2  H  N N 243 
MET HB3  H  N N 244 
MET HG2  H  N N 245 
MET HG3  H  N N 246 
MET HE1  H  N N 247 
MET HE2  H  N N 248 
MET HE3  H  N N 249 
MET HXT  H  N N 250 
PHE N    N  N N 251 
PHE CA   C  N S 252 
PHE C    C  N N 253 
PHE O    O  N N 254 
PHE CB   C  N N 255 
PHE CG   C  Y N 256 
PHE CD1  C  Y N 257 
PHE CD2  C  Y N 258 
PHE CE1  C  Y N 259 
PHE CE2  C  Y N 260 
PHE CZ   C  Y N 261 
PHE OXT  O  N N 262 
PHE H    H  N N 263 
PHE H2   H  N N 264 
PHE HA   H  N N 265 
PHE HB2  H  N N 266 
PHE HB3  H  N N 267 
PHE HD1  H  N N 268 
PHE HD2  H  N N 269 
PHE HE1  H  N N 270 
PHE HE2  H  N N 271 
PHE HZ   H  N N 272 
PHE HXT  H  N N 273 
PRO N    N  N N 274 
PRO CA   C  N S 275 
PRO C    C  N N 276 
PRO O    O  N N 277 
PRO CB   C  N N 278 
PRO CG   C  N N 279 
PRO CD   C  N N 280 
PRO OXT  O  N N 281 
PRO H    H  N N 282 
PRO HA   H  N N 283 
PRO HB2  H  N N 284 
PRO HB3  H  N N 285 
PRO HG2  H  N N 286 
PRO HG3  H  N N 287 
PRO HD2  H  N N 288 
PRO HD3  H  N N 289 
PRO HXT  H  N N 290 
SER N    N  N N 291 
SER CA   C  N S 292 
SER C    C  N N 293 
SER O    O  N N 294 
SER CB   C  N N 295 
SER OG   O  N N 296 
SER OXT  O  N N 297 
SER H    H  N N 298 
SER H2   H  N N 299 
SER HA   H  N N 300 
SER HB2  H  N N 301 
SER HB3  H  N N 302 
SER HG   H  N N 303 
SER HXT  H  N N 304 
THR N    N  N N 305 
THR CA   C  N S 306 
THR C    C  N N 307 
THR O    O  N N 308 
THR CB   C  N R 309 
THR OG1  O  N N 310 
THR CG2  C  N N 311 
THR OXT  O  N N 312 
THR H    H  N N 313 
THR H2   H  N N 314 
THR HA   H  N N 315 
THR HB   H  N N 316 
THR HG1  H  N N 317 
THR HG21 H  N N 318 
THR HG22 H  N N 319 
THR HG23 H  N N 320 
THR HXT  H  N N 321 
TRP N    N  N N 322 
TRP CA   C  N S 323 
TRP C    C  N N 324 
TRP O    O  N N 325 
TRP CB   C  N N 326 
TRP CG   C  Y N 327 
TRP CD1  C  Y N 328 
TRP CD2  C  Y N 329 
TRP NE1  N  Y N 330 
TRP CE2  C  Y N 331 
TRP CE3  C  Y N 332 
TRP CZ2  C  Y N 333 
TRP CZ3  C  Y N 334 
TRP CH2  C  Y N 335 
TRP OXT  O  N N 336 
TRP H    H  N N 337 
TRP H2   H  N N 338 
TRP HA   H  N N 339 
TRP HB2  H  N N 340 
TRP HB3  H  N N 341 
TRP HD1  H  N N 342 
TRP HE1  H  N N 343 
TRP HE3  H  N N 344 
TRP HZ2  H  N N 345 
TRP HZ3  H  N N 346 
TRP HH2  H  N N 347 
TRP HXT  H  N N 348 
TYR N    N  N N 349 
TYR CA   C  N S 350 
TYR C    C  N N 351 
TYR O    O  N N 352 
TYR CB   C  N N 353 
TYR CG   C  Y N 354 
TYR CD1  C  Y N 355 
TYR CD2  C  Y N 356 
TYR CE1  C  Y N 357 
TYR CE2  C  Y N 358 
TYR CZ   C  Y N 359 
TYR OH   O  N N 360 
TYR OXT  O  N N 361 
TYR H    H  N N 362 
TYR H2   H  N N 363 
TYR HA   H  N N 364 
TYR HB2  H  N N 365 
TYR HB3  H  N N 366 
TYR HD1  H  N N 367 
TYR HD2  H  N N 368 
TYR HE1  H  N N 369 
TYR HE2  H  N N 370 
TYR HH   H  N N 371 
TYR HXT  H  N N 372 
VAL N    N  N N 373 
VAL CA   C  N S 374 
VAL C    C  N N 375 
VAL O    O  N N 376 
VAL CB   C  N N 377 
VAL CG1  C  N N 378 
VAL CG2  C  N N 379 
VAL OXT  O  N N 380 
VAL H    H  N N 381 
VAL H2   H  N N 382 
VAL HA   H  N N 383 
VAL HB   H  N N 384 
VAL HG11 H  N N 385 
VAL HG12 H  N N 386 
VAL HG13 H  N N 387 
VAL HG21 H  N N 388 
VAL HG22 H  N N 389 
VAL HG23 H  N N 390 
VAL HXT  H  N N 391 
# 
loop_
_chem_comp_bond.comp_id 
_chem_comp_bond.atom_id_1 
_chem_comp_bond.atom_id_2 
_chem_comp_bond.value_order 
_chem_comp_bond.pdbx_aromatic_flag 
_chem_comp_bond.pdbx_stereo_config 
_chem_comp_bond.pdbx_ordinal 
ALA N   CA   sing N N 1   
ALA N   H    sing N N 2   
ALA N   H2   sing N N 3   
ALA CA  C    sing N N 4   
ALA CA  CB   sing N N 5   
ALA CA  HA   sing N N 6   
ALA C   O    doub N N 7   
ALA C   OXT  sing N N 8   
ALA CB  HB1  sing N N 9   
ALA CB  HB2  sing N N 10  
ALA CB  HB3  sing N N 11  
ALA OXT HXT  sing N N 12  
ARG N   CA   sing N N 13  
ARG N   H    sing N N 14  
ARG N   H2   sing N N 15  
ARG CA  C    sing N N 16  
ARG CA  CB   sing N N 17  
ARG CA  HA   sing N N 18  
ARG C   O    doub N N 19  
ARG C   OXT  sing N N 20  
ARG CB  CG   sing N N 21  
ARG CB  HB2  sing N N 22  
ARG CB  HB3  sing N N 23  
ARG CG  CD   sing N N 24  
ARG CG  HG2  sing N N 25  
ARG CG  HG3  sing N N 26  
ARG CD  NE   sing N N 27  
ARG CD  HD2  sing N N 28  
ARG CD  HD3  sing N N 29  
ARG NE  CZ   sing N N 30  
ARG NE  HE   sing N N 31  
ARG CZ  NH1  sing N N 32  
ARG CZ  NH2  doub N N 33  
ARG NH1 HH11 sing N N 34  
ARG NH1 HH12 sing N N 35  
ARG NH2 HH21 sing N N 36  
ARG NH2 HH22 sing N N 37  
ARG OXT HXT  sing N N 38  
ASN N   CA   sing N N 39  
ASN N   H    sing N N 40  
ASN N   H2   sing N N 41  
ASN CA  C    sing N N 42  
ASN CA  CB   sing N N 43  
ASN CA  HA   sing N N 44  
ASN C   O    doub N N 45  
ASN C   OXT  sing N N 46  
ASN CB  CG   sing N N 47  
ASN CB  HB2  sing N N 48  
ASN CB  HB3  sing N N 49  
ASN CG  OD1  doub N N 50  
ASN CG  ND2  sing N N 51  
ASN ND2 HD21 sing N N 52  
ASN ND2 HD22 sing N N 53  
ASN OXT HXT  sing N N 54  
ASP N   CA   sing N N 55  
ASP N   H    sing N N 56  
ASP N   H2   sing N N 57  
ASP CA  C    sing N N 58  
ASP CA  CB   sing N N 59  
ASP CA  HA   sing N N 60  
ASP C   O    doub N N 61  
ASP C   OXT  sing N N 62  
ASP CB  CG   sing N N 63  
ASP CB  HB2  sing N N 64  
ASP CB  HB3  sing N N 65  
ASP CG  OD1  doub N N 66  
ASP CG  OD2  sing N N 67  
ASP OD2 HD2  sing N N 68  
ASP OXT HXT  sing N N 69  
CYS N   CA   sing N N 70  
CYS N   H    sing N N 71  
CYS N   H2   sing N N 72  
CYS CA  C    sing N N 73  
CYS CA  CB   sing N N 74  
CYS CA  HA   sing N N 75  
CYS C   O    doub N N 76  
CYS C   OXT  sing N N 77  
CYS CB  SG   sing N N 78  
CYS CB  HB2  sing N N 79  
CYS CB  HB3  sing N N 80  
CYS SG  HG   sing N N 81  
CYS OXT HXT  sing N N 82  
GLN N   CA   sing N N 83  
GLN N   H    sing N N 84  
GLN N   H2   sing N N 85  
GLN CA  C    sing N N 86  
GLN CA  CB   sing N N 87  
GLN CA  HA   sing N N 88  
GLN C   O    doub N N 89  
GLN C   OXT  sing N N 90  
GLN CB  CG   sing N N 91  
GLN CB  HB2  sing N N 92  
GLN CB  HB3  sing N N 93  
GLN CG  CD   sing N N 94  
GLN CG  HG2  sing N N 95  
GLN CG  HG3  sing N N 96  
GLN CD  OE1  doub N N 97  
GLN CD  NE2  sing N N 98  
GLN NE2 HE21 sing N N 99  
GLN NE2 HE22 sing N N 100 
GLN OXT HXT  sing N N 101 
GLU N   CA   sing N N 102 
GLU N   H    sing N N 103 
GLU N   H2   sing N N 104 
GLU CA  C    sing N N 105 
GLU CA  CB   sing N N 106 
GLU CA  HA   sing N N 107 
GLU C   O    doub N N 108 
GLU C   OXT  sing N N 109 
GLU CB  CG   sing N N 110 
GLU CB  HB2  sing N N 111 
GLU CB  HB3  sing N N 112 
GLU CG  CD   sing N N 113 
GLU CG  HG2  sing N N 114 
GLU CG  HG3  sing N N 115 
GLU CD  OE1  doub N N 116 
GLU CD  OE2  sing N N 117 
GLU OE2 HE2  sing N N 118 
GLU OXT HXT  sing N N 119 
GLY N   CA   sing N N 120 
GLY N   H    sing N N 121 
GLY N   H2   sing N N 122 
GLY CA  C    sing N N 123 
GLY CA  HA2  sing N N 124 
GLY CA  HA3  sing N N 125 
GLY C   O    doub N N 126 
GLY C   OXT  sing N N 127 
GLY OXT HXT  sing N N 128 
HIS N   CA   sing N N 129 
HIS N   H    sing N N 130 
HIS N   H2   sing N N 131 
HIS CA  C    sing N N 132 
HIS CA  CB   sing N N 133 
HIS CA  HA   sing N N 134 
HIS C   O    doub N N 135 
HIS C   OXT  sing N N 136 
HIS CB  CG   sing N N 137 
HIS CB  HB2  sing N N 138 
HIS CB  HB3  sing N N 139 
HIS CG  ND1  sing Y N 140 
HIS CG  CD2  doub Y N 141 
HIS ND1 CE1  doub Y N 142 
HIS ND1 HD1  sing N N 143 
HIS CD2 NE2  sing Y N 144 
HIS CD2 HD2  sing N N 145 
HIS CE1 NE2  sing Y N 146 
HIS CE1 HE1  sing N N 147 
HIS NE2 HE2  sing N N 148 
HIS OXT HXT  sing N N 149 
HOH O   H1   sing N N 150 
HOH O   H2   sing N N 151 
ILE N   CA   sing N N 152 
ILE N   H    sing N N 153 
ILE N   H2   sing N N 154 
ILE CA  C    sing N N 155 
ILE CA  CB   sing N N 156 
ILE CA  HA   sing N N 157 
ILE C   O    doub N N 158 
ILE C   OXT  sing N N 159 
ILE CB  CG1  sing N N 160 
ILE CB  CG2  sing N N 161 
ILE CB  HB   sing N N 162 
ILE CG1 CD1  sing N N 163 
ILE CG1 HG12 sing N N 164 
ILE CG1 HG13 sing N N 165 
ILE CG2 HG21 sing N N 166 
ILE CG2 HG22 sing N N 167 
ILE CG2 HG23 sing N N 168 
ILE CD1 HD11 sing N N 169 
ILE CD1 HD12 sing N N 170 
ILE CD1 HD13 sing N N 171 
ILE OXT HXT  sing N N 172 
LEU N   CA   sing N N 173 
LEU N   H    sing N N 174 
LEU N   H2   sing N N 175 
LEU CA  C    sing N N 176 
LEU CA  CB   sing N N 177 
LEU CA  HA   sing N N 178 
LEU C   O    doub N N 179 
LEU C   OXT  sing N N 180 
LEU CB  CG   sing N N 181 
LEU CB  HB2  sing N N 182 
LEU CB  HB3  sing N N 183 
LEU CG  CD1  sing N N 184 
LEU CG  CD2  sing N N 185 
LEU CG  HG   sing N N 186 
LEU CD1 HD11 sing N N 187 
LEU CD1 HD12 sing N N 188 
LEU CD1 HD13 sing N N 189 
LEU CD2 HD21 sing N N 190 
LEU CD2 HD22 sing N N 191 
LEU CD2 HD23 sing N N 192 
LEU OXT HXT  sing N N 193 
LYS N   CA   sing N N 194 
LYS N   H    sing N N 195 
LYS N   H2   sing N N 196 
LYS CA  C    sing N N 197 
LYS CA  CB   sing N N 198 
LYS CA  HA   sing N N 199 
LYS C   O    doub N N 200 
LYS C   OXT  sing N N 201 
LYS CB  CG   sing N N 202 
LYS CB  HB2  sing N N 203 
LYS CB  HB3  sing N N 204 
LYS CG  CD   sing N N 205 
LYS CG  HG2  sing N N 206 
LYS CG  HG3  sing N N 207 
LYS CD  CE   sing N N 208 
LYS CD  HD2  sing N N 209 
LYS CD  HD3  sing N N 210 
LYS CE  NZ   sing N N 211 
LYS CE  HE2  sing N N 212 
LYS CE  HE3  sing N N 213 
LYS NZ  HZ1  sing N N 214 
LYS NZ  HZ2  sing N N 215 
LYS NZ  HZ3  sing N N 216 
LYS OXT HXT  sing N N 217 
MET N   CA   sing N N 218 
MET N   H    sing N N 219 
MET N   H2   sing N N 220 
MET CA  C    sing N N 221 
MET CA  CB   sing N N 222 
MET CA  HA   sing N N 223 
MET C   O    doub N N 224 
MET C   OXT  sing N N 225 
MET CB  CG   sing N N 226 
MET CB  HB2  sing N N 227 
MET CB  HB3  sing N N 228 
MET CG  SD   sing N N 229 
MET CG  HG2  sing N N 230 
MET CG  HG3  sing N N 231 
MET SD  CE   sing N N 232 
MET CE  HE1  sing N N 233 
MET CE  HE2  sing N N 234 
MET CE  HE3  sing N N 235 
MET OXT HXT  sing N N 236 
PHE N   CA   sing N N 237 
PHE N   H    sing N N 238 
PHE N   H2   sing N N 239 
PHE CA  C    sing N N 240 
PHE CA  CB   sing N N 241 
PHE CA  HA   sing N N 242 
PHE C   O    doub N N 243 
PHE C   OXT  sing N N 244 
PHE CB  CG   sing N N 245 
PHE CB  HB2  sing N N 246 
PHE CB  HB3  sing N N 247 
PHE CG  CD1  doub Y N 248 
PHE CG  CD2  sing Y N 249 
PHE CD1 CE1  sing Y N 250 
PHE CD1 HD1  sing N N 251 
PHE CD2 CE2  doub Y N 252 
PHE CD2 HD2  sing N N 253 
PHE CE1 CZ   doub Y N 254 
PHE CE1 HE1  sing N N 255 
PHE CE2 CZ   sing Y N 256 
PHE CE2 HE2  sing N N 257 
PHE CZ  HZ   sing N N 258 
PHE OXT HXT  sing N N 259 
PRO N   CA   sing N N 260 
PRO N   CD   sing N N 261 
PRO N   H    sing N N 262 
PRO CA  C    sing N N 263 
PRO CA  CB   sing N N 264 
PRO CA  HA   sing N N 265 
PRO C   O    doub N N 266 
PRO C   OXT  sing N N 267 
PRO CB  CG   sing N N 268 
PRO CB  HB2  sing N N 269 
PRO CB  HB3  sing N N 270 
PRO CG  CD   sing N N 271 
PRO CG  HG2  sing N N 272 
PRO CG  HG3  sing N N 273 
PRO CD  HD2  sing N N 274 
PRO CD  HD3  sing N N 275 
PRO OXT HXT  sing N N 276 
SER N   CA   sing N N 277 
SER N   H    sing N N 278 
SER N   H2   sing N N 279 
SER CA  C    sing N N 280 
SER CA  CB   sing N N 281 
SER CA  HA   sing N N 282 
SER C   O    doub N N 283 
SER C   OXT  sing N N 284 
SER CB  OG   sing N N 285 
SER CB  HB2  sing N N 286 
SER CB  HB3  sing N N 287 
SER OG  HG   sing N N 288 
SER OXT HXT  sing N N 289 
THR N   CA   sing N N 290 
THR N   H    sing N N 291 
THR N   H2   sing N N 292 
THR CA  C    sing N N 293 
THR CA  CB   sing N N 294 
THR CA  HA   sing N N 295 
THR C   O    doub N N 296 
THR C   OXT  sing N N 297 
THR CB  OG1  sing N N 298 
THR CB  CG2  sing N N 299 
THR CB  HB   sing N N 300 
THR OG1 HG1  sing N N 301 
THR CG2 HG21 sing N N 302 
THR CG2 HG22 sing N N 303 
THR CG2 HG23 sing N N 304 
THR OXT HXT  sing N N 305 
TRP N   CA   sing N N 306 
TRP N   H    sing N N 307 
TRP N   H2   sing N N 308 
TRP CA  C    sing N N 309 
TRP CA  CB   sing N N 310 
TRP CA  HA   sing N N 311 
TRP C   O    doub N N 312 
TRP C   OXT  sing N N 313 
TRP CB  CG   sing N N 314 
TRP CB  HB2  sing N N 315 
TRP CB  HB3  sing N N 316 
TRP CG  CD1  doub Y N 317 
TRP CG  CD2  sing Y N 318 
TRP CD1 NE1  sing Y N 319 
TRP CD1 HD1  sing N N 320 
TRP CD2 CE2  doub Y N 321 
TRP CD2 CE3  sing Y N 322 
TRP NE1 CE2  sing Y N 323 
TRP NE1 HE1  sing N N 324 
TRP CE2 CZ2  sing Y N 325 
TRP CE3 CZ3  doub Y N 326 
TRP CE3 HE3  sing N N 327 
TRP CZ2 CH2  doub Y N 328 
TRP CZ2 HZ2  sing N N 329 
TRP CZ3 CH2  sing Y N 330 
TRP CZ3 HZ3  sing N N 331 
TRP CH2 HH2  sing N N 332 
TRP OXT HXT  sing N N 333 
TYR N   CA   sing N N 334 
TYR N   H    sing N N 335 
TYR N   H2   sing N N 336 
TYR CA  C    sing N N 337 
TYR CA  CB   sing N N 338 
TYR CA  HA   sing N N 339 
TYR C   O    doub N N 340 
TYR C   OXT  sing N N 341 
TYR CB  CG   sing N N 342 
TYR CB  HB2  sing N N 343 
TYR CB  HB3  sing N N 344 
TYR CG  CD1  doub Y N 345 
TYR CG  CD2  sing Y N 346 
TYR CD1 CE1  sing Y N 347 
TYR CD1 HD1  sing N N 348 
TYR CD2 CE2  doub Y N 349 
TYR CD2 HD2  sing N N 350 
TYR CE1 CZ   doub Y N 351 
TYR CE1 HE1  sing N N 352 
TYR CE2 CZ   sing Y N 353 
TYR CE2 HE2  sing N N 354 
TYR CZ  OH   sing N N 355 
TYR OH  HH   sing N N 356 
TYR OXT HXT  sing N N 357 
VAL N   CA   sing N N 358 
VAL N   H    sing N N 359 
VAL N   H2   sing N N 360 
VAL CA  C    sing N N 361 
VAL CA  CB   sing N N 362 
VAL CA  HA   sing N N 363 
VAL C   O    doub N N 364 
VAL C   OXT  sing N N 365 
VAL CB  CG1  sing N N 366 
VAL CB  CG2  sing N N 367 
VAL CB  HB   sing N N 368 
VAL CG1 HG11 sing N N 369 
VAL CG1 HG12 sing N N 370 
VAL CG1 HG13 sing N N 371 
VAL CG2 HG21 sing N N 372 
VAL CG2 HG22 sing N N 373 
VAL CG2 HG23 sing N N 374 
VAL OXT HXT  sing N N 375 
# 
_pdbx_audit_support.funding_organization   'National Institutes of Health/National Human Genome Research Institute (NIH/NHGRI)' 
_pdbx_audit_support.country                'United States' 
_pdbx_audit_support.grant_number           R01AI066025 
_pdbx_audit_support.ordinal                1 
# 
loop_
_pdbx_entity_nonpoly.entity_id 
_pdbx_entity_nonpoly.name 
_pdbx_entity_nonpoly.comp_id 
3 'CHLORIDE ION' CL  
4 water          HOH 
# 
_pdbx_initial_refinement_model.id               1 
_pdbx_initial_refinement_model.entity_id_list   ? 
_pdbx_initial_refinement_model.type             'experimental model' 
_pdbx_initial_refinement_model.source_name      PDB 
_pdbx_initial_refinement_model.accession_code   5F5D 
_pdbx_initial_refinement_model.details          ? 
# 
_pdbx_struct_assembly_auth_evidence.id                     1 
_pdbx_struct_assembly_auth_evidence.assembly_id            1 
_pdbx_struct_assembly_auth_evidence.experimental_support   none 
_pdbx_struct_assembly_auth_evidence.details                ? 
# 
